data_4A8W
#
_entry.id   4A8W
#
_cell.length_a   106.910
_cell.length_b   91.430
_cell.length_c   141.570
_cell.angle_alpha   90.00
_cell.angle_beta   101.92
_cell.angle_gamma   90.00
#
_symmetry.space_group_name_H-M   'P 1 21 1'
#
loop_
_entity.id
_entity.type
_entity.pdbx_description
1 polymer 'RNA-DIRECTED RNA POLYMERASE'
2 polymer "5'-D(*TP*TP*CP*GP*CP*GP*TP*AP*AP*GP*CP*GP)-3'"
3 non-polymer 'MAGNESIUM ION'
4 non-polymer "ADENOSINE-5'-TRIPHOSPHATE"
#
loop_
_entity_poly.entity_id
_entity_poly.type
_entity_poly.pdbx_seq_one_letter_code
_entity_poly.pdbx_strand_id
1 'polypeptide(L)'
;MPRRAPAFPLSDIKAQMLFANNIKAQQASKRSFKEGAIETYEGLLSVDPRFLSFKNELSRYLTDHFPANVDEYGRVYGNG
VRTNFFGMRHMNGFPMIPATWPLASNLKKRADADLADGPVSERDNLLFRAAVRLMFSDLEPVPLKIRKGSSTCIPYFSND
MGTKIEIAERALEKAEEAGNLMLQGKFDDAYQLHQMGGAYYVVYRAQSTDAITLDPKTGKFVSKDRMVADFEYAVTGGEQ
GSLFAASKDASRLKEQYGIDVPDGFFCERRRTAMGGPFALNAPIMAVAQPVRNKIYSKYAYTFHHTTRLNKEEKVKEWSL
CVATDVSDHDTFWPGWLRDLICDELLNMGYAPWWVKLFETSLKLPVYVGAPAPEQGHTLLGDPSNPDLEVGLSSGQGATD
LMGTLLMSITYLVMQLDHTAPHLNSRIKDMPSACRFLDSYWQGHEEIRQISKSDDAMLGWTKGRALVGGHRLFEMLKEGK
VNPSPYMKISYEHGGAFLGDILLYDSRREPGSAIFVGNINSMLNNQFSPEYGVQSGVRDRSKRKRPFPGLAWASMKDTYG
ACPIYSDVLEAIERCWWNAFGESYRAYREDMLKRDTLELSRYVASMARQAGLAELTPIDLEVLADPNKLQYKWTQADVSA
NIHEVLMHGVSVEKTERFLRSVMPR
;
A,B,C
2 'polydeoxyribonucleotide' (DT)(DT)(DC)(DG)(DC)(DG)(DT)(DA)(DA)(DG)(DC)(DG) F,G,H
#
loop_
_chem_comp.id
_chem_comp.type
_chem_comp.name
_chem_comp.formula
ATP non-polymer ADENOSINE-5'-TRIPHOSPHATE 'C10 H16 N5 O13 P3'
DA DNA linking 2'-DEOXYADENOSINE-5'-MONOPHOSPHATE 'C10 H14 N5 O6 P'
DC DNA linking 2'-DEOXYCYTIDINE-5'-MONOPHOSPHATE 'C9 H14 N3 O7 P'
DG DNA linking 2'-DEOXYGUANOSINE-5'-MONOPHOSPHATE 'C10 H14 N5 O7 P'
DT DNA linking THYMIDINE-5'-MONOPHOSPHATE 'C10 H15 N2 O8 P'
MG non-polymer 'MAGNESIUM ION' 'Mg 2'
#
# COMPACT_ATOMS: atom_id res chain seq x y z
N PRO A 2 1.69 -32.14 5.45
CA PRO A 2 2.89 -31.62 4.78
C PRO A 2 3.74 -30.72 5.68
N ARG A 3 4.09 -31.27 6.87
CA ARG A 3 4.90 -30.71 7.97
C ARG A 3 4.32 -29.49 8.68
N ARG A 4 3.90 -29.63 9.94
CA ARG A 4 3.49 -28.44 10.68
C ARG A 4 4.78 -27.83 11.24
N ALA A 5 4.85 -26.51 11.31
CA ALA A 5 6.01 -25.84 11.85
C ALA A 5 6.02 -26.04 13.35
N PRO A 6 7.20 -26.26 13.98
CA PRO A 6 7.22 -26.32 15.45
C PRO A 6 6.90 -24.93 16.03
N ALA A 7 6.22 -24.90 17.17
CA ALA A 7 5.88 -23.66 17.84
C ALA A 7 6.27 -23.77 19.31
N PHE A 8 6.84 -22.70 19.86
CA PHE A 8 7.33 -22.67 21.23
C PHE A 8 6.75 -21.49 21.99
N PRO A 9 6.16 -21.69 23.18
CA PRO A 9 5.68 -20.54 23.97
C PRO A 9 6.87 -19.73 24.48
N LEU A 10 6.62 -18.46 24.87
CA LEU A 10 7.66 -17.59 25.42
C LEU A 10 8.43 -18.23 26.60
N SER A 11 7.75 -19.02 27.44
CA SER A 11 8.36 -19.71 28.58
C SER A 11 9.46 -20.70 28.15
N ASP A 12 9.38 -21.26 26.92
CA ASP A 12 10.34 -22.22 26.39
C ASP A 12 11.71 -21.60 26.24
N ILE A 13 12.77 -22.37 26.55
CA ILE A 13 14.16 -21.92 26.43
C ILE A 13 14.49 -21.38 25.03
N LYS A 14 13.94 -22.02 23.97
CA LYS A 14 14.14 -21.59 22.58
C LYS A 14 13.66 -20.17 22.34
N ALA A 15 12.56 -19.75 23.00
CA ALA A 15 12.04 -18.38 22.90
C ALA A 15 12.79 -17.46 23.86
N GLN A 16 13.11 -17.92 25.08
CA GLN A 16 13.86 -17.15 26.08
C GLN A 16 15.23 -16.69 25.56
N MET A 17 15.91 -17.57 24.79
CA MET A 17 17.22 -17.31 24.19
C MET A 17 17.20 -16.16 23.18
N LEU A 18 16.00 -15.76 22.70
CA LEU A 18 15.86 -14.67 21.72
C LEU A 18 15.92 -13.30 22.37
N PHE A 19 15.82 -13.24 23.70
CA PHE A 19 15.77 -11.97 24.41
C PHE A 19 16.85 -11.86 25.43
N ALA A 20 17.74 -10.87 25.23
CA ALA A 20 18.87 -10.62 26.12
C ALA A 20 18.42 -10.20 27.54
N ASN A 21 19.32 -10.32 28.52
CA ASN A 21 19.03 -9.99 29.91
C ASN A 21 19.06 -8.48 30.19
N ASN A 22 18.18 -7.74 29.52
CA ASN A 22 17.99 -6.29 29.69
C ASN A 22 16.51 -5.97 29.62
N ILE A 23 16.09 -4.85 30.24
CA ILE A 23 14.69 -4.41 30.33
C ILE A 23 14.00 -4.29 28.98
N LYS A 24 14.65 -3.64 28.00
CA LYS A 24 14.07 -3.45 26.68
C LYS A 24 13.74 -4.76 25.97
N ALA A 25 14.69 -5.72 25.96
CA ALA A 25 14.50 -7.03 25.31
C ALA A 25 13.41 -7.82 26.01
N GLN A 26 13.41 -7.81 27.36
CA GLN A 26 12.41 -8.51 28.17
C GLN A 26 11.02 -7.92 27.95
N GLN A 27 10.91 -6.58 27.89
CA GLN A 27 9.62 -5.91 27.61
C GLN A 27 9.13 -6.29 26.22
N ALA A 28 10.03 -6.39 25.21
CA ALA A 28 9.65 -6.74 23.85
C ALA A 28 9.07 -8.14 23.78
N SER A 29 9.68 -9.08 24.51
CA SER A 29 9.21 -10.46 24.56
C SER A 29 7.79 -10.59 25.08
N LYS A 30 7.49 -9.85 26.17
CA LYS A 30 6.23 -9.88 26.92
C LYS A 30 5.16 -8.90 26.46
N ARG A 31 5.51 -7.85 25.68
CA ARG A 31 4.57 -6.80 25.28
C ARG A 31 3.21 -7.33 24.87
N SER A 32 2.18 -6.96 25.62
CA SER A 32 0.81 -7.40 25.33
C SER A 32 0.18 -6.51 24.26
N PHE A 33 -1.00 -6.91 23.75
CA PHE A 33 -1.72 -6.13 22.75
C PHE A 33 -1.98 -4.74 23.30
N LYS A 34 -1.60 -3.71 22.54
CA LYS A 34 -1.76 -2.30 22.92
C LYS A 34 -2.43 -1.53 21.79
N GLU A 35 -3.28 -0.58 22.15
CA GLU A 35 -4.00 0.30 21.25
C GLU A 35 -4.31 1.65 21.92
N GLY A 36 -4.52 2.66 21.11
CA GLY A 36 -4.81 3.99 21.60
C GLY A 36 -4.76 5.02 20.50
N ALA A 37 -5.46 6.15 20.67
CA ALA A 37 -5.49 7.21 19.68
C ALA A 37 -4.08 7.73 19.44
N ILE A 38 -3.72 8.00 18.19
CA ILE A 38 -2.42 8.56 17.89
C ILE A 38 -2.52 10.08 18.04
N GLU A 39 -1.39 10.71 18.37
CA GLU A 39 -1.33 12.16 18.45
C GLU A 39 -1.03 12.57 17.00
N THR A 40 -2.09 12.75 16.18
CA THR A 40 -2.02 13.09 14.74
C THR A 40 -1.07 14.26 14.51
N TYR A 41 -1.24 15.33 15.28
CA TYR A 41 -0.39 16.52 15.33
C TYR A 41 -0.30 16.88 16.78
N GLU A 42 0.69 17.72 17.16
CA GLU A 42 0.88 18.16 18.54
C GLU A 42 -0.44 18.70 19.10
N GLY A 43 -0.91 18.12 20.18
CA GLY A 43 -2.15 18.54 20.82
C GLY A 43 -3.44 18.18 20.13
N LEU A 44 -3.39 17.23 19.17
CA LEU A 44 -4.57 16.75 18.46
C LEU A 44 -4.59 15.23 18.34
N LEU A 45 -5.62 14.58 18.92
CA LEU A 45 -5.78 13.13 18.84
C LEU A 45 -6.58 12.75 17.60
N SER A 46 -6.28 11.58 17.03
CA SER A 46 -6.98 11.05 15.85
C SER A 46 -8.49 10.87 16.10
N VAL A 47 -8.91 10.76 17.37
CA VAL A 47 -10.30 10.55 17.74
C VAL A 47 -11.03 11.78 18.26
N ASP A 48 -10.35 12.95 18.21
CA ASP A 48 -10.93 14.22 18.64
C ASP A 48 -12.28 14.41 17.90
N PRO A 49 -13.40 14.70 18.61
CA PRO A 49 -14.70 14.86 17.91
C PRO A 49 -14.70 15.85 16.76
N ARG A 50 -13.97 16.99 16.87
CA ARG A 50 -13.90 17.98 15.79
C ARG A 50 -13.20 17.41 14.57
N PHE A 51 -12.12 16.62 14.80
CA PHE A 51 -11.33 15.99 13.74
C PHE A 51 -12.14 14.95 12.99
N LEU A 52 -12.91 14.12 13.72
CA LEU A 52 -13.77 13.11 13.09
C LEU A 52 -14.93 13.75 12.32
N SER A 53 -15.47 14.88 12.84
CA SER A 53 -16.54 15.63 12.18
C SER A 53 -16.01 16.18 10.84
N PHE A 54 -14.76 16.71 10.87
CA PHE A 54 -14.04 17.23 9.72
C PHE A 54 -13.87 16.15 8.66
N LYS A 55 -13.38 14.96 9.08
CA LYS A 55 -13.18 13.81 8.19
C LYS A 55 -14.48 13.35 7.59
N ASN A 56 -15.57 13.34 8.37
CA ASN A 56 -16.88 12.94 7.84
C ASN A 56 -17.31 13.91 6.74
N GLU A 57 -17.30 15.23 7.04
CA GLU A 57 -17.71 16.23 6.05
C GLU A 57 -16.84 16.21 4.78
N LEU A 58 -15.51 16.22 4.94
CA LEU A 58 -14.57 16.23 3.83
C LEU A 58 -14.63 14.98 2.94
N SER A 59 -14.64 13.77 3.54
CA SER A 59 -14.69 12.52 2.76
C SER A 59 -15.97 12.45 1.94
N ARG A 60 -17.11 12.88 2.51
CA ARG A 60 -18.41 12.87 1.85
C ARG A 60 -18.46 13.87 0.70
N TYR A 61 -18.00 15.12 0.96
CA TYR A 61 -17.97 16.20 -0.04
C TYR A 61 -17.11 15.86 -1.25
N LEU A 62 -15.86 15.43 -1.00
CA LEU A 62 -14.92 15.11 -2.07
C LEU A 62 -15.39 13.93 -2.90
N THR A 63 -15.93 12.87 -2.29
CA THR A 63 -16.44 11.71 -3.06
C THR A 63 -17.60 12.15 -3.96
N ASP A 64 -18.50 13.00 -3.42
CA ASP A 64 -19.66 13.52 -4.12
C ASP A 64 -19.28 14.34 -5.34
N HIS A 65 -18.40 15.34 -5.15
CA HIS A 65 -17.99 16.27 -6.19
C HIS A 65 -16.90 15.75 -7.11
N PHE A 66 -16.10 14.79 -6.64
CA PHE A 66 -15.02 14.26 -7.47
C PHE A 66 -15.05 12.75 -7.57
N PRO A 67 -16.03 12.21 -8.34
CA PRO A 67 -16.10 10.74 -8.50
C PRO A 67 -14.90 10.25 -9.30
N ALA A 68 -14.52 8.98 -9.11
CA ALA A 68 -13.37 8.38 -9.80
C ALA A 68 -13.51 8.47 -11.31
N ASN A 69 -12.39 8.79 -12.00
CA ASN A 69 -12.31 8.85 -13.46
C ASN A 69 -11.29 7.81 -13.91
N VAL A 70 -11.72 6.54 -13.93
CA VAL A 70 -10.90 5.40 -14.33
C VAL A 70 -11.65 4.63 -15.41
N ASP A 71 -11.05 4.48 -16.60
CA ASP A 71 -11.71 3.76 -17.68
C ASP A 71 -11.73 2.22 -17.52
N GLU A 72 -12.33 1.51 -18.50
CA GLU A 72 -12.50 0.06 -18.57
C GLU A 72 -11.16 -0.70 -18.50
N TYR A 73 -10.06 -0.03 -18.91
CA TYR A 73 -8.70 -0.57 -18.92
C TYR A 73 -7.86 -0.11 -17.72
N GLY A 74 -8.53 0.47 -16.72
CA GLY A 74 -7.89 0.95 -15.50
C GLY A 74 -7.03 2.18 -15.69
N ARG A 75 -7.22 2.92 -16.79
CA ARG A 75 -6.45 4.13 -17.03
C ARG A 75 -7.15 5.30 -16.35
N VAL A 76 -6.38 6.11 -15.62
CA VAL A 76 -6.92 7.32 -14.98
C VAL A 76 -6.96 8.45 -16.01
N TYR A 77 -8.06 9.23 -16.03
CA TYR A 77 -8.25 10.38 -16.90
C TYR A 77 -8.90 11.51 -16.07
N GLY A 78 -9.29 12.59 -16.75
CA GLY A 78 -10.02 13.72 -16.20
C GLY A 78 -9.51 14.29 -14.91
N ASN A 79 -10.30 14.16 -13.82
CA ASN A 79 -9.97 14.69 -12.49
C ASN A 79 -8.75 14.07 -11.75
N GLY A 80 -8.21 12.96 -12.28
CA GLY A 80 -7.06 12.26 -11.68
C GLY A 80 -7.38 11.48 -10.41
N VAL A 81 -8.68 11.20 -10.16
CA VAL A 81 -9.21 10.49 -8.98
C VAL A 81 -9.46 9.02 -9.34
N ARG A 82 -8.98 8.07 -8.49
CA ARG A 82 -9.19 6.64 -8.71
C ARG A 82 -10.19 5.92 -7.83
N THR A 83 -10.56 6.51 -6.67
CA THR A 83 -11.56 5.95 -5.77
C THR A 83 -12.24 7.03 -5.00
N ASN A 84 -13.14 6.63 -4.09
CA ASN A 84 -13.82 7.50 -3.16
C ASN A 84 -12.77 8.04 -2.17
N PHE A 85 -13.18 8.97 -1.31
CA PHE A 85 -12.30 9.58 -0.32
C PHE A 85 -12.57 9.06 1.10
N PHE A 86 -13.33 7.94 1.19
CA PHE A 86 -13.72 7.35 2.48
C PHE A 86 -12.61 6.63 3.24
N GLY A 87 -11.47 6.41 2.60
CA GLY A 87 -10.32 5.77 3.20
C GLY A 87 -9.81 6.44 4.46
N MET A 88 -10.06 7.75 4.62
CA MET A 88 -9.67 8.53 5.80
C MET A 88 -10.52 8.22 7.04
N ARG A 89 -11.66 7.55 6.88
CA ARG A 89 -12.59 7.26 7.97
C ARG A 89 -12.18 6.14 8.96
N HIS A 90 -10.97 6.23 9.52
CA HIS A 90 -10.52 5.23 10.49
C HIS A 90 -10.16 5.89 11.81
N MET A 91 -10.29 5.12 12.91
CA MET A 91 -9.96 5.56 14.25
C MET A 91 -8.49 5.21 14.41
N ASN A 92 -7.60 6.08 13.88
CA ASN A 92 -6.16 5.84 13.84
C ASN A 92 -5.55 5.54 15.20
N GLY A 93 -4.86 4.41 15.27
CA GLY A 93 -4.25 3.90 16.48
C GLY A 93 -5.00 2.72 17.08
N PHE A 94 -6.21 2.44 16.54
CA PHE A 94 -7.04 1.32 16.97
C PHE A 94 -7.10 0.29 15.85
N PRO A 95 -6.46 -0.89 16.03
CA PRO A 95 -6.40 -1.87 14.95
C PRO A 95 -7.60 -2.79 14.82
N MET A 96 -7.71 -3.41 13.64
CA MET A 96 -8.69 -4.45 13.40
C MET A 96 -8.27 -5.63 14.32
N ILE A 97 -9.23 -6.46 14.76
CA ILE A 97 -8.92 -7.58 15.63
C ILE A 97 -9.47 -8.88 15.03
N PRO A 98 -8.64 -9.95 14.91
CA PRO A 98 -7.22 -10.00 15.26
C PRO A 98 -6.35 -9.63 14.05
N ALA A 99 -5.04 -9.51 14.25
CA ALA A 99 -4.12 -9.34 13.14
C ALA A 99 -3.76 -10.78 12.73
N THR A 100 -3.20 -10.96 11.52
CA THR A 100 -2.89 -12.30 11.07
C THR A 100 -1.71 -12.94 11.79
N TRP A 101 -1.71 -14.27 11.85
CA TRP A 101 -0.57 -15.03 12.30
C TRP A 101 0.20 -15.24 10.99
N PRO A 102 1.52 -14.93 10.94
CA PRO A 102 2.25 -15.13 9.68
C PRO A 102 2.40 -16.61 9.32
N LEU A 103 2.11 -16.94 8.06
CA LEU A 103 2.20 -18.29 7.49
C LEU A 103 3.65 -18.77 7.57
N ALA A 104 3.87 -19.93 8.23
CA ALA A 104 5.22 -20.50 8.38
C ALA A 104 5.73 -21.07 7.05
N SER A 105 4.82 -21.47 6.15
CA SER A 105 5.16 -22.02 4.84
C SER A 105 4.19 -21.54 3.79
N ASN A 106 4.69 -20.98 2.69
CA ASN A 106 3.82 -20.52 1.63
C ASN A 106 3.80 -21.54 0.46
N LEU A 107 4.36 -22.75 0.65
CA LEU A 107 4.42 -23.70 -0.46
C LEU A 107 3.06 -24.10 -0.98
N LYS A 108 2.12 -24.46 -0.07
CA LYS A 108 0.75 -24.85 -0.43
C LYS A 108 0.01 -23.64 -1.00
N LYS A 109 0.22 -22.43 -0.41
CA LYS A 109 -0.40 -21.19 -0.88
C LYS A 109 -0.09 -20.99 -2.37
N ARG A 110 1.21 -21.14 -2.75
CA ARG A 110 1.69 -21.00 -4.14
C ARG A 110 1.10 -22.08 -5.04
N ALA A 111 1.16 -23.36 -4.61
CA ALA A 111 0.65 -24.51 -5.36
C ALA A 111 -0.84 -24.37 -5.64
N ASP A 112 -1.63 -24.00 -4.61
CA ASP A 112 -3.07 -23.80 -4.74
C ASP A 112 -3.43 -22.62 -5.65
N ALA A 113 -2.53 -21.63 -5.78
CA ALA A 113 -2.75 -20.48 -6.65
C ALA A 113 -2.25 -20.79 -8.08
N ASP A 114 -1.81 -22.06 -8.32
CA ASP A 114 -1.29 -22.57 -9.59
C ASP A 114 -0.01 -21.84 -10.03
N LEU A 115 0.86 -21.52 -9.04
CA LEU A 115 2.13 -20.85 -9.27
C LEU A 115 3.25 -21.89 -9.22
N ALA A 116 4.29 -21.69 -10.06
CA ALA A 116 5.41 -22.60 -10.22
C ALA A 116 6.31 -22.76 -9.00
N ASP A 117 6.85 -24.00 -8.80
CA ASP A 117 7.76 -24.35 -7.71
C ASP A 117 9.24 -24.24 -8.12
N GLY A 118 9.49 -23.60 -9.25
CA GLY A 118 10.81 -23.36 -9.80
C GLY A 118 10.70 -22.74 -11.16
N PRO A 119 11.83 -22.34 -11.79
CA PRO A 119 11.77 -21.79 -13.17
C PRO A 119 11.11 -22.81 -14.10
N VAL A 120 10.18 -22.33 -14.94
CA VAL A 120 9.39 -23.19 -15.83
C VAL A 120 10.23 -23.80 -16.95
N SER A 121 11.08 -22.97 -17.58
CA SER A 121 11.92 -23.33 -18.71
C SER A 121 13.38 -22.97 -18.44
N GLU A 122 14.30 -23.47 -19.29
CA GLU A 122 15.72 -23.15 -19.15
C GLU A 122 15.98 -21.67 -19.40
N ARG A 123 15.22 -21.05 -20.33
CA ARG A 123 15.31 -19.61 -20.62
C ARG A 123 15.08 -18.81 -19.34
N ASP A 124 13.98 -19.10 -18.60
CA ASP A 124 13.63 -18.44 -17.35
C ASP A 124 14.70 -18.64 -16.30
N ASN A 125 15.24 -19.86 -16.20
CA ASN A 125 16.34 -20.18 -15.28
C ASN A 125 17.58 -19.31 -15.62
N LEU A 126 17.89 -19.15 -16.93
CA LEU A 126 19.01 -18.31 -17.35
C LEU A 126 18.78 -16.85 -17.00
N LEU A 127 17.53 -16.36 -17.16
CA LEU A 127 17.18 -14.96 -16.90
C LEU A 127 17.27 -14.60 -15.42
N PHE A 128 16.76 -15.48 -14.53
CA PHE A 128 16.83 -15.25 -13.08
C PHE A 128 18.30 -15.25 -12.67
N ARG A 129 19.11 -16.19 -13.21
CA ARG A 129 20.54 -16.27 -12.93
C ARG A 129 21.31 -15.09 -13.50
N ALA A 130 20.92 -14.58 -14.70
CA ALA A 130 21.54 -13.41 -15.32
C ALA A 130 21.29 -12.18 -14.45
N ALA A 131 20.08 -12.07 -13.83
CA ALA A 131 19.73 -10.97 -12.93
C ALA A 131 20.71 -10.93 -11.75
N VAL A 132 21.05 -12.10 -11.17
CA VAL A 132 22.01 -12.23 -10.07
C VAL A 132 23.41 -11.76 -10.55
N ARG A 133 23.86 -12.23 -11.73
CA ARG A 133 25.16 -11.88 -12.28
C ARG A 133 25.27 -10.39 -12.55
N LEU A 134 24.23 -9.77 -13.11
CA LEU A 134 24.25 -8.33 -13.38
C LEU A 134 24.15 -7.48 -12.13
N MET A 135 23.33 -7.90 -11.15
CA MET A 135 23.14 -7.16 -9.91
C MET A 135 24.30 -7.23 -8.94
N PHE A 136 24.93 -8.40 -8.80
CA PHE A 136 25.98 -8.64 -7.80
C PHE A 136 27.43 -8.65 -8.27
N SER A 137 27.71 -8.28 -9.53
CA SER A 137 29.07 -8.37 -10.06
C SER A 137 30.18 -7.40 -9.61
N ASP A 138 30.32 -6.24 -10.28
CA ASP A 138 31.41 -5.29 -10.01
C ASP A 138 30.96 -4.18 -9.07
N LEU A 139 30.76 -4.56 -7.81
CA LEU A 139 30.29 -3.68 -6.75
C LEU A 139 31.40 -2.88 -6.13
N GLU A 140 31.09 -1.65 -5.70
CA GLU A 140 32.04 -0.77 -5.02
C GLU A 140 31.63 -0.62 -3.54
N PRO A 141 32.60 -0.74 -2.60
CA PRO A 141 32.24 -0.59 -1.17
C PRO A 141 31.83 0.82 -0.79
N VAL A 142 30.87 0.94 0.11
CA VAL A 142 30.32 2.19 0.63
C VAL A 142 30.13 2.07 2.15
N PRO A 143 29.99 3.17 2.93
CA PRO A 143 29.73 3.00 4.37
C PRO A 143 28.38 2.31 4.61
N LEU A 144 28.29 1.52 5.68
CA LEU A 144 27.06 0.82 6.05
C LEU A 144 26.22 1.86 6.79
N LYS A 145 25.13 2.34 6.17
CA LYS A 145 24.27 3.35 6.79
C LYS A 145 23.16 2.70 7.60
N ILE A 146 22.92 3.23 8.81
CA ILE A 146 21.94 2.75 9.79
C ILE A 146 20.96 3.87 10.11
N ARG A 147 19.63 3.56 10.12
CA ARG A 147 18.60 4.55 10.47
C ARG A 147 18.69 4.90 11.96
N LYS A 148 18.72 6.19 12.27
CA LYS A 148 18.79 6.65 13.66
C LYS A 148 17.53 6.23 14.42
N GLY A 149 17.70 5.73 15.63
CA GLY A 149 16.58 5.30 16.46
C GLY A 149 15.95 3.95 16.11
N SER A 150 16.43 3.28 15.03
CA SER A 150 15.96 1.95 14.64
C SER A 150 16.43 0.93 15.69
N SER A 151 15.70 -0.17 15.84
CA SER A 151 16.02 -1.21 16.82
C SER A 151 17.02 -2.24 16.26
N THR A 152 17.78 -2.88 17.15
CA THR A 152 18.68 -3.95 16.73
C THR A 152 17.89 -5.26 16.79
N CYS A 153 16.66 -5.21 17.36
CA CYS A 153 15.76 -6.35 17.56
C CYS A 153 16.47 -7.52 18.26
N ILE A 154 16.21 -8.76 17.85
CA ILE A 154 16.80 -9.93 18.52
C ILE A 154 18.34 -10.00 18.48
N PRO A 155 19.00 -10.13 19.66
CA PRO A 155 18.44 -10.30 21.01
C PRO A 155 18.42 -9.06 21.92
N TYR A 156 19.17 -7.99 21.58
CA TYR A 156 19.37 -6.80 22.42
C TYR A 156 18.29 -5.75 22.48
N PHE A 157 17.57 -5.53 21.37
CA PHE A 157 16.51 -4.52 21.29
C PHE A 157 17.03 -3.14 21.69
N SER A 158 18.24 -2.80 21.21
CA SER A 158 18.88 -1.53 21.47
C SER A 158 18.46 -0.51 20.42
N ASN A 159 18.28 0.75 20.82
CA ASN A 159 17.93 1.86 19.91
C ASN A 159 19.07 2.89 19.90
N ASP A 160 20.17 2.61 20.60
CA ASP A 160 21.33 3.48 20.75
C ASP A 160 22.29 3.38 19.59
N MET A 161 22.56 4.52 18.91
CA MET A 161 23.45 4.56 17.75
C MET A 161 24.86 4.02 18.01
N GLY A 162 25.45 4.37 19.15
CA GLY A 162 26.77 3.88 19.51
C GLY A 162 26.82 2.37 19.61
N THR A 163 25.80 1.78 20.29
CA THR A 163 25.65 0.33 20.47
C THR A 163 25.43 -0.35 19.11
N LYS A 164 24.59 0.26 18.26
CA LYS A 164 24.28 -0.24 16.93
C LYS A 164 25.52 -0.27 16.03
N ILE A 165 26.36 0.80 16.08
CA ILE A 165 27.61 0.86 15.34
C ILE A 165 28.56 -0.26 15.82
N GLU A 166 28.70 -0.45 17.16
CA GLU A 166 29.54 -1.50 17.75
C GLU A 166 29.08 -2.89 17.28
N ILE A 167 27.74 -3.15 17.34
CA ILE A 167 27.13 -4.42 16.92
C ILE A 167 27.44 -4.67 15.45
N ALA A 168 27.25 -3.65 14.58
CA ALA A 168 27.51 -3.74 13.15
C ALA A 168 28.98 -4.00 12.82
N GLU A 169 29.92 -3.31 13.52
CA GLU A 169 31.35 -3.48 13.29
C GLU A 169 31.80 -4.87 13.69
N ARG A 170 31.32 -5.33 14.84
CA ARG A 170 31.61 -6.66 15.36
C ARG A 170 31.05 -7.72 14.41
N ALA A 171 29.83 -7.49 13.87
CA ALA A 171 29.18 -8.39 12.92
C ALA A 171 30.01 -8.53 11.66
N LEU A 172 30.54 -7.42 11.13
CA LEU A 172 31.38 -7.48 9.94
C LEU A 172 32.71 -8.22 10.21
N GLU A 173 33.21 -8.15 11.44
CA GLU A 173 34.43 -8.84 11.84
C GLU A 173 34.20 -10.35 11.99
N LYS A 174 33.04 -10.74 12.54
CA LYS A 174 32.72 -12.13 12.86
C LYS A 174 31.78 -12.89 11.92
N ALA A 175 31.29 -12.24 10.85
CA ALA A 175 30.38 -12.82 9.87
C ALA A 175 30.96 -14.11 9.24
N GLU A 176 32.26 -14.10 8.92
CA GLU A 176 32.95 -15.26 8.34
C GLU A 176 32.91 -16.46 9.26
N GLU A 177 33.24 -16.26 10.54
CA GLU A 177 33.24 -17.31 11.55
C GLU A 177 31.82 -17.83 11.78
N ALA A 178 30.81 -16.92 11.77
CA ALA A 178 29.40 -17.29 11.95
C ALA A 178 28.85 -18.08 10.76
N GLY A 179 29.14 -17.61 9.55
CA GLY A 179 28.72 -18.28 8.31
C GLY A 179 29.28 -19.69 8.19
N ASN A 180 30.55 -19.86 8.60
CA ASN A 180 31.23 -21.15 8.59
C ASN A 180 30.62 -22.08 9.60
N LEU A 181 30.17 -21.56 10.77
CA LEU A 181 29.49 -22.38 11.77
C LEU A 181 28.15 -22.90 11.21
N MET A 182 27.40 -22.02 10.52
CA MET A 182 26.14 -22.37 9.88
C MET A 182 26.36 -23.43 8.79
N LEU A 183 27.48 -23.34 8.03
CA LEU A 183 27.82 -24.32 7.01
C LEU A 183 28.03 -25.72 7.63
N GLN A 184 28.39 -25.77 8.91
CA GLN A 184 28.59 -27.01 9.68
C GLN A 184 27.30 -27.44 10.39
N GLY A 185 26.21 -26.70 10.17
CA GLY A 185 24.93 -26.96 10.81
C GLY A 185 24.88 -26.48 12.25
N LYS A 186 25.89 -25.68 12.68
CA LYS A 186 25.99 -25.16 14.04
C LYS A 186 25.32 -23.78 14.18
N PHE A 187 23.99 -23.74 13.93
CA PHE A 187 23.19 -22.52 14.01
C PHE A 187 23.12 -21.96 15.42
N ASP A 188 22.95 -22.84 16.44
CA ASP A 188 22.90 -22.41 17.84
C ASP A 188 24.21 -21.75 18.26
N ASP A 189 25.37 -22.30 17.83
CA ASP A 189 26.67 -21.72 18.12
C ASP A 189 26.84 -20.37 17.47
N ALA A 190 26.43 -20.23 16.18
CA ALA A 190 26.54 -18.96 15.44
C ALA A 190 25.71 -17.89 16.13
N TYR A 191 24.53 -18.26 16.64
CA TYR A 191 23.65 -17.34 17.34
C TYR A 191 24.19 -16.98 18.72
N GLN A 192 24.56 -17.99 19.51
CA GLN A 192 25.09 -17.78 20.86
C GLN A 192 26.37 -16.95 20.87
N LEU A 193 27.26 -17.21 19.91
CA LEU A 193 28.52 -16.47 19.84
C LEU A 193 28.41 -15.13 19.19
N HIS A 194 27.67 -15.03 18.07
CA HIS A 194 27.64 -13.81 17.26
C HIS A 194 26.31 -13.16 17.03
N GLN A 195 25.23 -13.68 17.66
CA GLN A 195 23.85 -13.17 17.58
C GLN A 195 23.32 -13.17 16.14
N MET A 196 23.85 -14.09 15.31
CA MET A 196 23.46 -14.26 13.92
C MET A 196 22.58 -15.49 13.84
N GLY A 197 21.28 -15.23 13.77
CA GLY A 197 20.25 -16.26 13.76
C GLY A 197 19.13 -15.86 14.68
N GLY A 198 18.53 -16.84 15.33
CA GLY A 198 17.42 -16.61 16.23
C GLY A 198 16.11 -16.51 15.49
N ALA A 199 15.56 -15.31 15.33
CA ALA A 199 14.27 -15.12 14.64
C ALA A 199 14.02 -13.68 14.26
N TYR A 200 12.98 -13.46 13.45
CA TYR A 200 12.45 -12.15 13.12
C TYR A 200 11.47 -11.84 14.24
N TYR A 201 11.34 -10.58 14.60
CA TYR A 201 10.44 -10.16 15.67
C TYR A 201 9.25 -9.50 14.99
N VAL A 202 8.07 -10.08 15.17
CA VAL A 202 6.87 -9.60 14.50
C VAL A 202 6.26 -8.38 15.16
N VAL A 203 6.23 -7.29 14.41
CA VAL A 203 5.59 -6.03 14.81
C VAL A 203 4.41 -5.80 13.85
N TYR A 204 3.25 -5.42 14.36
CA TYR A 204 2.14 -5.16 13.48
C TYR A 204 2.02 -3.68 13.20
N ARG A 205 2.13 -3.28 11.94
CA ARG A 205 2.07 -1.88 11.49
C ARG A 205 0.72 -1.50 10.93
N ALA A 206 0.31 -0.27 11.18
CA ALA A 206 -0.96 0.20 10.67
C ALA A 206 -0.89 0.59 9.21
N GLN A 207 -1.92 0.23 8.45
CA GLN A 207 -2.13 0.70 7.10
C GLN A 207 -3.35 1.60 7.38
N SER A 208 -3.04 2.89 7.67
CA SER A 208 -3.96 3.91 8.17
C SER A 208 -5.22 4.17 7.38
N THR A 209 -5.15 3.93 6.09
CA THR A 209 -6.27 4.09 5.18
C THR A 209 -6.41 2.77 4.41
N ASP A 210 -7.65 2.32 4.28
CA ASP A 210 -8.01 1.12 3.55
C ASP A 210 -9.38 1.40 2.98
N ALA A 211 -9.79 0.60 1.98
CA ALA A 211 -11.06 0.77 1.28
C ALA A 211 -12.29 0.73 2.17
N ILE A 212 -13.17 1.72 1.95
CA ILE A 212 -14.47 1.87 2.58
C ILE A 212 -15.41 2.30 1.46
N THR A 213 -16.60 1.71 1.40
CA THR A 213 -17.59 2.08 0.40
C THR A 213 -18.87 2.52 1.10
N LEU A 214 -19.68 3.35 0.44
CA LEU A 214 -20.96 3.78 0.98
C LEU A 214 -22.02 3.05 0.17
N ASP A 215 -22.78 2.16 0.82
CA ASP A 215 -23.83 1.38 0.17
C ASP A 215 -25.04 2.30 -0.10
N PRO A 216 -25.37 2.59 -1.39
CA PRO A 216 -26.48 3.51 -1.67
C PRO A 216 -27.85 2.99 -1.21
N LYS A 217 -28.04 1.65 -1.26
CA LYS A 217 -29.26 0.98 -0.85
C LYS A 217 -29.59 1.27 0.63
N THR A 218 -28.59 1.11 1.52
CA THR A 218 -28.75 1.30 2.96
C THR A 218 -28.30 2.65 3.53
N GLY A 219 -27.39 3.34 2.85
CA GLY A 219 -26.84 4.60 3.31
C GLY A 219 -25.78 4.38 4.39
N LYS A 220 -25.38 3.11 4.59
CA LYS A 220 -24.38 2.70 5.59
C LYS A 220 -23.03 2.41 4.94
N PHE A 221 -21.93 2.70 5.65
CA PHE A 221 -20.57 2.46 5.16
C PHE A 221 -20.16 1.02 5.37
N VAL A 222 -19.39 0.46 4.44
CA VAL A 222 -18.88 -0.91 4.49
C VAL A 222 -17.36 -0.91 4.36
N SER A 223 -16.66 -1.42 5.37
CA SER A 223 -15.20 -1.50 5.33
C SER A 223 -14.75 -2.77 4.56
N LYS A 224 -13.64 -2.68 3.81
CA LYS A 224 -13.07 -3.82 3.09
C LYS A 224 -12.66 -4.93 4.08
N ASP A 225 -13.15 -6.15 3.88
CA ASP A 225 -12.81 -7.30 4.72
C ASP A 225 -11.37 -7.68 4.47
N ARG A 226 -10.59 -7.85 5.54
CA ARG A 226 -9.19 -8.25 5.44
C ARG A 226 -9.05 -9.61 6.08
N MET A 227 -8.68 -10.61 5.28
CA MET A 227 -8.56 -12.01 5.69
C MET A 227 -7.34 -12.21 6.56
N VAL A 228 -7.52 -12.93 7.66
CA VAL A 228 -6.45 -13.22 8.61
C VAL A 228 -6.40 -14.72 8.88
N ALA A 229 -5.20 -15.24 9.13
CA ALA A 229 -4.99 -16.65 9.46
C ALA A 229 -4.88 -16.80 10.97
N ASP A 230 -5.52 -17.83 11.51
CA ASP A 230 -5.38 -18.11 12.94
C ASP A 230 -4.07 -18.90 13.11
N PHE A 231 -3.66 -19.16 14.37
CA PHE A 231 -2.43 -19.90 14.65
C PHE A 231 -2.34 -21.23 13.89
N GLU A 232 -3.41 -22.05 13.93
CA GLU A 232 -3.46 -23.36 13.28
C GLU A 232 -3.21 -23.26 11.80
N TYR A 233 -3.86 -22.30 11.14
CA TYR A 233 -3.69 -22.10 9.71
C TYR A 233 -2.23 -21.73 9.37
N ALA A 234 -1.62 -20.81 10.15
CA ALA A 234 -0.26 -20.34 9.97
C ALA A 234 0.81 -21.43 10.10
N VAL A 235 0.72 -22.27 11.15
CA VAL A 235 1.69 -23.35 11.37
C VAL A 235 1.57 -24.51 10.37
N THR A 236 0.36 -24.73 9.80
CA THR A 236 0.08 -25.82 8.85
C THR A 236 0.14 -25.33 7.38
N GLY A 237 0.50 -24.05 7.17
CA GLY A 237 0.53 -23.45 5.83
C GLY A 237 -0.83 -23.46 5.15
N GLY A 238 -1.90 -23.48 5.95
CA GLY A 238 -3.26 -23.50 5.45
C GLY A 238 -3.92 -24.87 5.38
N GLU A 239 -3.17 -25.97 5.67
CA GLU A 239 -3.69 -27.35 5.68
C GLU A 239 -4.84 -27.51 6.67
N GLN A 240 -4.69 -26.90 7.86
CA GLN A 240 -5.69 -26.91 8.94
C GLN A 240 -6.00 -25.46 9.37
N GLY A 241 -6.81 -25.30 10.41
CA GLY A 241 -7.19 -23.98 10.91
C GLY A 241 -8.06 -23.18 9.96
N SER A 242 -8.20 -21.87 10.23
CA SER A 242 -9.05 -21.02 9.40
C SER A 242 -8.50 -19.66 8.96
N LEU A 243 -8.97 -19.22 7.80
CA LEU A 243 -8.70 -17.93 7.18
C LEU A 243 -10.06 -17.23 7.22
N PHE A 244 -10.15 -16.10 7.95
CA PHE A 244 -11.40 -15.39 8.19
C PHE A 244 -11.22 -13.88 8.17
N ALA A 245 -12.32 -13.11 8.02
CA ALA A 245 -12.30 -11.65 8.00
C ALA A 245 -12.07 -11.11 9.41
N ALA A 246 -11.05 -10.23 9.56
CA ALA A 246 -10.78 -9.58 10.86
C ALA A 246 -11.92 -8.58 11.14
N SER A 247 -12.13 -8.22 12.41
CA SER A 247 -13.18 -7.26 12.74
C SER A 247 -12.66 -5.82 12.81
N LYS A 248 -13.17 -4.97 11.91
CA LYS A 248 -12.83 -3.54 11.82
C LYS A 248 -13.88 -2.68 12.55
N ASP A 249 -14.88 -3.32 13.18
CA ASP A 249 -15.95 -2.65 13.92
C ASP A 249 -15.36 -1.85 15.08
N ALA A 250 -15.61 -0.52 15.08
CA ALA A 250 -15.08 0.39 16.10
C ALA A 250 -16.04 0.69 17.26
N SER A 251 -17.26 0.09 17.25
CA SER A 251 -18.28 0.27 18.31
C SER A 251 -17.71 0.05 19.69
N ARG A 252 -16.83 -0.98 19.81
CA ARG A 252 -16.13 -1.41 21.02
C ARG A 252 -15.39 -0.27 21.77
N LEU A 253 -14.93 0.76 21.04
CA LEU A 253 -14.18 1.89 21.59
C LEU A 253 -15.01 2.71 22.57
N LYS A 254 -16.34 2.77 22.37
CA LYS A 254 -17.22 3.48 23.27
C LYS A 254 -17.26 2.77 24.63
N GLU A 255 -17.54 1.46 24.62
CA GLU A 255 -17.60 0.63 25.82
C GLU A 255 -16.24 0.57 26.54
N GLN A 256 -15.16 0.24 25.80
CA GLN A 256 -13.84 0.07 26.38
C GLN A 256 -13.14 1.34 26.82
N TYR A 257 -13.26 2.43 26.03
CA TYR A 257 -12.50 3.64 26.29
C TYR A 257 -13.28 4.92 26.49
N GLY A 258 -14.60 4.87 26.29
CA GLY A 258 -15.46 6.04 26.41
C GLY A 258 -15.32 7.00 25.24
N ILE A 259 -14.87 6.48 24.07
CA ILE A 259 -14.67 7.27 22.85
C ILE A 259 -15.92 7.25 22.01
N ASP A 260 -16.42 8.44 21.62
CA ASP A 260 -17.59 8.52 20.74
C ASP A 260 -17.15 8.11 19.34
N VAL A 261 -17.86 7.13 18.78
CA VAL A 261 -17.56 6.61 17.46
C VAL A 261 -18.65 7.09 16.49
N PRO A 262 -18.35 8.04 15.57
CA PRO A 262 -19.37 8.46 14.61
C PRO A 262 -19.65 7.33 13.62
N ASP A 263 -20.81 7.38 12.95
CA ASP A 263 -21.21 6.39 11.96
C ASP A 263 -20.20 6.35 10.83
N GLY A 264 -19.88 5.14 10.39
CA GLY A 264 -18.97 4.89 9.28
C GLY A 264 -17.50 5.16 9.54
N PHE A 265 -17.05 4.94 10.79
CA PHE A 265 -15.65 5.04 11.20
C PHE A 265 -15.22 3.65 11.68
N PHE A 266 -14.05 3.20 11.23
CA PHE A 266 -13.59 1.84 11.50
C PHE A 266 -12.23 1.74 12.09
N CYS A 267 -11.89 0.55 12.60
CA CYS A 267 -10.57 0.23 13.12
C CYS A 267 -9.66 0.02 11.92
N GLU A 268 -8.38 0.32 12.08
CA GLU A 268 -7.39 0.26 11.00
C GLU A 268 -6.95 -1.13 10.62
N ARG A 269 -6.61 -1.27 9.33
CA ARG A 269 -6.00 -2.48 8.80
C ARG A 269 -4.62 -2.58 9.47
N ARG A 270 -4.25 -3.81 9.84
CA ARG A 270 -2.94 -4.08 10.43
C ARG A 270 -2.19 -5.07 9.58
N ARG A 271 -0.95 -4.71 9.26
CA ARG A 271 -0.08 -5.54 8.41
C ARG A 271 1.06 -6.11 9.23
N THR A 272 1.48 -7.35 8.93
CA THR A 272 2.62 -7.91 9.64
C THR A 272 3.87 -7.24 9.08
N ALA A 273 4.79 -6.92 9.97
CA ALA A 273 6.08 -6.35 9.63
C ALA A 273 7.05 -7.05 10.54
N MET A 274 8.27 -7.23 10.09
CA MET A 274 9.22 -7.96 10.91
C MET A 274 10.50 -7.23 11.05
N GLY A 275 11.11 -7.38 12.20
CA GLY A 275 12.40 -6.77 12.48
C GLY A 275 13.43 -7.87 12.55
N GLY A 276 14.47 -7.73 11.74
CA GLY A 276 15.53 -8.73 11.69
C GLY A 276 16.55 -8.65 12.80
N PRO A 277 17.24 -9.78 13.08
CA PRO A 277 18.32 -9.72 14.09
C PRO A 277 19.49 -8.94 13.48
N PHE A 278 19.75 -7.74 14.01
CA PHE A 278 20.75 -6.83 13.47
C PHE A 278 22.14 -7.38 13.13
N ALA A 279 22.69 -8.27 13.97
CA ALA A 279 24.01 -8.85 13.72
C ALA A 279 23.99 -9.66 12.41
N LEU A 280 22.84 -10.28 12.08
CA LEU A 280 22.71 -11.03 10.83
C LEU A 280 22.48 -10.05 9.65
N ASN A 281 21.68 -9.00 9.88
CA ASN A 281 21.41 -8.01 8.84
C ASN A 281 22.59 -7.14 8.41
N ALA A 282 23.48 -6.74 9.34
CA ALA A 282 24.64 -5.90 9.04
C ALA A 282 25.51 -6.46 7.89
N PRO A 283 26.00 -7.74 7.92
CA PRO A 283 26.77 -8.25 6.76
C PRO A 283 25.99 -8.32 5.45
N ILE A 284 24.65 -8.41 5.52
CA ILE A 284 23.79 -8.45 4.32
C ILE A 284 23.65 -7.05 3.74
N MET A 285 23.41 -6.05 4.60
CA MET A 285 23.29 -4.64 4.23
C MET A 285 24.58 -4.11 3.56
N ALA A 286 25.76 -4.57 4.05
CA ALA A 286 27.07 -4.20 3.51
C ALA A 286 27.27 -4.60 2.04
N VAL A 287 26.46 -5.56 1.55
CA VAL A 287 26.46 -6.02 0.16
C VAL A 287 25.26 -5.40 -0.57
N ALA A 288 24.09 -5.34 0.10
CA ALA A 288 22.85 -4.79 -0.47
C ALA A 288 22.98 -3.34 -0.94
N GLN A 289 23.63 -2.46 -0.12
CA GLN A 289 23.80 -1.06 -0.53
C GLN A 289 24.65 -0.93 -1.81
N PRO A 290 25.86 -1.55 -1.92
CA PRO A 290 26.58 -1.53 -3.20
C PRO A 290 25.75 -2.02 -4.41
N VAL A 291 24.88 -3.05 -4.21
CA VAL A 291 23.99 -3.59 -5.26
C VAL A 291 23.01 -2.49 -5.75
N ARG A 292 22.37 -1.78 -4.79
CA ARG A 292 21.45 -0.69 -5.11
C ARG A 292 22.19 0.38 -5.91
N ASN A 293 23.41 0.75 -5.49
CA ASN A 293 24.18 1.76 -6.19
C ASN A 293 24.45 1.37 -7.62
N LYS A 294 24.72 0.06 -7.88
CA LYS A 294 24.96 -0.44 -9.24
C LYS A 294 23.68 -0.38 -10.08
N ILE A 295 22.59 -1.00 -9.59
CA ILE A 295 21.32 -1.00 -10.34
C ILE A 295 20.72 0.38 -10.55
N TYR A 296 20.90 1.32 -9.60
CA TYR A 296 20.36 2.68 -9.74
C TYR A 296 21.24 3.56 -10.65
N SER A 297 22.47 3.11 -10.98
CA SER A 297 23.37 3.83 -11.89
C SER A 297 23.37 3.16 -13.26
N LYS A 298 23.96 1.95 -13.39
CA LYS A 298 24.04 1.24 -14.66
C LYS A 298 22.64 0.94 -15.24
N TYR A 299 21.71 0.54 -14.37
CA TYR A 299 20.37 0.20 -14.82
C TYR A 299 19.32 1.19 -14.38
N ALA A 300 19.70 2.48 -14.30
CA ALA A 300 18.85 3.59 -13.89
C ALA A 300 17.54 3.66 -14.65
N TYR A 301 17.54 3.28 -15.94
CA TYR A 301 16.33 3.30 -16.76
C TYR A 301 15.21 2.50 -16.12
N THR A 302 15.49 1.24 -15.80
CA THR A 302 14.50 0.33 -15.23
C THR A 302 14.28 0.58 -13.74
N PHE A 303 15.35 0.87 -12.99
CA PHE A 303 15.35 0.92 -11.52
C PHE A 303 15.42 2.24 -10.75
N HIS A 304 15.97 3.31 -11.34
CA HIS A 304 16.09 4.57 -10.63
C HIS A 304 14.98 5.56 -10.96
N HIS A 305 14.05 5.72 -10.00
CA HIS A 305 12.86 6.57 -10.13
C HIS A 305 12.83 7.66 -9.09
N THR A 306 12.76 8.92 -9.58
CA THR A 306 12.79 10.10 -8.72
C THR A 306 11.50 10.91 -8.82
N THR A 307 11.45 11.84 -9.80
CA THR A 307 10.33 12.75 -9.99
C THR A 307 9.30 12.23 -10.97
N ARG A 308 8.11 12.87 -10.97
CA ARG A 308 7.03 12.56 -11.90
C ARG A 308 7.48 12.79 -13.36
N LEU A 309 8.37 13.79 -13.59
CA LEU A 309 8.91 14.10 -14.93
C LEU A 309 9.98 13.10 -15.36
N ASN A 310 10.78 12.61 -14.41
CA ASN A 310 11.79 11.58 -14.65
C ASN A 310 11.09 10.31 -15.20
N LYS A 311 9.93 9.94 -14.60
CA LYS A 311 9.11 8.79 -15.01
C LYS A 311 8.45 9.07 -16.36
N GLU A 312 7.92 10.30 -16.52
CA GLU A 312 7.21 10.75 -17.71
C GLU A 312 8.03 10.68 -18.97
N GLU A 313 9.30 11.12 -18.93
CA GLU A 313 10.23 11.10 -20.07
C GLU A 313 10.38 9.70 -20.67
N LYS A 314 10.41 8.66 -19.83
CA LYS A 314 10.54 7.27 -20.27
C LYS A 314 9.24 6.76 -20.91
N VAL A 315 8.13 6.90 -20.15
CA VAL A 315 6.80 6.45 -20.54
C VAL A 315 6.27 7.11 -21.83
N LYS A 316 6.55 8.41 -22.05
CA LYS A 316 6.12 9.17 -23.23
C LYS A 316 6.62 8.59 -24.55
N GLU A 317 7.79 7.90 -24.51
CA GLU A 317 8.43 7.29 -25.69
C GLU A 317 7.77 5.95 -26.08
N TRP A 318 6.89 5.42 -25.22
CA TRP A 318 6.24 4.13 -25.44
C TRP A 318 4.98 4.26 -26.27
N SER A 319 4.64 3.20 -27.01
CA SER A 319 3.41 3.16 -27.80
C SER A 319 2.29 2.57 -26.94
N LEU A 320 2.68 1.76 -25.92
CA LEU A 320 1.75 1.12 -24.97
C LEU A 320 2.39 1.04 -23.61
N CYS A 321 1.60 1.38 -22.58
CA CYS A 321 2.04 1.33 -21.19
C CYS A 321 1.04 0.48 -20.40
N VAL A 322 1.52 -0.60 -19.79
CA VAL A 322 0.65 -1.49 -19.02
C VAL A 322 1.04 -1.40 -17.52
N ALA A 323 0.13 -0.86 -16.69
CA ALA A 323 0.34 -0.72 -15.24
C ALA A 323 -0.14 -2.00 -14.56
N THR A 324 0.80 -2.79 -14.05
CA THR A 324 0.50 -4.08 -13.43
C THR A 324 0.28 -3.97 -11.92
N ASP A 325 -0.36 -5.01 -11.37
CA ASP A 325 -0.65 -5.20 -9.96
C ASP A 325 -0.27 -6.63 -9.60
N VAL A 326 0.39 -6.82 -8.44
CA VAL A 326 0.78 -8.14 -7.94
C VAL A 326 0.01 -8.37 -6.66
N SER A 327 -0.64 -9.53 -6.58
CA SER A 327 -1.38 -9.89 -5.39
C SER A 327 -0.41 -10.40 -4.31
N ASP A 328 -0.47 -9.78 -3.12
CA ASP A 328 0.25 -10.18 -1.90
C ASP A 328 1.69 -10.62 -2.15
N HIS A 329 2.50 -9.75 -2.74
CA HIS A 329 3.89 -10.04 -3.13
C HIS A 329 4.73 -10.76 -2.08
N ASP A 330 4.89 -10.16 -0.88
CA ASP A 330 5.77 -10.70 0.14
C ASP A 330 5.44 -12.13 0.59
N THR A 331 4.14 -12.44 0.77
CA THR A 331 3.71 -13.75 1.23
C THR A 331 3.82 -14.82 0.12
N PHE A 332 3.70 -14.40 -1.15
CA PHE A 332 3.84 -15.31 -2.30
C PHE A 332 5.28 -15.46 -2.81
N TRP A 333 6.21 -14.58 -2.35
CA TRP A 333 7.62 -14.60 -2.78
C TRP A 333 8.20 -16.01 -2.62
N PRO A 334 8.75 -16.62 -3.70
CA PRO A 334 9.19 -18.02 -3.61
C PRO A 334 10.56 -18.32 -3.02
N GLY A 335 10.59 -19.29 -2.11
CA GLY A 335 11.82 -19.78 -1.51
C GLY A 335 12.76 -20.38 -2.53
N TRP A 336 12.21 -20.93 -3.65
CA TRP A 336 13.08 -21.45 -4.71
C TRP A 336 13.94 -20.34 -5.31
N LEU A 337 13.46 -19.08 -5.28
CA LEU A 337 14.27 -17.97 -5.79
C LEU A 337 15.44 -17.67 -4.86
N ARG A 338 15.22 -17.74 -3.53
CA ARG A 338 16.28 -17.59 -2.52
C ARG A 338 17.37 -18.62 -2.85
N ASP A 339 16.97 -19.90 -3.10
CA ASP A 339 17.90 -20.97 -3.39
C ASP A 339 18.64 -20.81 -4.69
N LEU A 340 17.94 -20.31 -5.73
CA LEU A 340 18.53 -20.06 -7.05
C LEU A 340 19.56 -18.92 -6.92
N ILE A 341 19.21 -17.83 -6.19
CA ILE A 341 20.11 -16.69 -5.97
C ILE A 341 21.38 -17.14 -5.28
N CYS A 342 21.23 -17.91 -4.20
CA CYS A 342 22.35 -18.44 -3.43
C CYS A 342 23.26 -19.31 -4.28
N ASP A 343 22.67 -20.21 -5.08
CA ASP A 343 23.40 -21.09 -5.97
C ASP A 343 24.20 -20.30 -6.99
N GLU A 344 23.59 -19.25 -7.57
CA GLU A 344 24.27 -18.43 -8.57
C GLU A 344 25.41 -17.61 -7.98
N LEU A 345 25.22 -17.07 -6.75
CA LEU A 345 26.26 -16.32 -6.06
C LEU A 345 27.46 -17.22 -5.83
N LEU A 346 27.22 -18.49 -5.44
CA LEU A 346 28.28 -19.47 -5.24
C LEU A 346 29.06 -19.70 -6.54
N ASN A 347 28.34 -19.83 -7.69
CA ASN A 347 28.91 -19.99 -9.04
C ASN A 347 29.76 -18.78 -9.45
N MET A 348 29.35 -17.57 -9.05
CA MET A 348 30.08 -16.33 -9.33
C MET A 348 31.38 -16.19 -8.53
N GLY A 349 31.52 -16.99 -7.46
CA GLY A 349 32.70 -16.96 -6.60
C GLY A 349 32.53 -16.22 -5.29
N TYR A 350 31.28 -15.91 -4.86
CA TYR A 350 31.01 -15.25 -3.59
C TYR A 350 31.40 -16.19 -2.45
N ALA A 351 31.91 -15.64 -1.34
CA ALA A 351 32.31 -16.39 -0.15
C ALA A 351 31.17 -17.31 0.30
N PRO A 352 31.38 -18.64 0.39
CA PRO A 352 30.29 -19.54 0.80
C PRO A 352 29.68 -19.21 2.17
N TRP A 353 30.51 -18.72 3.11
CA TRP A 353 30.05 -18.30 4.43
C TRP A 353 29.07 -17.14 4.36
N TRP A 354 29.30 -16.18 3.43
CA TRP A 354 28.39 -15.05 3.27
C TRP A 354 27.08 -15.49 2.67
N VAL A 355 27.14 -16.36 1.63
CA VAL A 355 25.96 -16.90 0.96
C VAL A 355 25.09 -17.64 1.99
N LYS A 356 25.75 -18.38 2.92
CA LYS A 356 25.02 -19.12 3.96
C LYS A 356 24.26 -18.19 4.89
N LEU A 357 24.87 -17.04 5.25
CA LEU A 357 24.24 -16.04 6.11
C LEU A 357 22.99 -15.51 5.40
N PHE A 358 23.14 -15.20 4.10
CA PHE A 358 22.08 -14.68 3.23
C PHE A 358 20.93 -15.68 3.11
N GLU A 359 21.26 -16.95 2.81
CA GLU A 359 20.28 -18.03 2.72
C GLU A 359 19.50 -18.14 4.04
N THR A 360 20.22 -18.19 5.19
CA THR A 360 19.63 -18.33 6.51
C THR A 360 18.67 -17.20 6.86
N SER A 361 18.99 -15.96 6.43
CA SER A 361 18.14 -14.79 6.67
C SER A 361 16.77 -14.93 6.00
N LEU A 362 16.65 -15.80 5.01
CA LEU A 362 15.41 -16.01 4.28
C LEU A 362 14.71 -17.35 4.62
N LYS A 363 15.11 -17.98 5.75
CA LYS A 363 14.53 -19.26 6.25
C LYS A 363 14.31 -19.18 7.75
N LEU A 364 14.58 -18.02 8.33
CA LEU A 364 14.53 -17.83 9.75
C LEU A 364 13.17 -17.97 10.43
N PRO A 365 13.14 -18.53 11.67
CA PRO A 365 11.92 -18.52 12.46
C PRO A 365 11.37 -17.12 12.72
N VAL A 366 10.12 -17.02 13.21
CA VAL A 366 9.45 -15.74 13.50
C VAL A 366 8.84 -15.76 14.90
N TYR A 367 9.10 -14.71 15.68
CA TYR A 367 8.54 -14.57 17.02
C TYR A 367 7.32 -13.66 16.93
N VAL A 368 6.14 -14.22 17.21
CA VAL A 368 4.88 -13.51 17.15
C VAL A 368 4.59 -12.82 18.47
N GLY A 369 4.49 -11.51 18.42
CA GLY A 369 4.24 -10.68 19.59
C GLY A 369 2.80 -10.72 20.06
N ALA A 370 2.00 -9.73 19.63
CA ALA A 370 0.61 -9.63 20.07
C ALA A 370 -0.38 -9.30 18.95
N PRO A 371 -0.90 -10.34 18.25
CA PRO A 371 -1.90 -10.07 17.18
C PRO A 371 -3.26 -9.60 17.67
N ALA A 372 -3.59 -9.90 18.92
CA ALA A 372 -4.87 -9.57 19.54
C ALA A 372 -4.77 -9.72 21.06
N PRO A 373 -5.73 -9.20 21.88
CA PRO A 373 -5.65 -9.42 23.33
C PRO A 373 -5.66 -10.92 23.67
N GLU A 374 -4.84 -11.32 24.66
CA GLU A 374 -4.72 -12.72 25.11
C GLU A 374 -4.22 -13.72 24.01
N GLN A 375 -3.45 -13.22 23.01
CA GLN A 375 -2.90 -14.03 21.92
C GLN A 375 -1.46 -13.62 21.63
N GLY A 376 -0.67 -14.56 21.10
CA GLY A 376 0.70 -14.32 20.69
C GLY A 376 1.74 -14.90 21.61
N HIS A 377 2.89 -14.22 21.72
CA HIS A 377 4.05 -14.61 22.53
C HIS A 377 4.46 -16.04 22.22
N THR A 378 4.64 -16.33 20.91
CA THR A 378 4.96 -17.66 20.41
C THR A 378 6.02 -17.56 19.33
N LEU A 379 7.02 -18.44 19.41
CA LEU A 379 8.05 -18.56 18.39
C LEU A 379 7.59 -19.64 17.39
N LEU A 380 7.59 -19.31 16.08
CA LEU A 380 7.23 -20.25 15.01
C LEU A 380 8.53 -20.65 14.34
N GLY A 381 8.80 -21.95 14.28
CA GLY A 381 10.04 -22.47 13.69
C GLY A 381 11.12 -22.67 14.73
N ASP A 382 12.08 -23.55 14.43
CA ASP A 382 13.16 -23.88 15.36
C ASP A 382 14.46 -23.16 14.94
N PRO A 383 15.00 -22.25 15.78
CA PRO A 383 16.24 -21.55 15.41
C PRO A 383 17.46 -22.43 15.26
N SER A 384 17.44 -23.68 15.81
CA SER A 384 18.55 -24.63 15.69
C SER A 384 18.70 -25.12 14.25
N ASN A 385 17.61 -25.09 13.47
CA ASN A 385 17.63 -25.50 12.06
C ASN A 385 16.65 -24.66 11.24
N PRO A 386 17.04 -23.41 10.85
CA PRO A 386 16.12 -22.54 10.10
C PRO A 386 15.58 -23.19 8.82
N ASP A 387 14.25 -23.37 8.76
CA ASP A 387 13.61 -24.03 7.62
C ASP A 387 12.22 -23.45 7.25
N LEU A 388 11.93 -22.20 7.65
CA LEU A 388 10.65 -21.59 7.32
C LEU A 388 10.59 -21.15 5.85
N GLU A 389 9.37 -21.00 5.32
CA GLU A 389 9.08 -20.55 3.96
C GLU A 389 8.01 -19.45 4.07
N VAL A 390 8.31 -18.37 4.81
CA VAL A 390 7.37 -17.26 5.02
C VAL A 390 7.12 -16.38 3.78
N GLY A 391 7.99 -16.53 2.79
CA GLY A 391 8.02 -15.69 1.61
C GLY A 391 9.17 -14.72 1.82
N LEU A 392 8.90 -13.41 1.71
CA LEU A 392 9.93 -12.38 1.88
C LEU A 392 9.69 -11.68 3.22
N SER A 393 10.65 -11.75 4.16
CA SER A 393 10.55 -11.11 5.47
C SER A 393 10.84 -9.62 5.29
N SER A 394 9.92 -8.74 5.74
CA SER A 394 10.08 -7.28 5.59
C SER A 394 11.36 -6.67 6.18
N GLY A 395 11.90 -7.26 7.24
CA GLY A 395 13.09 -6.73 7.88
C GLY A 395 14.39 -7.39 7.48
N GLN A 396 14.40 -8.15 6.37
CA GLN A 396 15.62 -8.79 5.87
C GLN A 396 16.43 -7.65 5.22
N GLY A 397 17.76 -7.70 5.34
CA GLY A 397 18.63 -6.65 4.84
C GLY A 397 18.58 -6.29 3.35
N ALA A 398 17.98 -7.17 2.50
CA ALA A 398 17.90 -6.94 1.05
C ALA A 398 16.50 -7.16 0.48
N THR A 399 15.42 -6.98 1.28
CA THR A 399 14.06 -7.23 0.77
C THR A 399 13.67 -6.50 -0.51
N ASP A 400 14.08 -5.25 -0.65
CA ASP A 400 13.75 -4.47 -1.84
C ASP A 400 14.35 -5.14 -3.07
N LEU A 401 15.64 -5.55 -2.98
CA LEU A 401 16.35 -6.23 -4.06
C LEU A 401 15.75 -7.58 -4.38
N MET A 402 15.29 -8.33 -3.38
CA MET A 402 14.64 -9.64 -3.57
C MET A 402 13.35 -9.54 -4.35
N GLY A 403 12.53 -8.56 -4.03
CA GLY A 403 11.29 -8.29 -4.74
C GLY A 403 11.54 -7.75 -6.13
N THR A 404 12.54 -6.87 -6.28
CA THR A 404 12.92 -6.27 -7.56
C THR A 404 13.44 -7.35 -8.53
N LEU A 405 14.33 -8.25 -8.06
CA LEU A 405 14.91 -9.34 -8.84
C LEU A 405 13.76 -10.25 -9.35
N LEU A 406 12.90 -10.75 -8.45
CA LEU A 406 11.77 -11.61 -8.81
C LEU A 406 10.88 -10.96 -9.84
N MET A 407 10.38 -9.75 -9.51
CA MET A 407 9.44 -9.06 -10.36
C MET A 407 9.97 -8.58 -11.70
N SER A 408 11.19 -8.02 -11.74
CA SER A 408 11.77 -7.58 -13.02
C SER A 408 11.80 -8.71 -14.04
N ILE A 409 12.23 -9.92 -13.62
CA ILE A 409 12.29 -11.10 -14.48
C ILE A 409 10.88 -11.62 -14.79
N THR A 410 9.98 -11.65 -13.79
CA THR A 410 8.59 -12.06 -13.98
C THR A 410 7.93 -11.25 -15.11
N TYR A 411 8.10 -9.90 -15.09
CA TYR A 411 7.52 -9.02 -16.11
C TYR A 411 8.16 -9.24 -17.47
N LEU A 412 9.49 -9.42 -17.51
CA LEU A 412 10.21 -9.68 -18.76
C LEU A 412 9.71 -10.98 -19.39
N VAL A 413 9.56 -12.04 -18.58
CA VAL A 413 9.05 -13.35 -19.03
C VAL A 413 7.64 -13.21 -19.61
N MET A 414 6.79 -12.41 -18.94
CA MET A 414 5.42 -12.11 -19.40
C MET A 414 5.47 -11.46 -20.79
N GLN A 415 6.39 -10.50 -20.99
CA GLN A 415 6.55 -9.81 -22.28
C GLN A 415 7.06 -10.80 -23.35
N LEU A 416 7.98 -11.72 -22.97
CA LEU A 416 8.54 -12.71 -23.90
C LEU A 416 7.47 -13.71 -24.33
N ASP A 417 6.80 -14.31 -23.36
CA ASP A 417 5.74 -15.31 -23.58
C ASP A 417 4.60 -14.81 -24.43
N HIS A 418 4.06 -13.63 -24.09
CA HIS A 418 2.85 -13.11 -24.73
C HIS A 418 3.03 -12.15 -25.87
N THR A 419 4.24 -11.56 -26.04
CA THR A 419 4.44 -10.52 -27.04
C THR A 419 5.70 -10.66 -27.90
N ALA A 420 6.79 -11.22 -27.36
CA ALA A 420 8.03 -11.23 -28.12
C ALA A 420 8.77 -12.57 -28.30
N PRO A 421 8.13 -13.61 -28.91
CA PRO A 421 8.84 -14.88 -29.15
C PRO A 421 10.09 -14.78 -30.05
N HIS A 422 10.15 -13.72 -30.85
CA HIS A 422 11.27 -13.43 -31.75
C HIS A 422 12.52 -13.04 -30.98
N LEU A 423 12.39 -12.74 -29.68
CA LEU A 423 13.57 -12.40 -28.88
C LEU A 423 14.13 -13.64 -28.15
N ASN A 424 13.38 -14.77 -28.14
CA ASN A 424 13.82 -16.00 -27.48
C ASN A 424 15.18 -16.51 -27.95
N SER A 425 15.47 -16.38 -29.26
CA SER A 425 16.74 -16.81 -29.85
C SER A 425 17.95 -16.03 -29.32
N ARG A 426 17.73 -14.85 -28.70
CA ARG A 426 18.80 -14.04 -28.13
C ARG A 426 19.21 -14.56 -26.72
N ILE A 427 18.45 -15.51 -26.15
CA ILE A 427 18.70 -16.06 -24.81
C ILE A 427 18.97 -17.55 -24.95
N LYS A 428 20.22 -17.91 -25.30
CA LYS A 428 20.66 -19.28 -25.58
C LYS A 428 21.48 -19.92 -24.47
N ASP A 429 22.25 -19.11 -23.74
CA ASP A 429 23.16 -19.54 -22.67
C ASP A 429 23.36 -18.38 -21.69
N MET A 430 24.24 -18.55 -20.69
CA MET A 430 24.49 -17.49 -19.71
C MET A 430 25.06 -16.21 -20.32
N PRO A 431 26.15 -16.24 -21.16
CA PRO A 431 26.66 -15.00 -21.75
C PRO A 431 25.62 -14.22 -22.54
N SER A 432 24.80 -14.91 -23.36
CA SER A 432 23.74 -14.26 -24.14
C SER A 432 22.57 -13.79 -23.28
N ALA A 433 22.22 -14.55 -22.20
CA ALA A 433 21.17 -14.13 -21.27
C ALA A 433 21.57 -12.79 -20.59
N CYS A 434 22.85 -12.71 -20.15
CA CYS A 434 23.43 -11.52 -19.52
C CYS A 434 23.45 -10.32 -20.47
N ARG A 435 23.89 -10.52 -21.75
CA ARG A 435 23.92 -9.46 -22.76
C ARG A 435 22.53 -8.92 -23.06
N PHE A 436 21.54 -9.84 -23.20
CA PHE A 436 20.17 -9.46 -23.48
C PHE A 436 19.56 -8.67 -22.30
N LEU A 437 19.71 -9.20 -21.07
CA LEU A 437 19.16 -8.57 -19.88
C LEU A 437 19.79 -7.19 -19.63
N ASP A 438 21.12 -7.08 -19.86
CA ASP A 438 21.87 -5.82 -19.72
C ASP A 438 21.28 -4.78 -20.67
N SER A 439 20.98 -5.18 -21.92
CA SER A 439 20.38 -4.31 -22.93
C SER A 439 18.94 -3.92 -22.55
N TYR A 440 18.12 -4.90 -22.15
CA TYR A 440 16.72 -4.72 -21.75
C TYR A 440 16.60 -3.76 -20.54
N TRP A 441 17.44 -3.97 -19.51
CA TRP A 441 17.44 -3.14 -18.29
C TRP A 441 17.88 -1.69 -18.53
N GLN A 442 18.63 -1.42 -19.61
CA GLN A 442 19.06 -0.08 -19.99
C GLN A 442 18.02 0.63 -20.87
N GLY A 443 16.90 -0.05 -21.16
CA GLY A 443 15.83 0.45 -22.00
C GLY A 443 16.18 0.48 -23.49
N HIS A 444 17.07 -0.43 -23.92
CA HIS A 444 17.51 -0.52 -25.32
C HIS A 444 16.71 -1.48 -26.20
N GLU A 445 15.72 -2.19 -25.65
CA GLU A 445 14.91 -3.13 -26.44
C GLU A 445 13.54 -2.55 -26.75
N GLU A 446 12.78 -3.18 -27.68
CA GLU A 446 11.43 -2.73 -28.05
C GLU A 446 10.42 -3.00 -26.95
N ILE A 447 10.78 -3.90 -26.03
CA ILE A 447 10.02 -4.22 -24.83
C ILE A 447 10.80 -3.57 -23.68
N ARG A 448 10.08 -2.84 -22.82
CA ARG A 448 10.70 -2.07 -21.73
C ARG A 448 9.90 -2.19 -20.44
N GLN A 449 10.48 -1.70 -19.34
CA GLN A 449 9.83 -1.66 -18.05
C GLN A 449 10.49 -0.68 -17.11
N ILE A 450 9.69 -0.17 -16.19
CA ILE A 450 10.14 0.65 -15.08
C ILE A 450 9.55 -0.06 -13.89
N SER A 451 10.38 -0.45 -12.91
CA SER A 451 9.86 -1.21 -11.79
C SER A 451 10.57 -0.94 -10.48
N LYS A 452 9.90 -1.28 -9.39
CA LYS A 452 10.41 -1.29 -8.03
C LYS A 452 9.54 -2.27 -7.27
N SER A 453 10.13 -3.41 -6.85
CA SER A 453 9.45 -4.50 -6.15
C SER A 453 8.16 -4.90 -6.93
N ASP A 454 6.98 -4.79 -6.28
CA ASP A 454 5.68 -5.13 -6.85
C ASP A 454 4.98 -4.01 -7.61
N ASP A 455 5.67 -2.88 -7.87
CA ASP A 455 5.07 -1.79 -8.64
C ASP A 455 5.82 -1.69 -9.95
N ALA A 456 5.09 -1.64 -11.07
CA ALA A 456 5.72 -1.55 -12.38
C ALA A 456 4.81 -1.03 -13.44
N MET A 457 5.44 -0.60 -14.54
CA MET A 457 4.79 -0.17 -15.76
C MET A 457 5.59 -0.79 -16.89
N LEU A 458 4.90 -1.58 -17.72
CA LEU A 458 5.50 -2.33 -18.82
C LEU A 458 5.27 -1.60 -20.13
N GLY A 459 6.32 -1.44 -20.91
CA GLY A 459 6.21 -0.72 -22.18
C GLY A 459 6.62 -1.44 -23.44
N TRP A 460 6.00 -1.02 -24.55
CA TRP A 460 6.23 -1.50 -25.90
C TRP A 460 6.43 -0.29 -26.80
N THR A 461 7.50 -0.29 -27.58
CA THR A 461 7.71 0.74 -28.58
C THR A 461 7.11 0.17 -29.87
N LYS A 462 7.30 0.84 -31.02
CA LYS A 462 6.83 0.32 -32.31
C LYS A 462 7.70 -0.89 -32.63
N GLY A 463 7.08 -1.89 -33.25
CA GLY A 463 7.78 -3.11 -33.61
C GLY A 463 6.90 -4.33 -33.58
N ARG A 464 7.53 -5.49 -33.72
CA ARG A 464 6.87 -6.79 -33.76
C ARG A 464 6.16 -7.19 -32.49
N ALA A 465 6.65 -6.75 -31.33
CA ALA A 465 6.05 -7.08 -30.03
C ALA A 465 4.81 -6.26 -29.69
N LEU A 466 4.63 -5.09 -30.33
CA LEU A 466 3.52 -4.18 -30.06
C LEU A 466 2.12 -4.80 -30.13
N VAL A 467 1.86 -5.57 -31.19
CA VAL A 467 0.56 -6.26 -31.37
C VAL A 467 0.28 -7.23 -30.19
N GLY A 468 1.32 -7.96 -29.77
CA GLY A 468 1.26 -8.89 -28.65
C GLY A 468 1.01 -8.14 -27.36
N GLY A 469 1.65 -6.98 -27.23
CA GLY A 469 1.47 -6.09 -26.09
C GLY A 469 0.01 -5.76 -25.87
N HIS A 470 -0.75 -5.44 -26.96
CA HIS A 470 -2.18 -5.13 -26.92
C HIS A 470 -3.03 -6.34 -26.53
N ARG A 471 -2.66 -7.56 -27.00
CA ARG A 471 -3.35 -8.81 -26.63
C ARG A 471 -3.17 -9.09 -25.14
N LEU A 472 -1.94 -8.88 -24.62
CA LEU A 472 -1.62 -9.07 -23.20
C LEU A 472 -2.47 -8.13 -22.33
N PHE A 473 -2.55 -6.84 -22.72
CA PHE A 473 -3.35 -5.85 -22.02
C PHE A 473 -4.83 -6.29 -22.00
N GLU A 474 -5.32 -6.80 -23.16
CA GLU A 474 -6.69 -7.31 -23.28
C GLU A 474 -6.90 -8.51 -22.34
N MET A 475 -5.91 -9.44 -22.28
CA MET A 475 -5.97 -10.61 -21.40
C MET A 475 -6.07 -10.16 -19.92
N LEU A 476 -5.32 -9.11 -19.55
CA LEU A 476 -5.36 -8.57 -18.19
C LEU A 476 -6.73 -7.98 -17.90
N LYS A 477 -7.31 -7.19 -18.85
CA LYS A 477 -8.65 -6.60 -18.71
C LYS A 477 -9.70 -7.71 -18.49
N GLU A 478 -9.65 -8.79 -19.29
CA GLU A 478 -10.56 -9.93 -19.18
C GLU A 478 -10.46 -10.61 -17.80
N GLY A 479 -9.25 -10.67 -17.25
CA GLY A 479 -8.96 -11.21 -15.93
C GLY A 479 -9.37 -12.65 -15.66
N LYS A 480 -9.33 -13.51 -16.69
CA LYS A 480 -9.71 -14.92 -16.55
C LYS A 480 -8.51 -15.84 -16.50
N VAL A 481 -7.39 -15.41 -17.10
CA VAL A 481 -6.16 -16.21 -17.14
C VAL A 481 -4.99 -15.39 -16.58
N ASN A 482 -4.24 -15.97 -15.62
CA ASN A 482 -3.06 -15.31 -15.07
C ASN A 482 -1.96 -15.36 -16.13
N PRO A 483 -1.37 -14.20 -16.53
CA PRO A 483 -0.35 -14.22 -17.60
C PRO A 483 1.03 -14.72 -17.17
N SER A 484 1.22 -14.99 -15.89
CA SER A 484 2.51 -15.44 -15.37
C SER A 484 2.43 -16.76 -14.64
N PRO A 485 3.44 -17.65 -14.77
CA PRO A 485 3.45 -18.85 -13.93
C PRO A 485 4.02 -18.58 -12.53
N TYR A 486 4.64 -17.41 -12.30
CA TYR A 486 5.35 -17.07 -11.06
C TYR A 486 4.62 -16.38 -9.95
N MET A 487 3.81 -15.37 -10.30
CA MET A 487 3.04 -14.59 -9.33
C MET A 487 1.64 -14.29 -9.90
N LYS A 488 0.70 -13.83 -9.04
CA LYS A 488 -0.65 -13.48 -9.49
C LYS A 488 -0.63 -12.04 -10.00
N ILE A 489 -0.66 -11.89 -11.33
CA ILE A 489 -0.60 -10.58 -12.02
C ILE A 489 -1.96 -10.20 -12.59
N SER A 490 -2.28 -8.92 -12.45
CA SER A 490 -3.49 -8.31 -12.99
C SER A 490 -3.11 -6.89 -13.41
N TYR A 491 -4.06 -6.09 -13.86
CA TYR A 491 -3.78 -4.71 -14.20
C TYR A 491 -4.22 -3.88 -12.99
N GLU A 492 -3.55 -2.74 -12.74
CA GLU A 492 -3.89 -1.85 -11.64
C GLU A 492 -5.16 -1.06 -12.00
N HIS A 493 -6.13 -1.01 -11.06
CA HIS A 493 -7.34 -0.22 -11.25
C HIS A 493 -6.98 1.23 -10.94
N GLY A 494 -6.59 1.95 -11.99
CA GLY A 494 -6.14 3.32 -11.82
C GLY A 494 -4.63 3.30 -11.78
N GLY A 495 -4.03 3.05 -12.94
CA GLY A 495 -2.59 2.93 -13.12
C GLY A 495 -1.74 4.02 -12.50
N ALA A 496 -0.81 3.63 -11.64
CA ALA A 496 0.11 4.55 -10.97
C ALA A 496 1.47 3.88 -10.82
N PHE A 497 2.53 4.70 -10.69
CA PHE A 497 3.86 4.17 -10.49
C PHE A 497 4.58 4.96 -9.42
N LEU A 498 4.90 4.29 -8.30
CA LEU A 498 5.60 4.85 -7.16
C LEU A 498 4.96 6.17 -6.69
N GLY A 499 3.65 6.11 -6.45
CA GLY A 499 2.85 7.24 -5.96
C GLY A 499 2.26 8.17 -6.98
N ASP A 500 2.82 8.20 -8.20
CA ASP A 500 2.35 9.10 -9.26
C ASP A 500 1.38 8.44 -10.21
N ILE A 501 0.20 9.05 -10.36
CA ILE A 501 -0.84 8.57 -11.24
C ILE A 501 -0.51 8.91 -12.68
N LEU A 502 -0.67 7.94 -13.62
CA LEU A 502 -0.46 8.22 -15.04
C LEU A 502 -1.78 8.75 -15.57
N LEU A 503 -1.86 10.08 -15.77
CA LEU A 503 -3.07 10.76 -16.24
C LEU A 503 -3.12 10.80 -17.76
N TYR A 504 -4.04 10.03 -18.34
CA TYR A 504 -4.24 9.97 -19.78
C TYR A 504 -5.25 11.03 -20.23
N ASP A 505 -5.19 11.41 -21.52
CA ASP A 505 -6.20 12.32 -22.06
C ASP A 505 -7.19 11.51 -22.93
N SER A 506 -7.94 12.17 -23.82
CA SER A 506 -8.93 11.54 -24.71
C SER A 506 -8.34 10.45 -25.62
N ARG A 507 -7.06 10.62 -26.02
CA ARG A 507 -6.35 9.68 -26.90
C ARG A 507 -6.02 8.35 -26.24
N ARG A 508 -5.88 8.32 -24.89
CA ARG A 508 -5.53 7.14 -24.09
C ARG A 508 -4.25 6.47 -24.62
N GLU A 509 -3.21 7.29 -24.86
CA GLU A 509 -1.91 6.86 -25.36
C GLU A 509 -0.82 7.43 -24.46
N PRO A 510 0.27 6.65 -24.22
CA PRO A 510 1.36 7.14 -23.34
C PRO A 510 2.02 8.45 -23.77
N GLY A 511 2.07 8.68 -25.09
CA GLY A 511 2.69 9.87 -25.68
C GLY A 511 2.12 11.16 -25.15
N SER A 512 0.80 11.20 -24.88
CA SER A 512 0.15 12.40 -24.36
C SER A 512 -0.34 12.27 -22.92
N ALA A 513 0.13 11.23 -22.22
CA ALA A 513 -0.23 11.00 -20.83
C ALA A 513 0.80 11.67 -19.95
N ILE A 514 0.39 12.15 -18.77
CA ILE A 514 1.31 12.83 -17.84
C ILE A 514 1.27 12.19 -16.46
N PHE A 515 2.40 12.19 -15.75
CA PHE A 515 2.39 11.68 -14.38
C PHE A 515 2.01 12.84 -13.43
N VAL A 516 1.04 12.60 -12.54
CA VAL A 516 0.61 13.62 -11.56
C VAL A 516 0.64 13.02 -10.16
N GLY A 517 0.82 13.84 -9.13
CA GLY A 517 0.76 13.39 -7.74
C GLY A 517 -0.63 12.87 -7.43
N ASN A 518 -0.71 11.87 -6.53
CA ASN A 518 -2.00 11.30 -6.12
C ASN A 518 -2.58 12.15 -4.98
N ILE A 519 -3.68 12.89 -5.25
CA ILE A 519 -4.31 13.76 -4.25
C ILE A 519 -4.80 13.00 -3.02
N ASN A 520 -5.22 11.74 -3.23
CA ASN A 520 -5.65 10.87 -2.13
C ASN A 520 -4.51 10.59 -1.17
N SER A 521 -3.26 10.46 -1.69
CA SER A 521 -2.05 10.26 -0.87
C SER A 521 -1.77 11.49 -0.02
N MET A 522 -2.05 12.71 -0.55
CA MET A 522 -1.86 13.93 0.22
C MET A 522 -2.77 13.88 1.44
N LEU A 523 -4.04 13.51 1.21
CA LEU A 523 -5.03 13.39 2.27
C LEU A 523 -4.67 12.31 3.30
N ASN A 524 -4.17 11.16 2.82
CA ASN A 524 -3.70 10.07 3.66
C ASN A 524 -2.59 10.57 4.57
N ASN A 525 -1.59 11.22 3.99
CA ASN A 525 -0.43 11.71 4.73
C ASN A 525 -0.77 12.82 5.71
N GLN A 526 -1.64 13.78 5.31
CA GLN A 526 -1.99 14.88 6.20
C GLN A 526 -3.00 14.53 7.29
N PHE A 527 -4.00 13.69 7.01
CA PHE A 527 -5.04 13.40 8.01
C PHE A 527 -5.05 11.98 8.59
N SER A 528 -4.30 11.05 7.99
CA SER A 528 -4.22 9.69 8.50
C SER A 528 -2.76 9.21 8.56
N PRO A 529 -1.86 9.89 9.32
CA PRO A 529 -0.48 9.39 9.39
C PRO A 529 -0.43 8.02 10.06
N GLU A 530 0.58 7.21 9.72
CA GLU A 530 0.73 5.87 10.29
C GLU A 530 1.12 5.95 11.78
N TYR A 531 1.92 6.95 12.13
CA TYR A 531 2.39 7.13 13.49
C TYR A 531 1.97 8.47 14.05
N GLY A 532 1.98 8.56 15.38
CA GLY A 532 1.75 9.82 16.07
C GLY A 532 2.99 10.71 15.96
N VAL A 533 2.91 11.92 16.51
CA VAL A 533 4.04 12.85 16.46
C VAL A 533 5.21 12.50 17.37
N GLN A 534 5.00 11.55 18.33
CA GLN A 534 5.97 11.10 19.34
C GLN A 534 6.61 12.33 20.03
N SER A 535 5.76 13.25 20.52
CA SER A 535 6.23 14.50 21.16
C SER A 535 7.14 14.30 22.39
N GLY A 536 7.09 13.10 22.97
CA GLY A 536 7.94 12.71 24.09
C GLY A 536 9.33 12.25 23.70
N VAL A 537 9.58 12.00 22.40
CA VAL A 537 10.90 11.58 21.90
C VAL A 537 11.66 12.89 21.60
N ARG A 538 12.60 13.27 22.49
CA ARG A 538 13.36 14.53 22.43
C ARG A 538 14.15 14.67 21.15
N ASP A 539 14.84 13.59 20.74
CA ASP A 539 15.64 13.61 19.51
C ASP A 539 14.71 13.37 18.33
N ARG A 540 14.38 14.46 17.62
CA ARG A 540 13.46 14.41 16.49
C ARG A 540 13.90 13.50 15.36
N SER A 541 15.21 13.39 15.13
CA SER A 541 15.76 12.53 14.08
C SER A 541 15.43 11.03 14.33
N LYS A 542 15.12 10.66 15.58
CA LYS A 542 14.74 9.29 15.95
C LYS A 542 13.24 8.99 15.78
N ARG A 543 12.40 10.03 15.62
CA ARG A 543 10.96 9.88 15.46
C ARG A 543 10.61 9.29 14.11
N LYS A 544 9.44 8.68 14.01
CA LYS A 544 8.91 8.16 12.76
C LYS A 544 8.50 9.31 11.87
N ARG A 545 8.14 10.47 12.46
CA ARG A 545 7.76 11.69 11.71
C ARG A 545 8.59 12.84 12.31
N PRO A 546 9.89 12.99 11.94
CA PRO A 546 10.73 14.01 12.57
C PRO A 546 10.25 15.46 12.51
N PHE A 547 9.84 15.93 11.32
CA PHE A 547 9.43 17.32 11.11
C PHE A 547 8.15 17.36 10.26
N PRO A 548 7.00 17.01 10.86
CA PRO A 548 5.73 16.96 10.09
C PRO A 548 5.33 18.27 9.38
N GLY A 549 5.66 19.41 9.96
CA GLY A 549 5.33 20.72 9.43
C GLY A 549 5.92 21.02 8.07
N LEU A 550 7.11 20.43 7.77
CA LEU A 550 7.86 20.61 6.51
C LEU A 550 7.14 20.17 5.26
N ALA A 551 6.24 19.16 5.36
CA ALA A 551 5.44 18.64 4.24
C ALA A 551 4.57 19.72 3.57
N TRP A 552 4.21 20.79 4.30
CA TRP A 552 3.44 21.91 3.76
C TRP A 552 4.24 22.65 2.69
N ALA A 553 5.56 22.77 2.88
CA ALA A 553 6.44 23.47 1.95
C ALA A 553 6.69 22.71 0.64
N SER A 554 6.52 21.38 0.63
CA SER A 554 6.75 20.53 -0.56
C SER A 554 5.44 20.10 -1.22
N MET A 555 4.29 20.38 -0.57
CA MET A 555 2.95 20.02 -1.05
C MET A 555 2.65 20.43 -2.51
N LYS A 556 2.90 21.70 -2.86
CA LYS A 556 2.65 22.26 -4.19
C LYS A 556 3.51 21.53 -5.22
N ASP A 557 4.79 21.28 -4.89
CA ASP A 557 5.64 20.54 -5.82
C ASP A 557 5.16 19.08 -6.03
N THR A 558 4.81 18.40 -4.92
CA THR A 558 4.36 17.01 -4.92
C THR A 558 2.98 16.82 -5.57
N TYR A 559 1.99 17.64 -5.15
CA TYR A 559 0.60 17.48 -5.58
C TYR A 559 -0.01 18.53 -6.50
N GLY A 560 0.68 19.63 -6.74
CA GLY A 560 0.22 20.74 -7.57
C GLY A 560 -0.30 20.39 -8.95
N ALA A 561 0.25 19.32 -9.57
CA ALA A 561 -0.14 18.86 -10.91
C ALA A 561 -1.45 18.07 -10.93
N CYS A 562 -2.01 17.71 -9.76
CA CYS A 562 -3.29 17.00 -9.75
C CYS A 562 -4.38 17.94 -10.24
N PRO A 563 -5.23 17.51 -11.21
CA PRO A 563 -6.29 18.41 -11.72
C PRO A 563 -7.16 19.11 -10.66
N ILE A 564 -7.42 18.43 -9.52
CA ILE A 564 -8.27 18.92 -8.45
C ILE A 564 -7.54 19.45 -7.21
N TYR A 565 -6.23 19.72 -7.33
CA TYR A 565 -5.41 20.24 -6.23
C TYR A 565 -6.04 21.41 -5.45
N SER A 566 -6.35 22.52 -6.16
CA SER A 566 -6.96 23.74 -5.59
C SER A 566 -8.31 23.47 -4.93
N ASP A 567 -9.15 22.66 -5.60
CA ASP A 567 -10.47 22.26 -5.12
C ASP A 567 -10.39 21.57 -3.76
N VAL A 568 -9.41 20.66 -3.61
CA VAL A 568 -9.18 19.89 -2.38
C VAL A 568 -8.73 20.81 -1.24
N LEU A 569 -7.77 21.71 -1.53
CA LEU A 569 -7.28 22.64 -0.52
C LEU A 569 -8.37 23.58 -0.01
N GLU A 570 -9.27 24.03 -0.91
CA GLU A 570 -10.39 24.88 -0.53
C GLU A 570 -11.40 24.09 0.27
N ALA A 571 -11.67 22.81 -0.11
CA ALA A 571 -12.59 21.93 0.60
C ALA A 571 -12.07 21.67 2.01
N ILE A 572 -10.74 21.47 2.15
CA ILE A 572 -10.09 21.29 3.45
C ILE A 572 -10.34 22.54 4.33
N GLU A 573 -10.04 23.73 3.78
CA GLU A 573 -10.17 25.01 4.47
C GLU A 573 -11.59 25.23 5.00
N ARG A 574 -12.58 24.99 4.11
CA ARG A 574 -14.00 25.13 4.42
C ARG A 574 -14.41 24.15 5.53
N CYS A 575 -14.06 22.86 5.39
CA CYS A 575 -14.40 21.83 6.37
C CYS A 575 -13.70 22.02 7.73
N TRP A 576 -12.44 22.47 7.71
CA TRP A 576 -11.66 22.72 8.93
C TRP A 576 -12.26 23.91 9.68
N TRP A 577 -12.70 24.95 8.95
CA TRP A 577 -13.38 26.11 9.53
C TRP A 577 -14.65 25.65 10.24
N ASN A 578 -15.45 24.79 9.57
CA ASN A 578 -16.70 24.25 10.12
C ASN A 578 -16.46 23.44 11.40
N ALA A 579 -15.41 22.61 11.41
CA ALA A 579 -15.07 21.75 12.54
C ALA A 579 -14.32 22.42 13.71
N PHE A 580 -13.33 23.28 13.42
CA PHE A 580 -12.49 23.88 14.46
C PHE A 580 -12.64 25.38 14.67
N GLY A 581 -13.26 26.05 13.71
CA GLY A 581 -13.40 27.50 13.72
C GLY A 581 -12.04 28.16 13.62
N GLU A 582 -11.16 27.56 12.77
CA GLU A 582 -9.80 28.03 12.54
C GLU A 582 -9.43 27.83 11.10
N SER A 583 -8.37 28.53 10.63
CA SER A 583 -7.86 28.39 9.27
C SER A 583 -6.84 27.24 9.24
N TYR A 584 -7.08 26.22 8.41
CA TYR A 584 -6.15 25.10 8.29
C TYR A 584 -4.83 25.58 7.71
N ARG A 585 -4.88 26.43 6.66
CA ARG A 585 -3.70 27.01 6.02
C ARG A 585 -2.82 27.74 7.06
N ALA A 586 -3.42 28.59 7.91
CA ALA A 586 -2.67 29.30 8.96
C ALA A 586 -2.06 28.32 9.98
N TYR A 587 -2.82 27.28 10.34
CA TYR A 587 -2.39 26.24 11.27
C TYR A 587 -1.14 25.53 10.73
N ARG A 588 -1.14 25.21 9.42
CA ARG A 588 0.00 24.54 8.77
C ARG A 588 1.17 25.47 8.57
N GLU A 589 0.91 26.79 8.33
CA GLU A 589 1.97 27.79 8.19
C GLU A 589 2.71 27.94 9.51
N ASP A 590 1.97 27.92 10.65
CA ASP A 590 2.59 28.00 11.98
C ASP A 590 3.47 26.77 12.23
N MET A 591 2.94 25.56 11.93
CA MET A 591 3.67 24.29 12.09
C MET A 591 4.92 24.27 11.22
N LEU A 592 4.81 24.78 9.98
CA LEU A 592 5.92 24.87 9.03
C LEU A 592 7.02 25.76 9.61
N LYS A 593 6.65 26.93 10.18
CA LYS A 593 7.60 27.86 10.78
C LYS A 593 8.32 27.20 11.94
N ARG A 594 7.59 26.55 12.87
CA ARG A 594 8.16 25.89 14.05
C ARG A 594 9.13 24.79 13.66
N ASP A 595 8.74 23.93 12.71
CA ASP A 595 9.59 22.83 12.24
C ASP A 595 10.80 23.27 11.46
N THR A 596 10.71 24.39 10.72
CA THR A 596 11.84 24.96 9.97
C THR A 596 12.90 25.41 10.97
N LEU A 597 12.48 26.07 12.07
CA LEU A 597 13.36 26.55 13.14
C LEU A 597 14.02 25.40 13.88
N GLU A 598 13.23 24.35 14.19
CA GLU A 598 13.70 23.16 14.89
C GLU A 598 14.73 22.40 14.04
N LEU A 599 14.52 22.36 12.70
CA LEU A 599 15.41 21.68 11.77
C LEU A 599 16.87 22.18 11.84
N SER A 600 17.08 23.49 11.98
CA SER A 600 18.44 24.06 12.01
C SER A 600 19.29 23.49 13.16
N ARG A 601 18.64 23.02 14.24
CA ARG A 601 19.32 22.43 15.39
C ARG A 601 19.98 21.09 15.00
N TYR A 602 19.46 20.46 13.95
CA TYR A 602 19.89 19.14 13.48
C TYR A 602 20.84 19.15 12.30
N VAL A 603 20.91 20.27 11.56
CA VAL A 603 21.72 20.41 10.35
C VAL A 603 22.91 21.35 10.63
N ALA A 604 24.14 20.79 10.60
CA ALA A 604 25.38 21.54 10.86
C ALA A 604 25.56 22.78 9.96
N SER A 605 25.18 22.65 8.66
CA SER A 605 25.27 23.72 7.67
C SER A 605 24.22 24.82 7.89
N MET A 606 23.17 24.53 8.67
CA MET A 606 22.10 25.46 8.95
C MET A 606 22.32 26.29 10.19
N ALA A 607 22.35 27.61 9.99
CA ALA A 607 22.48 28.59 11.05
C ALA A 607 21.16 28.66 11.80
N ARG A 608 21.20 29.14 13.06
CA ARG A 608 20.11 29.32 14.03
C ARG A 608 18.69 29.62 13.46
N GLN A 609 18.62 30.29 12.30
CA GLN A 609 17.39 30.61 11.56
C GLN A 609 17.68 30.64 10.03
N ALA A 610 18.21 29.52 9.51
CA ALA A 610 18.61 29.40 8.11
C ALA A 610 17.52 29.40 7.02
N GLY A 611 16.41 28.73 7.28
CA GLY A 611 15.34 28.61 6.29
C GLY A 611 15.49 27.38 5.39
N LEU A 612 14.48 27.08 4.59
CA LEU A 612 14.47 25.87 3.72
C LEU A 612 15.03 26.07 2.29
N ALA A 613 15.62 27.23 2.01
CA ALA A 613 16.13 27.63 0.69
C ALA A 613 16.95 26.57 -0.07
N GLU A 614 17.91 25.91 0.61
CA GLU A 614 18.76 24.93 -0.07
C GLU A 614 18.16 23.51 -0.20
N LEU A 615 17.00 23.26 0.43
CA LEU A 615 16.34 21.95 0.44
C LEU A 615 15.40 21.70 -0.71
N THR A 616 15.40 20.47 -1.22
CA THR A 616 14.54 20.06 -2.33
C THR A 616 13.18 19.57 -1.82
N PRO A 617 12.17 19.42 -2.70
CA PRO A 617 10.88 18.84 -2.26
C PRO A 617 11.05 17.42 -1.69
N ILE A 618 11.96 16.59 -2.28
CA ILE A 618 12.27 15.24 -1.78
C ILE A 618 12.78 15.33 -0.34
N ASP A 619 13.74 16.24 -0.07
CA ASP A 619 14.30 16.47 1.26
C ASP A 619 13.19 16.73 2.27
N LEU A 620 12.23 17.60 1.91
CA LEU A 620 11.12 17.97 2.78
C LEU A 620 10.14 16.83 3.07
N GLU A 621 9.76 16.05 2.02
CA GLU A 621 8.85 14.90 2.14
C GLU A 621 9.44 13.80 3.04
N VAL A 622 10.77 13.61 2.92
CA VAL A 622 11.56 12.63 3.67
C VAL A 622 11.70 13.07 5.13
N LEU A 623 11.94 14.37 5.38
CA LEU A 623 12.05 14.85 6.76
C LEU A 623 10.73 14.75 7.53
N ALA A 624 9.60 14.84 6.81
CA ALA A 624 8.27 14.72 7.39
C ALA A 624 7.90 13.24 7.50
N ASP A 625 8.45 12.40 6.58
CA ASP A 625 8.14 10.97 6.54
C ASP A 625 9.33 10.14 6.04
N PRO A 626 10.29 9.75 6.91
CA PRO A 626 11.45 8.96 6.43
C PRO A 626 11.13 7.56 5.90
N ASN A 627 9.88 7.12 6.08
CA ASN A 627 9.40 5.85 5.56
C ASN A 627 9.46 5.89 4.05
N LYS A 628 9.39 7.09 3.46
CA LYS A 628 9.49 7.32 2.01
C LYS A 628 10.89 6.94 1.48
N LEU A 629 11.89 6.92 2.38
CA LEU A 629 13.28 6.55 2.09
C LEU A 629 13.45 5.01 2.09
N GLN A 630 12.40 4.28 2.51
CA GLN A 630 12.38 2.82 2.60
C GLN A 630 11.50 2.15 1.56
N TYR A 631 10.78 2.93 0.73
CA TYR A 631 9.91 2.36 -0.29
C TYR A 631 9.81 3.20 -1.57
N LYS A 632 10.04 4.51 -1.48
CA LYS A 632 9.88 5.43 -2.59
C LYS A 632 11.21 5.92 -3.17
N TRP A 633 12.09 6.45 -2.31
CA TRP A 633 13.38 7.00 -2.73
C TRP A 633 14.56 6.25 -2.13
N THR A 634 15.77 6.70 -2.50
CA THR A 634 17.04 6.16 -2.01
C THR A 634 17.95 7.32 -1.56
N GLN A 635 19.07 6.97 -0.89
CA GLN A 635 20.09 7.88 -0.35
C GLN A 635 20.53 8.98 -1.32
N ALA A 636 20.82 8.61 -2.59
CA ALA A 636 21.29 9.55 -3.61
C ALA A 636 20.25 10.63 -3.99
N ASP A 637 18.96 10.38 -3.70
CA ASP A 637 17.87 11.31 -4.01
C ASP A 637 17.76 12.44 -2.98
N VAL A 638 18.43 12.27 -1.85
CA VAL A 638 18.39 13.18 -0.70
C VAL A 638 19.70 13.97 -0.60
N SER A 639 19.61 15.28 -0.30
CA SER A 639 20.79 16.11 -0.08
C SER A 639 21.62 15.46 1.03
N ALA A 640 22.95 15.48 0.89
CA ALA A 640 23.89 14.86 1.82
C ALA A 640 23.72 15.35 3.26
N ASN A 641 23.51 16.67 3.46
CA ASN A 641 23.32 17.23 4.80
C ASN A 641 22.02 16.77 5.48
N ILE A 642 21.02 16.36 4.68
CA ILE A 642 19.72 15.87 5.16
C ILE A 642 19.81 14.37 5.47
N HIS A 643 20.51 13.60 4.63
CA HIS A 643 20.70 12.17 4.86
C HIS A 643 21.37 11.92 6.22
N GLU A 644 22.35 12.78 6.58
CA GLU A 644 23.07 12.73 7.85
C GLU A 644 22.15 12.93 9.07
N VAL A 645 21.03 13.64 8.89
CA VAL A 645 20.05 13.88 9.97
C VAL A 645 19.38 12.56 10.34
N LEU A 646 19.06 11.75 9.34
CA LEU A 646 18.32 10.50 9.50
C LEU A 646 19.13 9.24 9.65
N MET A 647 20.36 9.22 9.13
CA MET A 647 21.23 8.05 9.13
C MET A 647 22.60 8.32 9.70
N HIS A 648 23.24 7.27 10.20
CA HIS A 648 24.62 7.29 10.63
C HIS A 648 25.29 6.06 10.03
N GLY A 649 26.60 6.13 9.83
CA GLY A 649 27.30 5.05 9.18
C GLY A 649 28.51 4.48 9.88
N VAL A 650 28.84 3.26 9.51
CA VAL A 650 30.03 2.53 9.91
C VAL A 650 31.05 2.97 8.84
N SER A 651 32.33 3.22 9.20
CA SER A 651 33.35 3.66 8.24
C SER A 651 33.52 2.77 7.01
N VAL A 652 33.82 3.38 5.84
CA VAL A 652 34.06 2.67 4.58
C VAL A 652 35.32 1.79 4.69
N GLU A 653 36.23 2.09 5.65
CA GLU A 653 37.47 1.33 5.89
C GLU A 653 37.13 -0.07 6.40
N LYS A 654 36.18 -0.17 7.35
CA LYS A 654 35.71 -1.44 7.91
C LYS A 654 34.86 -2.22 6.90
N THR A 655 34.02 -1.52 6.11
CA THR A 655 33.17 -2.18 5.11
C THR A 655 33.98 -2.64 3.90
N GLU A 656 34.99 -1.84 3.50
CA GLU A 656 35.89 -2.14 2.38
C GLU A 656 36.61 -3.46 2.63
N ARG A 657 37.13 -3.65 3.86
CA ARG A 657 37.82 -4.87 4.30
C ARG A 657 36.85 -6.06 4.31
N PHE A 658 35.61 -5.82 4.77
CA PHE A 658 34.58 -6.84 4.82
C PHE A 658 34.21 -7.29 3.39
N LEU A 659 33.95 -6.31 2.52
CA LEU A 659 33.54 -6.55 1.14
C LEU A 659 34.56 -7.31 0.32
N ARG A 660 35.86 -7.06 0.54
CA ARG A 660 36.98 -7.72 -0.12
C ARG A 660 36.94 -9.23 0.16
N SER A 661 36.58 -9.61 1.40
CA SER A 661 36.50 -10.99 1.86
C SER A 661 35.28 -11.76 1.33
N VAL A 662 34.21 -11.05 0.93
CA VAL A 662 32.93 -11.62 0.45
C VAL A 662 32.97 -11.90 -1.06
N MET A 663 33.38 -10.88 -1.77
CA MET A 663 33.35 -10.81 -3.21
C MET A 663 34.34 -11.66 -3.96
N PRO A 664 33.99 -12.07 -5.20
CA PRO A 664 34.92 -12.87 -6.00
C PRO A 664 36.20 -12.09 -6.37
N ARG A 665 37.35 -12.80 -6.36
CA ARG A 665 38.72 -12.36 -6.70
C ARG A 665 39.04 -10.84 -6.65
N PRO B 2 -33.22 41.09 46.54
CA PRO B 2 -32.70 42.43 46.23
C PRO B 2 -32.49 42.67 44.73
N ARG B 3 -33.40 42.16 43.88
CA ARG B 3 -33.46 42.29 42.40
C ARG B 3 -32.33 41.62 41.64
N ARG B 4 -32.70 40.67 40.82
CA ARG B 4 -31.72 40.02 39.97
C ARG B 4 -31.54 40.88 38.74
N ALA B 5 -30.32 40.88 38.20
CA ALA B 5 -30.03 41.64 36.98
C ALA B 5 -30.69 40.94 35.81
N PRO B 6 -31.30 41.68 34.86
CA PRO B 6 -31.87 41.00 33.69
C PRO B 6 -30.74 40.40 32.86
N ALA B 7 -31.02 39.26 32.22
CA ALA B 7 -30.04 38.60 31.37
C ALA B 7 -30.71 38.25 30.06
N PHE B 8 -29.98 38.45 28.96
CA PHE B 8 -30.51 38.23 27.62
C PHE B 8 -29.60 37.32 26.80
N PRO B 9 -30.13 36.23 26.19
CA PRO B 9 -29.27 35.39 25.34
C PRO B 9 -28.89 36.14 24.07
N LEU B 10 -27.82 35.69 23.38
CA LEU B 10 -27.37 36.33 22.14
C LEU B 10 -28.49 36.47 21.10
N SER B 11 -29.42 35.50 21.04
CA SER B 11 -30.57 35.51 20.13
C SER B 11 -31.50 36.71 20.35
N ASP B 12 -31.57 37.25 21.60
CA ASP B 12 -32.42 38.38 21.95
C ASP B 12 -32.01 39.63 21.21
N ILE B 13 -32.99 40.44 20.78
CA ILE B 13 -32.75 41.72 20.10
C ILE B 13 -31.79 42.64 20.87
N LYS B 14 -31.92 42.68 22.23
CA LYS B 14 -31.06 43.52 23.07
C LYS B 14 -29.58 43.15 22.95
N ALA B 15 -29.30 41.86 22.70
CA ALA B 15 -27.95 41.35 22.51
C ALA B 15 -27.52 41.59 21.05
N GLN B 16 -28.43 41.31 20.10
CA GLN B 16 -28.18 41.49 18.67
C GLN B 16 -27.78 42.93 18.31
N MET B 17 -28.41 43.92 18.97
CA MET B 17 -28.17 45.34 18.78
C MET B 17 -26.75 45.76 19.14
N LEU B 18 -26.01 44.92 19.90
CA LEU B 18 -24.63 45.22 20.33
C LEU B 18 -23.61 44.93 19.25
N PHE B 19 -24.00 44.21 18.21
CA PHE B 19 -23.09 43.78 17.16
C PHE B 19 -23.52 44.28 15.81
N ALA B 20 -22.67 45.11 15.20
CA ALA B 20 -22.91 45.69 13.89
C ALA B 20 -22.96 44.63 12.77
N ASN B 21 -23.54 45.02 11.62
CA ASN B 21 -23.70 44.14 10.47
C ASN B 21 -22.42 43.95 9.66
N ASN B 22 -21.39 43.40 10.31
CA ASN B 22 -20.10 43.07 9.71
C ASN B 22 -19.57 41.77 10.30
N ILE B 23 -18.72 41.05 9.53
CA ILE B 23 -18.13 39.76 9.91
C ILE B 23 -17.42 39.80 11.27
N LYS B 24 -16.56 40.79 11.50
CA LYS B 24 -15.82 40.91 12.76
C LYS B 24 -16.71 41.00 14.01
N ALA B 25 -17.74 41.87 13.95
CA ALA B 25 -18.67 42.07 15.07
C ALA B 25 -19.50 40.80 15.30
N GLN B 26 -19.97 40.17 14.20
CA GLN B 26 -20.75 38.94 14.29
C GLN B 26 -19.91 37.79 14.85
N GLN B 27 -18.63 37.67 14.43
CA GLN B 27 -17.71 36.65 14.97
C GLN B 27 -17.49 36.86 16.47
N ALA B 28 -17.36 38.14 16.91
CA ALA B 28 -17.13 38.47 18.31
C ALA B 28 -18.30 38.05 19.18
N SER B 29 -19.53 38.25 18.69
CA SER B 29 -20.75 37.87 19.39
C SER B 29 -20.81 36.37 19.65
N LYS B 30 -20.47 35.56 18.64
CA LYS B 30 -20.54 34.10 18.63
C LYS B 30 -19.28 33.36 19.12
N ARG B 31 -18.10 34.03 19.21
CA ARG B 31 -16.82 33.40 19.59
C ARG B 31 -16.94 32.44 20.77
N SER B 32 -16.64 31.15 20.52
CA SER B 32 -16.73 30.10 21.52
C SER B 32 -15.44 30.02 22.36
N PHE B 33 -15.48 29.18 23.44
CA PHE B 33 -14.34 28.92 24.32
C PHE B 33 -13.21 28.34 23.48
N LYS B 34 -12.01 28.94 23.58
CA LYS B 34 -10.83 28.49 22.85
C LYS B 34 -9.65 28.27 23.80
N GLU B 35 -8.84 27.22 23.51
CA GLU B 35 -7.63 26.90 24.28
C GLU B 35 -6.59 26.19 23.40
N GLY B 36 -5.33 26.35 23.79
CA GLY B 36 -4.18 25.78 23.09
C GLY B 36 -2.89 26.35 23.59
N ALA B 37 -1.78 25.60 23.43
CA ALA B 37 -0.46 26.04 23.86
C ALA B 37 -0.05 27.34 23.18
N ILE B 38 0.55 28.26 23.94
CA ILE B 38 1.03 29.53 23.38
C ILE B 38 2.40 29.32 22.80
N GLU B 39 2.76 30.14 21.80
CA GLU B 39 4.07 30.05 21.20
C GLU B 39 4.92 30.98 22.02
N THR B 40 5.47 30.44 23.13
CA THR B 40 6.29 31.17 24.10
C THR B 40 7.34 32.05 23.38
N TYR B 41 8.08 31.45 22.44
CA TYR B 41 9.06 32.08 21.58
C TYR B 41 8.92 31.40 20.24
N GLU B 42 9.47 32.00 19.17
CA GLU B 42 9.40 31.46 17.83
C GLU B 42 9.83 30.00 17.82
N GLY B 43 8.94 29.13 17.36
CA GLY B 43 9.21 27.70 17.26
C GLY B 43 9.23 26.92 18.56
N LEU B 44 8.71 27.53 19.68
CA LEU B 44 8.65 26.88 20.99
C LEU B 44 7.29 27.06 21.64
N LEU B 45 6.56 25.97 21.83
CA LEU B 45 5.24 25.99 22.49
C LEU B 45 5.42 25.74 23.99
N SER B 46 4.59 26.42 24.80
CA SER B 46 4.60 26.39 26.27
C SER B 46 4.53 24.97 26.87
N VAL B 47 4.05 23.99 26.09
CA VAL B 47 3.89 22.60 26.54
C VAL B 47 4.97 21.62 26.02
N ASP B 48 5.98 22.16 25.31
CA ASP B 48 7.10 21.37 24.80
C ASP B 48 7.73 20.57 25.96
N PRO B 49 7.90 19.24 25.83
CA PRO B 49 8.47 18.46 26.95
C PRO B 49 9.81 18.97 27.49
N ARG B 50 10.71 19.49 26.63
CA ARG B 50 12.02 20.04 27.08
C ARG B 50 11.78 21.30 27.93
N PHE B 51 10.84 22.15 27.51
CA PHE B 51 10.50 23.38 28.21
C PHE B 51 9.90 23.11 29.59
N LEU B 52 8.99 22.12 29.68
CA LEU B 52 8.38 21.75 30.96
C LEU B 52 9.40 21.08 31.88
N SER B 53 10.34 20.30 31.32
CA SER B 53 11.43 19.64 32.06
C SER B 53 12.31 20.72 32.68
N PHE B 54 12.63 21.76 31.87
CA PHE B 54 13.42 22.93 32.25
C PHE B 54 12.76 23.66 33.41
N LYS B 55 11.44 23.96 33.28
CA LYS B 55 10.63 24.64 34.30
C LYS B 55 10.59 23.82 35.58
N ASN B 56 10.44 22.49 35.47
CA ASN B 56 10.40 21.62 36.63
C ASN B 56 11.73 21.66 37.39
N GLU B 57 12.87 21.51 36.68
CA GLU B 57 14.21 21.56 37.28
C GLU B 57 14.52 22.93 37.90
N LEU B 58 14.30 24.03 37.13
CA LEU B 58 14.56 25.39 37.57
C LEU B 58 13.75 25.84 38.78
N SER B 59 12.41 25.63 38.75
CA SER B 59 11.52 26.01 39.86
C SER B 59 11.89 25.28 41.16
N ARG B 60 12.24 23.99 41.06
CA ARG B 60 12.63 23.17 42.20
C ARG B 60 13.97 23.61 42.77
N TYR B 61 14.99 23.81 41.90
CA TYR B 61 16.34 24.24 42.28
C TYR B 61 16.34 25.60 42.97
N LEU B 62 15.70 26.61 42.34
CA LEU B 62 15.65 27.96 42.88
C LEU B 62 14.92 28.03 44.20
N THR B 63 13.78 27.32 44.37
CA THR B 63 13.04 27.31 45.64
C THR B 63 13.92 26.70 46.74
N ASP B 64 14.63 25.60 46.40
CA ASP B 64 15.51 24.91 47.33
C ASP B 64 16.66 25.78 47.83
N HIS B 65 17.41 26.38 46.89
CA HIS B 65 18.59 27.19 47.19
C HIS B 65 18.29 28.60 47.61
N PHE B 66 17.14 29.14 47.19
CA PHE B 66 16.79 30.52 47.53
C PHE B 66 15.43 30.62 48.20
N PRO B 67 15.33 30.17 49.49
CA PRO B 67 14.06 30.27 50.19
C PRO B 67 13.73 31.75 50.43
N ALA B 68 12.44 32.06 50.58
CA ALA B 68 11.99 33.42 50.82
C ALA B 68 12.62 34.02 52.07
N ASN B 69 13.03 35.30 51.99
CA ASN B 69 13.60 36.06 53.09
C ASN B 69 12.67 37.22 53.36
N VAL B 70 11.56 36.92 54.04
CA VAL B 70 10.53 37.89 54.40
C VAL B 70 10.30 37.78 55.91
N ASP B 71 10.51 38.89 56.63
CA ASP B 71 10.32 38.86 58.08
C ASP B 71 8.85 38.83 58.53
N GLU B 72 8.64 38.80 59.86
CA GLU B 72 7.34 38.74 60.54
C GLU B 72 6.43 39.91 60.14
N TYR B 73 7.04 41.04 59.71
CA TYR B 73 6.36 42.27 59.30
C TYR B 73 6.24 42.40 57.77
N GLY B 74 6.49 41.31 57.05
CA GLY B 74 6.40 41.30 55.60
C GLY B 74 7.45 42.11 54.90
N ARG B 75 8.58 42.41 55.59
CA ARG B 75 9.70 43.15 55.00
C ARG B 75 10.65 42.16 54.32
N VAL B 76 11.06 42.45 53.08
CA VAL B 76 12.01 41.60 52.38
C VAL B 76 13.44 41.99 52.79
N TYR B 77 14.30 40.99 53.04
CA TYR B 77 15.71 41.17 53.40
C TYR B 77 16.54 40.12 52.61
N GLY B 78 17.82 40.02 52.95
CA GLY B 78 18.76 39.05 52.40
C GLY B 78 18.80 38.91 50.89
N ASN B 79 18.44 37.72 50.39
CA ASN B 79 18.45 37.36 48.96
C ASN B 79 17.45 38.08 48.04
N GLY B 80 16.50 38.82 48.63
CA GLY B 80 15.48 39.53 47.89
C GLY B 80 14.42 38.65 47.26
N VAL B 81 14.11 37.51 47.90
CA VAL B 81 13.10 36.53 47.43
C VAL B 81 11.91 36.56 48.39
N ARG B 82 10.67 36.65 47.85
CA ARG B 82 9.46 36.66 48.67
C ARG B 82 8.60 35.39 48.72
N THR B 83 8.75 34.49 47.72
CA THR B 83 8.03 33.21 47.67
C THR B 83 8.85 32.17 46.97
N ASN B 84 8.26 30.98 46.80
CA ASN B 84 8.83 29.90 46.04
C ASN B 84 8.84 30.32 44.55
N PHE B 85 9.46 29.49 43.71
CA PHE B 85 9.56 29.75 42.28
C PHE B 85 8.62 28.86 41.46
N PHE B 86 7.65 28.22 42.15
CA PHE B 86 6.69 27.31 41.53
C PHE B 86 5.62 27.95 40.66
N GLY B 87 5.51 29.28 40.70
CA GLY B 87 4.55 30.03 39.89
C GLY B 87 4.67 29.81 38.38
N MET B 88 5.87 29.44 37.91
CA MET B 88 6.13 29.15 36.49
C MET B 88 5.50 27.83 36.00
N ARG B 89 5.11 26.95 36.94
CA ARG B 89 4.57 25.62 36.63
C ARG B 89 3.14 25.56 36.04
N HIS B 90 2.90 26.27 34.95
CA HIS B 90 1.58 26.24 34.32
C HIS B 90 1.68 25.84 32.84
N MET B 91 0.56 25.35 32.30
CA MET B 91 0.42 24.94 30.91
C MET B 91 -0.18 26.14 30.20
N ASN B 92 0.67 27.18 29.94
CA ASN B 92 0.31 28.46 29.31
C ASN B 92 -0.49 28.32 28.02
N GLY B 93 -1.70 28.88 28.04
CA GLY B 93 -2.65 28.82 26.93
C GLY B 93 -3.85 27.95 27.23
N PHE B 94 -3.78 27.19 28.36
CA PHE B 94 -4.86 26.32 28.81
C PHE B 94 -5.41 26.92 30.12
N PRO B 95 -6.64 27.47 30.08
CA PRO B 95 -7.18 28.14 31.28
C PRO B 95 -7.81 27.22 32.30
N MET B 96 -7.99 27.75 33.52
CA MET B 96 -8.72 27.06 34.57
C MET B 96 -10.18 27.05 34.08
N ILE B 97 -10.96 26.04 34.47
CA ILE B 97 -12.35 25.96 34.03
C ILE B 97 -13.29 25.85 35.24
N PRO B 98 -14.31 26.72 35.32
CA PRO B 98 -14.66 27.80 34.39
C PRO B 98 -14.02 29.12 34.81
N ALA B 99 -14.16 30.15 33.98
CA ALA B 99 -13.72 31.48 34.37
C ALA B 99 -14.94 32.08 35.10
N THR B 100 -14.76 33.17 35.85
CA THR B 100 -15.89 33.73 36.58
C THR B 100 -16.91 34.43 35.70
N TRP B 101 -18.14 34.45 36.15
CA TRP B 101 -19.18 35.24 35.52
C TRP B 101 -19.07 36.55 36.29
N PRO B 102 -18.95 37.71 35.61
CA PRO B 102 -18.82 38.96 36.36
C PRO B 102 -20.08 39.31 37.14
N LEU B 103 -19.90 39.66 38.43
CA LEU B 103 -20.95 40.07 39.34
C LEU B 103 -21.62 41.34 38.79
N ALA B 104 -22.95 41.28 38.60
CA ALA B 104 -23.74 42.41 38.10
C ALA B 104 -23.89 43.51 39.16
N SER B 105 -23.81 43.14 40.46
CA SER B 105 -23.90 44.07 41.58
C SER B 105 -22.95 43.67 42.69
N ASN B 106 -22.14 44.63 43.16
CA ASN B 106 -21.18 44.38 44.22
C ASN B 106 -21.67 44.91 45.57
N LEU B 107 -22.94 45.34 45.63
CA LEU B 107 -23.50 45.94 46.83
C LEU B 107 -23.49 45.00 48.03
N LYS B 108 -24.02 43.77 47.86
CA LYS B 108 -24.07 42.73 48.91
C LYS B 108 -22.65 42.29 49.26
N LYS B 109 -21.77 42.12 48.24
CA LYS B 109 -20.37 41.74 48.42
C LYS B 109 -19.69 42.71 49.43
N ARG B 110 -19.87 44.04 49.21
CA ARG B 110 -19.33 45.11 50.04
C ARG B 110 -19.92 45.08 51.45
N ALA B 111 -21.26 44.98 51.55
CA ALA B 111 -22.02 44.93 52.81
C ALA B 111 -21.56 43.75 53.67
N ASP B 112 -21.49 42.55 53.07
CA ASP B 112 -21.07 41.34 53.76
C ASP B 112 -19.61 41.37 54.20
N ALA B 113 -18.77 42.20 53.53
CA ALA B 113 -17.36 42.36 53.90
C ALA B 113 -17.22 43.47 54.96
N ASP B 114 -18.36 44.02 55.42
CA ASP B 114 -18.47 45.11 56.39
C ASP B 114 -17.81 46.40 55.90
N LEU B 115 -17.98 46.70 54.60
CA LEU B 115 -17.46 47.90 53.96
C LEU B 115 -18.59 48.91 53.79
N ALA B 116 -18.28 50.21 53.97
CA ALA B 116 -19.22 51.33 53.93
C ALA B 116 -19.94 51.55 52.61
N ASP B 117 -21.22 52.01 52.68
CA ASP B 117 -22.05 52.31 51.52
C ASP B 117 -22.03 53.80 51.12
N GLY B 118 -21.06 54.51 51.69
CA GLY B 118 -20.83 55.93 51.44
C GLY B 118 -19.76 56.44 52.40
N PRO B 119 -19.33 57.71 52.25
CA PRO B 119 -18.35 58.26 53.20
C PRO B 119 -18.86 58.15 54.64
N VAL B 120 -18.00 57.71 55.56
CA VAL B 120 -18.37 57.47 56.96
C VAL B 120 -18.65 58.77 57.73
N SER B 121 -17.77 59.77 57.56
CA SER B 121 -17.83 61.07 58.22
C SER B 121 -17.82 62.20 57.20
N GLU B 122 -18.12 63.45 57.67
CA GLU B 122 -18.09 64.62 56.79
C GLU B 122 -16.67 64.91 56.30
N ARG B 123 -15.66 64.65 57.16
CA ARG B 123 -14.24 64.80 56.82
C ARG B 123 -13.91 63.98 55.58
N ASP B 124 -14.28 62.68 55.59
CA ASP B 124 -14.05 61.74 54.49
C ASP B 124 -14.76 62.20 53.22
N ASN B 125 -16.01 62.69 53.36
CA ASN B 125 -16.78 63.23 52.24
C ASN B 125 -16.05 64.44 51.64
N LEU B 126 -15.48 65.33 52.48
CA LEU B 126 -14.72 66.49 52.01
C LEU B 126 -13.45 66.06 51.29
N LEU B 127 -12.76 65.03 51.80
CA LEU B 127 -11.50 64.54 51.23
C LEU B 127 -11.69 63.90 49.85
N PHE B 128 -12.72 63.05 49.68
CA PHE B 128 -13.04 62.43 48.40
C PHE B 128 -13.39 63.52 47.39
N ARG B 129 -14.17 64.53 47.81
CA ARG B 129 -14.56 65.67 46.98
C ARG B 129 -13.38 66.57 46.66
N ALA B 130 -12.42 66.70 47.63
CA ALA B 130 -11.18 67.48 47.49
C ALA B 130 -10.26 66.85 46.46
N ALA B 131 -10.28 65.51 46.34
CA ALA B 131 -9.52 64.75 45.35
C ALA B 131 -10.03 65.04 43.94
N VAL B 132 -11.37 65.11 43.76
CA VAL B 132 -12.01 65.43 42.47
C VAL B 132 -11.61 66.86 42.04
N ARG B 133 -11.70 67.82 42.97
CA ARG B 133 -11.36 69.22 42.71
C ARG B 133 -9.90 69.40 42.30
N LEU B 134 -8.98 68.73 43.00
CA LEU B 134 -7.55 68.81 42.67
C LEU B 134 -7.18 68.08 41.40
N MET B 135 -7.82 66.91 41.13
CA MET B 135 -7.52 66.11 39.93
C MET B 135 -8.11 66.66 38.64
N PHE B 136 -9.37 67.12 38.67
CA PHE B 136 -10.11 67.58 37.50
C PHE B 136 -10.14 69.10 37.22
N SER B 137 -9.29 69.89 37.90
CA SER B 137 -9.30 71.34 37.69
C SER B 137 -8.64 71.91 36.42
N ASP B 138 -7.52 72.63 36.58
CA ASP B 138 -6.81 73.36 35.52
C ASP B 138 -6.07 72.44 34.57
N LEU B 139 -6.84 71.68 33.78
CA LEU B 139 -6.33 70.71 32.81
C LEU B 139 -5.98 71.35 31.49
N GLU B 140 -4.94 70.80 30.82
CA GLU B 140 -4.49 71.26 29.51
C GLU B 140 -4.80 70.20 28.45
N PRO B 141 -5.37 70.61 27.29
CA PRO B 141 -5.70 69.62 26.25
C PRO B 141 -4.47 68.99 25.59
N VAL B 142 -4.58 67.71 25.25
CA VAL B 142 -3.54 66.90 24.60
C VAL B 142 -4.17 66.03 23.50
N PRO B 143 -3.40 65.49 22.52
CA PRO B 143 -4.03 64.61 21.52
C PRO B 143 -4.56 63.32 22.16
N LEU B 144 -5.65 62.78 21.60
CA LEU B 144 -6.26 61.54 22.07
C LEU B 144 -5.45 60.38 21.45
N LYS B 145 -4.64 59.66 22.24
CA LYS B 145 -3.82 58.57 21.72
C LYS B 145 -4.54 57.22 21.79
N ILE B 146 -4.41 56.43 20.70
CA ILE B 146 -5.06 55.13 20.50
C ILE B 146 -4.00 54.05 20.24
N ARG B 147 -4.10 52.90 20.93
CA ARG B 147 -3.16 51.78 20.75
C ARG B 147 -3.37 51.13 19.38
N LYS B 148 -2.28 50.89 18.65
CA LYS B 148 -2.33 50.25 17.33
C LYS B 148 -2.81 48.81 17.45
N GLY B 149 -3.73 48.42 16.57
CA GLY B 149 -4.29 47.08 16.56
C GLY B 149 -5.35 46.80 17.59
N SER B 150 -5.64 47.76 18.51
CA SER B 150 -6.69 47.60 19.53
C SER B 150 -8.08 47.63 18.88
N SER B 151 -9.10 47.00 19.52
CA SER B 151 -10.47 46.96 19.00
C SER B 151 -11.33 48.14 19.46
N THR B 152 -12.36 48.50 18.66
CA THR B 152 -13.32 49.55 19.00
C THR B 152 -14.46 48.90 19.79
N CYS B 153 -14.44 47.55 19.86
CA CYS B 153 -15.44 46.72 20.53
C CYS B 153 -16.87 47.07 20.10
N ILE B 154 -17.85 47.08 21.02
CA ILE B 154 -19.25 47.35 20.69
C ILE B 154 -19.50 48.72 20.05
N PRO B 155 -20.10 48.78 18.84
CA PRO B 155 -20.67 47.67 18.07
C PRO B 155 -19.87 47.16 16.87
N TYR B 156 -18.88 47.95 16.38
CA TYR B 156 -18.12 47.68 15.15
C TYR B 156 -17.00 46.67 15.17
N PHE B 157 -16.30 46.52 16.31
CA PHE B 157 -15.19 45.57 16.47
C PHE B 157 -14.12 45.77 15.39
N SER B 158 -13.80 47.05 15.13
CA SER B 158 -12.78 47.44 14.15
C SER B 158 -11.40 47.49 14.79
N ASN B 159 -10.36 47.10 14.04
CA ASN B 159 -8.95 47.09 14.46
C ASN B 159 -8.12 48.07 13.57
N ASP B 160 -8.82 48.73 12.63
CA ASP B 160 -8.24 49.66 11.66
C ASP B 160 -8.06 51.06 12.25
N MET B 161 -6.81 51.57 12.22
CA MET B 161 -6.46 52.89 12.75
C MET B 161 -7.28 54.04 12.15
N GLY B 162 -7.48 54.01 10.85
CA GLY B 162 -8.25 55.03 10.16
C GLY B 162 -9.68 55.09 10.64
N THR B 163 -10.32 53.90 10.76
CA THR B 163 -11.70 53.74 11.24
C THR B 163 -11.79 54.20 12.71
N LYS B 164 -10.79 53.80 13.54
CA LYS B 164 -10.69 54.17 14.96
C LYS B 164 -10.67 55.70 15.07
N ILE B 165 -9.78 56.37 14.31
CA ILE B 165 -9.66 57.83 14.31
C ILE B 165 -11.01 58.50 13.94
N GLU B 166 -11.68 58.02 12.88
CA GLU B 166 -12.98 58.52 12.42
C GLU B 166 -14.03 58.40 13.52
N ILE B 167 -14.11 57.21 14.17
CA ILE B 167 -15.06 56.93 15.27
C ILE B 167 -14.82 57.89 16.43
N ALA B 168 -13.53 58.07 16.82
CA ALA B 168 -13.12 58.97 17.90
C ALA B 168 -13.45 60.44 17.61
N GLU B 169 -13.18 60.91 16.38
CA GLU B 169 -13.45 62.29 15.98
C GLU B 169 -14.95 62.57 15.96
N ARG B 170 -15.73 61.62 15.44
CA ARG B 170 -17.19 61.71 15.40
C ARG B 170 -17.74 61.72 16.83
N ALA B 171 -17.15 60.88 17.72
CA ALA B 171 -17.56 60.79 19.12
C ALA B 171 -17.36 62.12 19.82
N LEU B 172 -16.21 62.79 19.59
CA LEU B 172 -15.94 64.09 20.20
C LEU B 172 -16.91 65.16 19.68
N GLU B 173 -17.37 65.03 18.42
CA GLU B 173 -18.33 65.94 17.81
C GLU B 173 -19.75 65.74 18.37
N LYS B 174 -20.13 64.47 18.61
CA LYS B 174 -21.49 64.11 19.02
C LYS B 174 -21.74 63.76 20.49
N ALA B 175 -20.67 63.79 21.33
CA ALA B 175 -20.74 63.48 22.76
C ALA B 175 -21.78 64.33 23.50
N GLU B 176 -21.84 65.64 23.17
CA GLU B 176 -22.80 66.58 23.77
C GLU B 176 -24.25 66.17 23.50
N GLU B 177 -24.56 65.85 22.23
CA GLU B 177 -25.88 65.43 21.80
C GLU B 177 -26.26 64.10 22.45
N ALA B 178 -25.30 63.17 22.58
CA ALA B 178 -25.50 61.85 23.21
C ALA B 178 -25.75 61.96 24.70
N GLY B 179 -24.91 62.73 25.40
CA GLY B 179 -25.02 62.93 26.83
C GLY B 179 -26.36 63.56 27.20
N ASN B 180 -26.81 64.53 26.37
CA ASN B 180 -28.09 65.20 26.57
C ASN B 180 -29.24 64.24 26.40
N LEU B 181 -29.12 63.28 25.46
CA LEU B 181 -30.15 62.26 25.26
C LEU B 181 -30.25 61.37 26.50
N MET B 182 -29.09 60.98 27.05
CA MET B 182 -28.99 60.16 28.27
C MET B 182 -29.61 60.93 29.45
N LEU B 183 -29.41 62.26 29.53
CA LEU B 183 -29.99 63.09 30.58
C LEU B 183 -31.53 63.07 30.55
N GLN B 184 -32.10 62.82 29.34
CA GLN B 184 -33.55 62.71 29.11
C GLN B 184 -34.03 61.26 29.28
N GLY B 185 -33.10 60.37 29.64
CA GLY B 185 -33.37 58.95 29.84
C GLY B 185 -33.45 58.16 28.54
N LYS B 186 -33.08 58.78 27.42
CA LYS B 186 -33.17 58.14 26.10
C LYS B 186 -31.87 57.44 25.70
N PHE B 187 -31.45 56.45 26.53
CA PHE B 187 -30.23 55.66 26.36
C PHE B 187 -30.19 54.89 25.06
N ASP B 188 -31.35 54.34 24.63
CA ASP B 188 -31.46 53.62 23.36
C ASP B 188 -31.16 54.53 22.19
N ASP B 189 -31.68 55.78 22.23
CA ASP B 189 -31.43 56.78 21.18
C ASP B 189 -29.95 57.15 21.11
N ALA B 190 -29.31 57.35 22.27
CA ALA B 190 -27.89 57.68 22.34
C ALA B 190 -27.06 56.58 21.68
N TYR B 191 -27.29 55.32 22.07
CA TYR B 191 -26.59 54.17 21.49
C TYR B 191 -26.85 54.05 19.99
N GLN B 192 -28.14 54.04 19.60
CA GLN B 192 -28.52 53.89 18.20
C GLN B 192 -27.94 54.96 17.31
N LEU B 193 -27.95 56.22 17.76
CA LEU B 193 -27.44 57.34 16.97
C LEU B 193 -25.94 57.49 17.02
N HIS B 194 -25.34 57.37 18.22
CA HIS B 194 -23.94 57.68 18.41
C HIS B 194 -23.05 56.57 18.93
N GLN B 195 -23.59 55.35 19.09
CA GLN B 195 -22.89 54.15 19.56
C GLN B 195 -22.30 54.34 20.97
N MET B 196 -22.93 55.24 21.76
CA MET B 196 -22.54 55.54 23.13
C MET B 196 -23.53 54.86 24.06
N GLY B 197 -23.08 53.74 24.58
CA GLY B 197 -23.87 52.88 25.44
C GLY B 197 -23.66 51.43 25.05
N GLY B 198 -24.72 50.64 25.16
CA GLY B 198 -24.68 49.23 24.83
C GLY B 198 -24.16 48.41 25.99
N ALA B 199 -22.89 47.96 25.91
CA ALA B 199 -22.28 47.14 26.95
C ALA B 199 -20.77 47.03 26.82
N TYR B 200 -20.13 46.47 27.85
CA TYR B 200 -18.72 46.12 27.86
C TYR B 200 -18.66 44.74 27.27
N TYR B 201 -17.58 44.43 26.55
CA TYR B 201 -17.40 43.13 25.93
C TYR B 201 -16.42 42.36 26.81
N VAL B 202 -16.87 41.24 27.39
CA VAL B 202 -16.03 40.45 28.29
C VAL B 202 -15.04 39.53 27.56
N VAL B 203 -13.74 39.78 27.79
CA VAL B 203 -12.64 38.99 27.29
C VAL B 203 -11.91 38.43 28.52
N TYR B 204 -11.56 37.13 28.50
CA TYR B 204 -10.86 36.55 29.64
C TYR B 204 -9.38 36.49 29.36
N ARG B 205 -8.59 37.17 30.16
CA ARG B 205 -7.14 37.22 30.01
C ARG B 205 -6.47 36.20 30.92
N ALA B 206 -5.26 35.78 30.56
CA ALA B 206 -4.48 34.84 31.36
C ALA B 206 -3.57 35.55 32.34
N GLN B 207 -3.50 35.05 33.56
CA GLN B 207 -2.53 35.48 34.55
C GLN B 207 -1.66 34.23 34.59
N SER B 208 -0.64 34.24 33.71
CA SER B 208 0.34 33.17 33.41
C SER B 208 1.03 32.52 34.59
N THR B 209 1.13 33.26 35.69
CA THR B 209 1.76 32.82 36.93
C THR B 209 0.82 33.09 38.08
N ASP B 210 0.63 32.07 38.92
CA ASP B 210 -0.19 32.17 40.11
C ASP B 210 0.46 31.24 41.13
N ALA B 211 0.12 31.43 42.43
CA ALA B 211 0.69 30.67 43.54
C ALA B 211 0.50 29.18 43.45
N ILE B 212 1.59 28.45 43.70
CA ILE B 212 1.67 26.99 43.76
C ILE B 212 2.58 26.69 44.94
N THR B 213 2.20 25.73 45.78
CA THR B 213 3.00 25.33 46.95
C THR B 213 3.31 23.84 46.85
N LEU B 214 4.41 23.40 47.46
CA LEU B 214 4.75 21.97 47.48
C LEU B 214 4.49 21.50 48.90
N ASP B 215 3.50 20.60 49.05
CA ASP B 215 3.13 20.06 50.37
C ASP B 215 4.21 19.03 50.81
N PRO B 216 4.95 19.33 51.91
CA PRO B 216 6.00 18.40 52.34
C PRO B 216 5.48 17.05 52.81
N LYS B 217 4.26 17.03 53.39
CA LYS B 217 3.59 15.81 53.91
C LYS B 217 3.36 14.82 52.77
N THR B 218 2.79 15.29 51.65
CA THR B 218 2.46 14.45 50.51
C THR B 218 3.49 14.41 49.36
N GLY B 219 4.29 15.47 49.22
CA GLY B 219 5.26 15.60 48.14
C GLY B 219 4.60 16.03 46.85
N LYS B 220 3.31 16.43 46.94
CA LYS B 220 2.49 16.85 45.81
C LYS B 220 2.32 18.36 45.80
N PHE B 221 2.24 18.94 44.58
CA PHE B 221 2.04 20.39 44.42
C PHE B 221 0.56 20.77 44.56
N VAL B 222 0.29 21.94 45.14
CA VAL B 222 -1.06 22.45 45.36
C VAL B 222 -1.19 23.83 44.73
N SER B 223 -2.09 23.97 43.75
CA SER B 223 -2.33 25.27 43.11
C SER B 223 -3.28 26.10 43.97
N LYS B 224 -3.08 27.44 44.00
CA LYS B 224 -3.95 28.36 44.72
C LYS B 224 -5.37 28.31 44.15
N ASP B 225 -6.36 28.03 45.00
CA ASP B 225 -7.76 27.98 44.59
C ASP B 225 -8.23 29.38 44.21
N ARG B 226 -8.84 29.50 43.04
CA ARG B 226 -9.36 30.77 42.58
C ARG B 226 -10.86 30.64 42.51
N MET B 227 -11.56 31.43 43.34
CA MET B 227 -13.02 31.41 43.46
C MET B 227 -13.67 32.03 42.26
N VAL B 228 -14.68 31.35 41.72
CA VAL B 228 -15.42 31.82 40.56
C VAL B 228 -16.90 31.79 40.84
N ALA B 229 -17.63 32.74 40.29
CA ALA B 229 -19.08 32.82 40.44
C ALA B 229 -19.74 32.18 39.22
N ASP B 230 -20.81 31.41 39.46
CA ASP B 230 -21.56 30.86 38.33
C ASP B 230 -22.55 31.93 37.88
N PHE B 231 -23.28 31.70 36.78
CA PHE B 231 -24.24 32.68 36.26
C PHE B 231 -25.23 33.18 37.32
N GLU B 232 -25.83 32.25 38.08
CA GLU B 232 -26.81 32.56 39.11
C GLU B 232 -26.26 33.50 40.17
N TYR B 233 -25.05 33.22 40.65
CA TYR B 233 -24.40 34.03 41.65
C TYR B 233 -24.15 35.45 41.13
N ALA B 234 -23.66 35.58 39.88
CA ALA B 234 -23.36 36.84 39.22
C ALA B 234 -24.58 37.75 39.05
N VAL B 235 -25.70 37.19 38.55
CA VAL B 235 -26.96 37.91 38.32
C VAL B 235 -27.72 38.30 39.60
N THR B 236 -27.47 37.60 40.72
CA THR B 236 -28.12 37.86 42.00
C THR B 236 -27.21 38.60 43.00
N GLY B 237 -25.97 38.88 42.58
CA GLY B 237 -24.95 39.56 43.39
C GLY B 237 -24.52 38.81 44.64
N GLY B 238 -24.66 37.49 44.61
CA GLY B 238 -24.31 36.61 45.72
C GLY B 238 -25.50 36.08 46.49
N GLU B 239 -26.73 36.54 46.17
CA GLU B 239 -27.96 36.13 46.86
C GLU B 239 -28.26 34.66 46.62
N GLN B 240 -28.11 34.19 45.37
CA GLN B 240 -28.33 32.81 44.95
C GLN B 240 -27.10 32.27 44.23
N GLY B 241 -27.18 31.08 43.69
CA GLY B 241 -26.07 30.45 42.97
C GLY B 241 -24.89 30.11 43.83
N SER B 242 -23.73 29.82 43.22
CA SER B 242 -22.55 29.45 43.97
C SER B 242 -21.23 30.11 43.58
N LEU B 243 -20.35 30.26 44.59
CA LEU B 243 -18.99 30.75 44.49
C LEU B 243 -18.15 29.54 44.84
N PHE B 244 -17.36 29.07 43.88
CA PHE B 244 -16.59 27.83 44.03
C PHE B 244 -15.21 27.95 43.41
N ALA B 245 -14.29 27.04 43.78
CA ALA B 245 -12.93 26.99 43.25
C ALA B 245 -12.95 26.48 41.81
N ALA B 246 -12.35 27.23 40.88
CA ALA B 246 -12.28 26.81 39.48
C ALA B 246 -11.30 25.64 39.41
N SER B 247 -11.42 24.78 38.39
CA SER B 247 -10.50 23.65 38.27
C SER B 247 -9.26 24.00 37.46
N LYS B 248 -8.09 23.97 38.14
CA LYS B 248 -6.78 24.23 37.54
C LYS B 248 -6.10 22.92 37.15
N ASP B 249 -6.78 21.78 37.38
CA ASP B 249 -6.27 20.45 37.07
C ASP B 249 -6.01 20.32 35.58
N ALA B 250 -4.75 20.02 35.23
CA ALA B 250 -4.32 19.92 33.84
C ALA B 250 -4.33 18.49 33.30
N SER B 251 -4.74 17.49 34.14
CA SER B 251 -4.83 16.07 33.75
C SER B 251 -5.62 15.88 32.47
N ARG B 252 -6.68 16.69 32.30
CA ARG B 252 -7.59 16.71 31.16
C ARG B 252 -6.90 16.90 29.82
N LEU B 253 -5.74 17.59 29.79
CA LEU B 253 -4.96 17.84 28.58
C LEU B 253 -4.35 16.58 27.97
N LYS B 254 -4.18 15.49 28.77
CA LYS B 254 -3.70 14.21 28.28
C LYS B 254 -4.87 13.51 27.58
N GLU B 255 -6.04 13.48 28.27
CA GLU B 255 -7.29 12.90 27.82
C GLU B 255 -7.90 13.54 26.56
N GLN B 256 -7.90 14.90 26.48
CA GLN B 256 -8.45 15.71 25.38
C GLN B 256 -7.51 15.96 24.22
N TYR B 257 -6.22 16.22 24.51
CA TYR B 257 -5.27 16.63 23.49
C TYR B 257 -4.06 15.74 23.28
N GLY B 258 -3.89 14.74 24.13
CA GLY B 258 -2.74 13.84 24.08
C GLY B 258 -1.45 14.50 24.52
N ILE B 259 -1.55 15.55 25.36
CA ILE B 259 -0.41 16.32 25.87
C ILE B 259 0.05 15.70 27.15
N ASP B 260 1.37 15.40 27.25
CA ASP B 260 1.95 14.86 28.47
C ASP B 260 2.01 16.00 29.48
N VAL B 261 1.38 15.76 30.63
CA VAL B 261 1.30 16.73 31.72
C VAL B 261 2.22 16.23 32.83
N PRO B 262 3.40 16.86 33.04
CA PRO B 262 4.27 16.42 34.15
C PRO B 262 3.62 16.71 35.49
N ASP B 263 4.04 16.02 36.55
CA ASP B 263 3.48 16.23 37.88
C ASP B 263 3.70 17.67 38.33
N GLY B 264 2.67 18.24 38.94
CA GLY B 264 2.72 19.60 39.48
C GLY B 264 2.67 20.73 38.48
N PHE B 265 1.99 20.52 37.35
CA PHE B 265 1.77 21.54 36.31
C PHE B 265 0.26 21.77 36.21
N PHE B 266 -0.16 23.04 36.16
CA PHE B 266 -1.58 23.38 36.22
C PHE B 266 -2.05 24.29 35.12
N CYS B 267 -3.39 24.39 34.97
CA CYS B 267 -4.03 25.29 34.02
C CYS B 267 -3.93 26.69 34.59
N GLU B 268 -3.88 27.69 33.72
CA GLU B 268 -3.70 29.08 34.11
C GLU B 268 -4.89 29.74 34.73
N ARG B 269 -4.62 30.68 35.64
CA ARG B 269 -5.62 31.54 36.23
C ARG B 269 -6.14 32.42 35.09
N ARG B 270 -7.45 32.64 35.06
CA ARG B 270 -8.09 33.49 34.07
C ARG B 270 -8.79 34.64 34.75
N ARG B 271 -8.51 35.84 34.29
CA ARG B 271 -9.05 37.07 34.84
C ARG B 271 -10.04 37.71 33.88
N THR B 272 -11.13 38.26 34.41
CA THR B 272 -12.08 38.97 33.57
C THR B 272 -11.50 40.31 33.16
N ALA B 273 -11.65 40.66 31.89
CA ALA B 273 -11.21 41.94 31.34
C ALA B 273 -12.34 42.42 30.46
N MET B 274 -12.58 43.73 30.44
CA MET B 274 -13.70 44.31 29.68
C MET B 274 -13.23 45.29 28.64
N GLY B 275 -13.79 45.19 27.43
CA GLY B 275 -13.53 46.11 26.34
C GLY B 275 -14.70 47.06 26.23
N GLY B 276 -14.43 48.36 26.40
CA GLY B 276 -15.47 49.36 26.34
C GLY B 276 -15.96 49.73 24.96
N PRO B 277 -17.20 50.26 24.85
CA PRO B 277 -17.68 50.73 23.53
C PRO B 277 -16.92 52.02 23.19
N PHE B 278 -16.02 51.94 22.19
CA PHE B 278 -15.13 53.05 21.82
C PHE B 278 -15.72 54.44 21.69
N ALA B 279 -16.92 54.59 21.11
CA ALA B 279 -17.56 55.89 20.97
C ALA B 279 -17.85 56.52 22.33
N LEU B 280 -18.12 55.69 23.35
CA LEU B 280 -18.34 56.18 24.72
C LEU B 280 -17.00 56.49 25.39
N ASN B 281 -15.98 55.63 25.16
CA ASN B 281 -14.65 55.81 25.73
C ASN B 281 -13.86 57.02 25.24
N ALA B 282 -13.96 57.34 23.93
CA ALA B 282 -13.23 58.46 23.34
C ALA B 282 -13.45 59.80 24.09
N PRO B 283 -14.71 60.28 24.34
CA PRO B 283 -14.88 61.51 25.14
C PRO B 283 -14.35 61.43 26.57
N ILE B 284 -14.28 60.23 27.16
CA ILE B 284 -13.78 60.02 28.52
C ILE B 284 -12.25 60.10 28.53
N MET B 285 -11.60 59.44 27.55
CA MET B 285 -10.15 59.44 27.38
C MET B 285 -9.59 60.86 27.16
N ALA B 286 -10.35 61.70 26.42
CA ALA B 286 -10.01 63.09 26.12
C ALA B 286 -9.88 63.97 27.37
N VAL B 287 -10.49 63.53 28.49
CA VAL B 287 -10.42 64.22 29.80
C VAL B 287 -9.45 63.46 30.72
N ALA B 288 -9.46 62.11 30.66
CA ALA B 288 -8.60 61.26 31.48
C ALA B 288 -7.11 61.53 31.28
N GLN B 289 -6.65 61.66 30.01
CA GLN B 289 -5.23 61.93 29.76
C GLN B 289 -4.78 63.27 30.35
N PRO B 290 -5.48 64.41 30.11
CA PRO B 290 -5.10 65.65 30.81
C PRO B 290 -5.02 65.52 32.34
N VAL B 291 -5.93 64.71 32.98
CA VAL B 291 -5.95 64.47 34.44
C VAL B 291 -4.64 63.80 34.86
N ARG B 292 -4.22 62.74 34.12
CA ARG B 292 -2.97 61.99 34.34
C ARG B 292 -1.79 62.98 34.31
N ASN B 293 -1.75 63.86 33.26
CA ASN B 293 -0.69 64.84 33.09
C ASN B 293 -0.58 65.81 34.25
N LYS B 294 -1.75 66.21 34.84
CA LYS B 294 -1.77 67.09 36.02
C LYS B 294 -1.24 66.36 37.25
N ILE B 295 -1.82 65.19 37.58
CA ILE B 295 -1.39 64.42 38.74
C ILE B 295 0.06 63.92 38.66
N TYR B 296 0.56 63.59 37.45
CA TYR B 296 1.95 63.14 37.30
C TYR B 296 2.96 64.28 37.32
N SER B 297 2.47 65.54 37.25
CA SER B 297 3.33 66.72 37.29
C SER B 297 3.18 67.42 38.66
N LYS B 298 2.02 68.07 38.94
CA LYS B 298 1.79 68.77 40.21
C LYS B 298 1.95 67.86 41.42
N TYR B 299 1.39 66.65 41.33
CA TYR B 299 1.44 65.71 42.44
C TYR B 299 2.32 64.49 42.12
N ALA B 300 3.45 64.75 41.41
CA ALA B 300 4.46 63.76 41.01
C ALA B 300 4.99 62.95 42.20
N TYR B 301 5.09 63.59 43.39
CA TYR B 301 5.56 62.94 44.61
C TYR B 301 4.76 61.68 44.89
N THR B 302 3.44 61.83 44.99
CA THR B 302 2.53 60.73 45.30
C THR B 302 2.26 59.83 44.11
N PHE B 303 2.11 60.41 42.90
CA PHE B 303 1.65 59.71 41.70
C PHE B 303 2.60 59.34 40.55
N HIS B 304 3.72 60.06 40.36
CA HIS B 304 4.62 59.76 39.24
C HIS B 304 5.79 58.88 39.63
N HIS B 305 5.74 57.61 39.20
CA HIS B 305 6.73 56.59 39.52
C HIS B 305 7.39 55.99 38.28
N THR B 306 8.72 56.10 38.24
CA THR B 306 9.52 55.66 37.10
C THR B 306 10.51 54.57 37.47
N THR B 307 11.72 54.96 37.92
CA THR B 307 12.83 54.07 38.26
C THR B 307 12.85 53.65 39.70
N ARG B 308 13.63 52.60 39.99
CA ARG B 308 13.82 52.08 41.35
C ARG B 308 14.47 53.14 42.25
N LEU B 309 15.33 54.00 41.68
CA LEU B 309 15.99 55.07 42.41
C LEU B 309 15.05 56.27 42.65
N ASN B 310 14.12 56.51 41.72
CA ASN B 310 13.10 57.56 41.84
C ASN B 310 12.24 57.31 43.09
N LYS B 311 11.84 56.05 43.32
CA LYS B 311 11.05 55.60 44.48
C LYS B 311 11.93 55.67 45.74
N GLU B 312 13.13 55.06 45.68
CA GLU B 312 14.14 55.00 46.74
C GLU B 312 14.39 56.36 47.40
N GLU B 313 14.56 57.43 46.58
CA GLU B 313 14.78 58.81 47.07
C GLU B 313 13.66 59.30 48.01
N LYS B 314 12.39 58.99 47.68
CA LYS B 314 11.20 59.37 48.45
C LYS B 314 11.08 58.61 49.79
N VAL B 315 11.20 57.27 49.72
CA VAL B 315 11.11 56.32 50.83
C VAL B 315 12.24 56.46 51.86
N LYS B 316 13.49 56.69 51.41
CA LYS B 316 14.68 56.84 52.27
C LYS B 316 14.51 57.92 53.31
N GLU B 317 13.67 58.93 53.01
CA GLU B 317 13.38 60.07 53.88
C GLU B 317 12.38 59.73 55.01
N TRP B 318 11.73 58.53 54.93
CA TRP B 318 10.74 58.10 55.92
C TRP B 318 11.35 57.38 57.12
N SER B 319 10.75 57.59 58.32
CA SER B 319 11.15 56.90 59.54
C SER B 319 10.48 55.53 59.56
N LEU B 320 9.31 55.41 58.87
CA LEU B 320 8.55 54.17 58.75
C LEU B 320 7.88 54.08 57.38
N CYS B 321 7.93 52.87 56.76
CA CYS B 321 7.32 52.57 55.47
C CYS B 321 6.42 51.35 55.62
N VAL B 322 5.12 51.49 55.32
CA VAL B 322 4.11 50.43 55.45
C VAL B 322 3.58 50.05 54.05
N ALA B 323 3.99 48.89 53.53
CA ALA B 323 3.58 48.41 52.22
C ALA B 323 2.22 47.71 52.35
N THR B 324 1.15 48.34 51.82
CA THR B 324 -0.22 47.84 51.90
C THR B 324 -0.65 46.99 50.71
N ASP B 325 -1.63 46.09 50.97
CA ASP B 325 -2.25 45.17 50.01
C ASP B 325 -3.76 45.38 50.07
N VAL B 326 -4.42 45.42 48.90
CA VAL B 326 -5.88 45.58 48.79
C VAL B 326 -6.44 44.31 48.18
N SER B 327 -7.49 43.78 48.81
CA SER B 327 -8.15 42.58 48.33
C SER B 327 -9.13 42.94 47.24
N ASP B 328 -9.04 42.21 46.11
CA ASP B 328 -9.88 42.29 44.92
C ASP B 328 -10.44 43.69 44.70
N HIS B 329 -9.54 44.61 44.38
CA HIS B 329 -9.83 46.03 44.19
C HIS B 329 -11.01 46.37 43.28
N ASP B 330 -10.89 46.02 41.98
CA ASP B 330 -11.87 46.32 40.93
C ASP B 330 -13.29 45.85 41.22
N THR B 331 -13.45 44.63 41.78
CA THR B 331 -14.79 44.09 42.08
C THR B 331 -15.40 44.75 43.33
N PHE B 332 -14.54 45.23 44.28
CA PHE B 332 -14.97 45.92 45.49
C PHE B 332 -15.15 47.43 45.32
N TRP B 333 -14.62 48.02 44.20
CA TRP B 333 -14.70 49.46 43.93
C TRP B 333 -16.15 49.94 44.06
N PRO B 334 -16.41 50.96 44.92
CA PRO B 334 -17.80 51.36 45.18
C PRO B 334 -18.48 52.31 44.20
N GLY B 335 -19.70 51.95 43.84
CA GLY B 335 -20.55 52.75 42.97
C GLY B 335 -20.88 54.09 43.59
N TRP B 336 -20.91 54.17 44.94
CA TRP B 336 -21.14 55.44 45.61
C TRP B 336 -20.03 56.44 45.31
N LEU B 337 -18.80 55.95 45.02
CA LEU B 337 -17.71 56.85 44.65
C LEU B 337 -17.94 57.43 43.25
N ARG B 338 -18.43 56.62 42.29
CA ARG B 338 -18.79 57.08 40.95
C ARG B 338 -19.78 58.22 41.09
N ASP B 339 -20.81 58.04 41.95
CA ASP B 339 -21.85 59.03 42.17
C ASP B 339 -21.35 60.30 42.86
N LEU B 340 -20.42 60.15 43.81
CA LEU B 340 -19.82 61.27 44.52
C LEU B 340 -18.95 62.08 43.53
N ILE B 341 -18.15 61.38 42.69
CA ILE B 341 -17.30 62.02 41.67
C ILE B 341 -18.13 62.84 40.69
N CYS B 342 -19.21 62.24 40.17
CA CYS B 342 -20.14 62.88 39.26
C CYS B 342 -20.78 64.12 39.86
N ASP B 343 -21.24 64.00 41.12
CA ASP B 343 -21.86 65.11 41.85
C ASP B 343 -20.88 66.26 42.02
N GLU B 344 -19.61 65.95 42.37
CA GLU B 344 -18.59 66.99 42.54
C GLU B 344 -18.21 67.66 41.25
N LEU B 345 -18.12 66.88 40.13
CA LEU B 345 -17.81 67.44 38.81
C LEU B 345 -18.89 68.43 38.41
N LEU B 346 -20.17 68.10 38.69
CA LEU B 346 -21.30 69.00 38.42
C LEU B 346 -21.15 70.30 39.22
N ASN B 347 -20.76 70.20 40.52
CA ASN B 347 -20.53 71.34 41.41
C ASN B 347 -19.39 72.24 40.90
N MET B 348 -18.33 71.63 40.31
CA MET B 348 -17.19 72.33 39.75
C MET B 348 -17.52 73.10 38.47
N GLY B 349 -18.66 72.77 37.84
CA GLY B 349 -19.12 73.41 36.61
C GLY B 349 -18.88 72.61 35.35
N TYR B 350 -18.61 71.31 35.52
CA TYR B 350 -18.38 70.39 34.40
C TYR B 350 -19.69 70.23 33.61
N ALA B 351 -19.58 70.16 32.25
CA ALA B 351 -20.74 70.01 31.38
C ALA B 351 -21.60 68.83 31.85
N PRO B 352 -22.90 69.05 32.19
CA PRO B 352 -23.74 67.94 32.67
C PRO B 352 -23.83 66.75 31.72
N TRP B 353 -23.80 67.03 30.39
CA TRP B 353 -23.82 65.99 29.36
C TRP B 353 -22.58 65.09 29.44
N TRP B 354 -21.40 65.68 29.71
CA TRP B 354 -20.16 64.90 29.81
C TRP B 354 -20.19 64.03 31.07
N VAL B 355 -20.64 64.62 32.20
CA VAL B 355 -20.75 63.91 33.48
C VAL B 355 -21.67 62.69 33.33
N LYS B 356 -22.82 62.84 32.62
CA LYS B 356 -23.76 61.73 32.38
C LYS B 356 -23.14 60.63 31.52
N LEU B 357 -22.23 60.97 30.59
CA LEU B 357 -21.52 59.97 29.79
C LEU B 357 -20.60 59.18 30.71
N PHE B 358 -19.85 59.89 31.57
CA PHE B 358 -18.92 59.34 32.55
C PHE B 358 -19.64 58.42 33.55
N GLU B 359 -20.77 58.91 34.14
CA GLU B 359 -21.61 58.15 35.05
C GLU B 359 -22.06 56.84 34.38
N THR B 360 -22.63 56.94 33.14
CA THR B 360 -23.13 55.80 32.36
C THR B 360 -22.06 54.75 32.11
N SER B 361 -20.80 55.17 31.84
CA SER B 361 -19.67 54.27 31.59
C SER B 361 -19.36 53.37 32.79
N LEU B 362 -19.81 53.77 33.98
CA LEU B 362 -19.58 53.03 35.21
C LEU B 362 -20.84 52.34 35.76
N LYS B 363 -21.88 52.17 34.90
CA LYS B 363 -23.15 51.50 35.21
C LYS B 363 -23.58 50.58 34.08
N LEU B 364 -22.75 50.50 33.05
CA LEU B 364 -23.05 49.79 31.82
C LEU B 364 -23.21 48.28 31.93
N PRO B 365 -24.18 47.71 31.14
CA PRO B 365 -24.30 46.24 31.07
C PRO B 365 -23.00 45.58 30.56
N VAL B 366 -22.91 44.25 30.70
CA VAL B 366 -21.73 43.48 30.27
C VAL B 366 -22.14 42.27 29.42
N TYR B 367 -21.49 42.10 28.25
CA TYR B 367 -21.76 40.97 27.37
C TYR B 367 -20.70 39.90 27.64
N VAL B 368 -21.16 38.76 28.16
CA VAL B 368 -20.28 37.65 28.53
C VAL B 368 -20.06 36.75 27.32
N GLY B 369 -18.79 36.65 26.91
CA GLY B 369 -18.37 35.86 25.79
C GLY B 369 -18.36 34.37 26.06
N ALA B 370 -17.19 33.82 26.42
CA ALA B 370 -17.05 32.39 26.67
C ALA B 370 -16.19 32.04 27.90
N PRO B 371 -16.76 32.02 29.13
CA PRO B 371 -15.92 31.64 30.29
C PRO B 371 -15.47 30.17 30.29
N ALA B 372 -16.28 29.27 29.68
CA ALA B 372 -16.04 27.83 29.63
C ALA B 372 -16.73 27.21 28.41
N PRO B 373 -16.42 25.94 28.02
CA PRO B 373 -17.13 25.34 26.87
C PRO B 373 -18.63 25.25 27.14
N GLU B 374 -19.47 25.51 26.12
CA GLU B 374 -20.93 25.48 26.22
C GLU B 374 -21.53 26.46 27.28
N GLN B 375 -20.83 27.58 27.53
CA GLN B 375 -21.23 28.63 28.47
C GLN B 375 -20.96 30.02 27.89
N GLY B 376 -21.77 30.98 28.27
CA GLY B 376 -21.61 32.37 27.87
C GLY B 376 -22.64 32.85 26.87
N HIS B 377 -22.22 33.80 26.00
CA HIS B 377 -23.04 34.43 24.97
C HIS B 377 -24.33 34.98 25.58
N THR B 378 -24.16 35.76 26.65
CA THR B 378 -25.26 36.33 27.43
C THR B 378 -24.95 37.78 27.81
N LEU B 379 -25.94 38.65 27.63
CA LEU B 379 -25.84 40.05 28.02
C LEU B 379 -26.42 40.16 29.44
N LEU B 380 -25.67 40.77 30.37
CA LEU B 380 -26.12 41.00 31.74
C LEU B 380 -26.44 42.46 31.86
N GLY B 381 -27.65 42.79 32.29
CA GLY B 381 -28.10 44.17 32.41
C GLY B 381 -28.82 44.64 31.16
N ASP B 382 -29.68 45.66 31.31
CA ASP B 382 -30.46 46.20 30.20
C ASP B 382 -29.84 47.50 29.70
N PRO B 383 -29.39 47.55 28.41
CA PRO B 383 -28.79 48.79 27.89
C PRO B 383 -29.74 49.98 27.81
N SER B 384 -31.07 49.75 27.85
CA SER B 384 -32.07 50.83 27.84
C SER B 384 -32.03 51.66 29.13
N ASN B 385 -31.57 51.06 30.24
CA ASN B 385 -31.43 51.72 31.52
C ASN B 385 -30.22 51.19 32.29
N PRO B 386 -29.00 51.68 31.96
CA PRO B 386 -27.78 51.18 32.64
C PRO B 386 -27.84 51.34 34.14
N ASP B 387 -27.79 50.20 34.87
CA ASP B 387 -27.89 50.21 36.33
C ASP B 387 -27.01 49.16 37.03
N LEU B 388 -25.90 48.76 36.38
CA LEU B 388 -24.98 47.76 36.91
C LEU B 388 -23.95 48.31 37.88
N GLU B 389 -23.71 47.54 38.96
CA GLU B 389 -22.75 47.86 40.02
C GLU B 389 -21.63 46.82 39.99
N VAL B 390 -20.94 46.69 38.84
CA VAL B 390 -19.85 45.71 38.64
C VAL B 390 -18.57 46.04 39.43
N GLY B 391 -18.48 47.28 39.89
CA GLY B 391 -17.29 47.83 40.54
C GLY B 391 -16.62 48.71 39.51
N LEU B 392 -15.34 48.46 39.22
CA LEU B 392 -14.59 49.22 38.22
C LEU B 392 -14.37 48.36 36.99
N SER B 393 -14.92 48.77 35.82
CA SER B 393 -14.78 48.03 34.54
C SER B 393 -13.40 48.31 33.97
N SER B 394 -12.60 47.27 33.71
CA SER B 394 -11.22 47.41 33.23
C SER B 394 -11.03 48.22 31.95
N GLY B 395 -12.00 48.19 31.04
CA GLY B 395 -11.91 48.90 29.78
C GLY B 395 -12.54 50.28 29.73
N GLN B 396 -12.84 50.87 30.88
CA GLN B 396 -13.40 52.21 30.97
C GLN B 396 -12.27 53.21 30.66
N GLY B 397 -12.65 54.41 30.22
CA GLY B 397 -11.68 55.43 29.83
C GLY B 397 -10.68 55.88 30.88
N ALA B 398 -11.03 55.77 32.18
CA ALA B 398 -10.16 56.21 33.27
C ALA B 398 -10.19 55.30 34.52
N THR B 399 -10.02 53.98 34.34
CA THR B 399 -10.01 53.04 35.48
C THR B 399 -8.83 53.29 36.43
N ASP B 400 -7.67 53.67 35.85
CA ASP B 400 -6.48 53.95 36.65
C ASP B 400 -6.76 55.10 37.62
N LEU B 401 -7.38 56.18 37.11
CA LEU B 401 -7.73 57.35 37.89
C LEU B 401 -8.77 57.04 38.96
N MET B 402 -9.75 56.18 38.63
CA MET B 402 -10.81 55.78 39.54
C MET B 402 -10.27 55.01 40.76
N GLY B 403 -9.35 54.09 40.50
CA GLY B 403 -8.68 53.33 41.54
C GLY B 403 -7.72 54.19 42.36
N THR B 404 -7.00 55.11 41.69
CA THR B 404 -6.07 56.04 42.33
C THR B 404 -6.79 57.00 43.28
N LEU B 405 -7.92 57.58 42.83
CA LEU B 405 -8.77 58.51 43.60
C LEU B 405 -9.25 57.78 44.87
N LEU B 406 -9.90 56.60 44.72
CA LEU B 406 -10.40 55.81 45.85
C LEU B 406 -9.30 55.48 46.84
N MET B 407 -8.24 54.85 46.35
CA MET B 407 -7.15 54.39 47.19
C MET B 407 -6.32 55.47 47.87
N SER B 408 -5.97 56.55 47.15
CA SER B 408 -5.19 57.64 47.75
C SER B 408 -5.89 58.20 48.99
N ILE B 409 -7.22 58.43 48.91
CA ILE B 409 -8.03 58.93 50.03
C ILE B 409 -8.19 57.85 51.10
N THR B 410 -8.44 56.59 50.69
CA THR B 410 -8.56 55.46 51.64
C THR B 410 -7.32 55.37 52.55
N TYR B 411 -6.10 55.45 51.96
CA TYR B 411 -4.85 55.40 52.72
C TYR B 411 -4.67 56.62 53.59
N LEU B 412 -5.03 57.82 53.08
CA LEU B 412 -4.94 59.05 53.86
C LEU B 412 -5.85 58.96 55.10
N VAL B 413 -7.10 58.44 54.92
CA VAL B 413 -8.11 58.25 55.98
C VAL B 413 -7.57 57.31 57.07
N MET B 414 -6.94 56.21 56.64
CA MET B 414 -6.30 55.21 57.46
C MET B 414 -5.15 55.82 58.27
N GLN B 415 -4.37 56.77 57.67
CA GLN B 415 -3.31 57.48 58.39
C GLN B 415 -3.90 58.48 59.41
N LEU B 416 -5.00 59.17 59.05
CA LEU B 416 -5.67 60.15 59.94
C LEU B 416 -6.36 59.47 61.11
N ASP B 417 -7.06 58.38 60.84
CA ASP B 417 -7.80 57.61 61.85
C ASP B 417 -6.88 56.98 62.88
N HIS B 418 -5.84 56.27 62.41
CA HIS B 418 -4.96 55.50 63.27
C HIS B 418 -3.69 56.14 63.76
N THR B 419 -3.24 57.24 63.12
CA THR B 419 -1.97 57.88 63.46
C THR B 419 -2.00 59.40 63.66
N ALA B 420 -2.81 60.12 62.84
CA ALA B 420 -2.81 61.59 62.88
C ALA B 420 -4.14 62.34 63.14
N PRO B 421 -4.79 62.16 64.32
CA PRO B 421 -6.01 62.93 64.60
C PRO B 421 -5.77 64.44 64.71
N HIS B 422 -4.57 64.85 65.18
CA HIS B 422 -4.11 66.24 65.32
C HIS B 422 -4.21 67.02 64.02
N LEU B 423 -4.33 66.33 62.89
CA LEU B 423 -4.45 66.94 61.57
C LEU B 423 -5.89 67.21 61.15
N ASN B 424 -6.91 66.50 61.75
CA ASN B 424 -8.33 66.66 61.42
C ASN B 424 -8.80 68.10 61.39
N SER B 425 -8.35 68.91 62.38
CA SER B 425 -8.66 70.34 62.52
C SER B 425 -8.31 71.18 61.26
N ARG B 426 -7.41 70.67 60.41
CA ARG B 426 -7.03 71.32 59.15
C ARG B 426 -8.06 71.00 58.04
N ILE B 427 -9.03 70.08 58.30
CA ILE B 427 -10.05 69.66 57.32
C ILE B 427 -11.43 70.03 57.89
N LYS B 428 -11.80 71.32 57.74
CA LYS B 428 -13.02 71.94 58.25
C LYS B 428 -14.11 72.17 57.20
N ASP B 429 -13.68 72.47 55.97
CA ASP B 429 -14.57 72.78 54.84
C ASP B 429 -13.88 72.41 53.51
N MET B 430 -14.51 72.70 52.38
CA MET B 430 -13.91 72.40 51.08
C MET B 430 -12.58 73.14 50.82
N PRO B 431 -12.46 74.48 51.02
CA PRO B 431 -11.17 75.14 50.77
C PRO B 431 -10.02 74.58 51.60
N SER B 432 -10.22 74.39 52.93
CA SER B 432 -9.21 73.85 53.85
C SER B 432 -8.79 72.43 53.48
N ALA B 433 -9.77 71.57 53.13
CA ALA B 433 -9.55 70.19 52.72
C ALA B 433 -8.71 70.16 51.44
N CYS B 434 -8.99 71.08 50.49
CA CYS B 434 -8.26 71.16 49.24
C CYS B 434 -6.83 71.53 49.50
N ARG B 435 -6.62 72.52 50.38
CA ARG B 435 -5.30 73.00 50.81
C ARG B 435 -4.51 71.87 51.48
N PHE B 436 -5.20 71.06 52.33
CA PHE B 436 -4.58 69.96 53.07
C PHE B 436 -4.11 68.87 52.14
N LEU B 437 -5.00 68.44 51.25
CA LEU B 437 -4.74 67.37 50.30
C LEU B 437 -3.66 67.78 49.29
N ASP B 438 -3.66 69.06 48.87
CA ASP B 438 -2.66 69.61 47.94
C ASP B 438 -1.28 69.49 48.58
N SER B 439 -1.17 69.83 49.88
CA SER B 439 0.07 69.73 50.65
C SER B 439 0.51 68.27 50.82
N TYR B 440 -0.43 67.40 51.20
CA TYR B 440 -0.21 65.97 51.42
C TYR B 440 0.29 65.29 50.17
N TRP B 441 -0.37 65.52 49.02
CA TRP B 441 -0.03 64.93 47.72
C TRP B 441 1.35 65.36 47.20
N GLN B 442 1.85 66.52 47.66
CA GLN B 442 3.17 67.04 47.26
C GLN B 442 4.29 66.52 48.18
N GLY B 443 3.92 65.72 49.18
CA GLY B 443 4.83 65.16 50.16
C GLY B 443 5.32 66.17 51.20
N HIS B 444 4.49 67.18 51.49
CA HIS B 444 4.82 68.23 52.46
C HIS B 444 4.33 67.98 53.90
N GLU B 445 3.63 66.87 54.15
CA GLU B 445 3.14 66.55 55.50
C GLU B 445 3.99 65.48 56.17
N GLU B 446 3.82 65.29 57.52
CA GLU B 446 4.56 64.28 58.28
C GLU B 446 4.09 62.86 57.94
N ILE B 447 2.89 62.76 57.35
CA ILE B 447 2.30 61.53 56.82
C ILE B 447 2.41 61.64 55.31
N ARG B 448 2.89 60.58 54.66
CA ARG B 448 3.12 60.58 53.22
C ARG B 448 2.69 59.28 52.57
N GLN B 449 2.66 59.25 51.22
CA GLN B 449 2.32 58.07 50.45
C GLN B 449 2.81 58.16 49.02
N ILE B 450 3.07 57.00 48.44
CA ILE B 450 3.40 56.82 47.04
C ILE B 450 2.41 55.77 46.60
N SER B 451 1.59 56.05 45.60
CA SER B 451 0.56 55.09 45.19
C SER B 451 0.24 55.10 43.71
N LYS B 452 -0.34 54.00 43.25
CA LYS B 452 -0.90 53.80 41.92
C LYS B 452 -1.95 52.72 42.09
N SER B 453 -3.25 53.10 41.94
CA SER B 453 -4.41 52.22 42.11
C SER B 453 -4.30 51.48 43.46
N ASP B 454 -4.27 50.13 43.45
CA ASP B 454 -4.18 49.26 44.62
C ASP B 454 -2.76 48.97 45.13
N ASP B 455 -1.73 49.63 44.58
CA ASP B 455 -0.35 49.43 45.06
C ASP B 455 0.08 50.70 45.70
N ALA B 456 0.62 50.61 46.94
CA ALA B 456 1.07 51.78 47.69
C ALA B 456 2.04 51.45 48.77
N MET B 457 2.73 52.51 49.22
CA MET B 457 3.64 52.51 50.35
C MET B 457 3.36 53.76 51.13
N LEU B 458 3.01 53.58 52.41
CA LEU B 458 2.61 54.65 53.33
C LEU B 458 3.77 55.06 54.19
N GLY B 459 4.04 56.37 54.15
CA GLY B 459 5.13 57.00 54.86
C GLY B 459 4.79 57.81 56.09
N TRP B 460 5.78 57.90 56.98
CA TRP B 460 5.75 58.63 58.25
C TRP B 460 7.15 59.18 58.54
N THR B 461 7.24 60.48 58.76
CA THR B 461 8.51 61.13 59.13
C THR B 461 8.49 61.23 60.66
N LYS B 462 9.47 61.96 61.25
CA LYS B 462 9.51 62.19 62.69
C LYS B 462 8.36 63.13 63.02
N GLY B 463 7.74 62.92 64.17
CA GLY B 463 6.60 63.72 64.59
C GLY B 463 5.59 62.96 65.42
N ARG B 464 4.44 63.62 65.68
CA ARG B 464 3.34 63.11 66.49
C ARG B 464 2.67 61.87 65.92
N ALA B 465 2.61 61.75 64.59
CA ALA B 465 1.97 60.62 63.93
C ALA B 465 2.83 59.35 63.89
N LEU B 466 4.16 59.46 64.07
CA LEU B 466 5.09 58.32 64.02
C LEU B 466 4.73 57.17 64.95
N VAL B 467 4.42 57.47 66.23
CA VAL B 467 4.01 56.46 67.21
C VAL B 467 2.76 55.67 66.75
N GLY B 468 1.79 56.39 66.18
CA GLY B 468 0.53 55.85 65.67
C GLY B 468 0.73 54.96 64.48
N GLY B 469 1.72 55.31 63.66
CA GLY B 469 2.12 54.56 62.48
C GLY B 469 2.62 53.18 62.88
N HIS B 470 3.46 53.12 63.94
CA HIS B 470 3.96 51.86 64.44
C HIS B 470 2.81 51.01 64.96
N ARG B 471 1.79 51.65 65.60
CA ARG B 471 0.60 50.95 66.09
C ARG B 471 -0.25 50.42 64.93
N LEU B 472 -0.34 51.19 63.81
CA LEU B 472 -1.07 50.79 62.59
C LEU B 472 -0.38 49.60 61.92
N PHE B 473 0.96 49.66 61.80
CA PHE B 473 1.76 48.58 61.23
C PHE B 473 1.55 47.31 62.06
N GLU B 474 1.54 47.45 63.41
CA GLU B 474 1.31 46.34 64.34
C GLU B 474 -0.07 45.74 64.12
N MET B 475 -1.12 46.58 63.98
CA MET B 475 -2.49 46.17 63.71
C MET B 475 -2.54 45.33 62.43
N LEU B 476 -1.86 45.79 61.35
CA LEU B 476 -1.81 45.09 60.08
C LEU B 476 -1.14 43.72 60.25
N LYS B 477 0.00 43.65 61.00
CA LYS B 477 0.70 42.39 61.30
C LYS B 477 -0.24 41.42 62.02
N GLU B 478 -1.00 41.89 63.05
CA GLU B 478 -1.98 41.10 63.80
C GLU B 478 -3.04 40.50 62.87
N GLY B 479 -3.46 41.26 61.85
CA GLY B 479 -4.43 40.86 60.83
C GLY B 479 -5.79 40.41 61.32
N LYS B 480 -6.26 40.94 62.45
CA LYS B 480 -7.56 40.56 62.99
C LYS B 480 -8.62 41.62 62.75
N VAL B 481 -8.20 42.89 62.55
CA VAL B 481 -9.11 44.01 62.32
C VAL B 481 -8.73 44.77 61.04
N ASN B 482 -9.72 45.04 60.16
CA ASN B 482 -9.51 45.81 58.95
C ASN B 482 -9.34 47.29 59.35
N PRO B 483 -8.22 47.95 58.96
CA PRO B 483 -8.01 49.35 59.35
C PRO B 483 -8.82 50.39 58.56
N SER B 484 -9.58 49.95 57.57
CA SER B 484 -10.36 50.85 56.74
C SER B 484 -11.84 50.48 56.67
N PRO B 485 -12.75 51.48 56.67
CA PRO B 485 -14.16 51.15 56.44
C PRO B 485 -14.49 51.00 54.94
N TYR B 486 -13.55 51.39 54.03
CA TYR B 486 -13.79 51.43 52.60
C TYR B 486 -13.41 50.23 51.76
N MET B 487 -12.23 49.65 52.01
CA MET B 487 -11.73 48.48 51.29
C MET B 487 -11.07 47.50 52.28
N LYS B 488 -10.78 46.27 51.83
CA LYS B 488 -10.12 45.26 52.66
C LYS B 488 -8.61 45.47 52.54
N ILE B 489 -8.00 46.07 53.58
CA ILE B 489 -6.57 46.39 53.63
C ILE B 489 -5.81 45.47 54.57
N SER B 490 -4.60 45.08 54.16
CA SER B 490 -3.66 44.25 54.91
C SER B 490 -2.26 44.72 54.55
N TYR B 491 -1.22 44.06 55.07
CA TYR B 491 0.14 44.40 54.69
C TYR B 491 0.56 43.43 53.62
N GLU B 492 1.41 43.87 52.70
CA GLU B 492 1.91 43.02 51.62
C GLU B 492 2.96 42.09 52.23
N HIS B 493 2.80 40.76 52.06
CA HIS B 493 3.76 39.82 52.60
C HIS B 493 4.95 39.74 51.63
N GLY B 494 5.86 40.70 51.79
CA GLY B 494 7.02 40.92 50.95
C GLY B 494 6.84 42.22 50.21
N GLY B 495 7.01 43.32 50.93
CA GLY B 495 6.80 44.68 50.44
C GLY B 495 7.44 45.01 49.11
N ALA B 496 6.62 45.51 48.18
CA ALA B 496 7.06 45.95 46.85
C ALA B 496 6.20 47.08 46.34
N PHE B 497 6.75 47.92 45.46
CA PHE B 497 5.99 49.01 44.87
C PHE B 497 6.27 49.11 43.39
N LEU B 498 5.21 48.88 42.57
CA LEU B 498 5.24 48.93 41.11
C LEU B 498 6.40 48.10 40.53
N GLY B 499 6.44 46.84 40.97
CA GLY B 499 7.42 45.86 40.50
C GLY B 499 8.73 45.78 41.26
N ASP B 500 9.12 46.84 41.97
CA ASP B 500 10.37 46.89 42.73
C ASP B 500 10.20 46.55 44.20
N ILE B 501 10.96 45.53 44.66
CA ILE B 501 10.95 45.04 46.03
C ILE B 501 11.80 45.96 46.92
N LEU B 502 11.26 46.34 48.09
CA LEU B 502 11.99 47.18 49.04
C LEU B 502 12.85 46.27 49.92
N LEU B 503 14.16 46.24 49.64
CA LEU B 503 15.14 45.40 50.35
C LEU B 503 15.71 46.10 51.58
N TYR B 504 15.33 45.60 52.76
CA TYR B 504 15.79 46.11 54.06
C TYR B 504 17.05 45.35 54.50
N ASP B 505 17.89 46.00 55.32
CA ASP B 505 19.05 45.30 55.87
C ASP B 505 18.74 44.90 57.33
N SER B 506 19.79 44.67 58.16
CA SER B 506 19.65 44.29 59.57
C SER B 506 18.87 45.29 60.41
N ARG B 507 18.97 46.60 60.06
CA ARG B 507 18.30 47.70 60.75
C ARG B 507 16.79 47.71 60.57
N ARG B 508 16.28 47.18 59.44
CA ARG B 508 14.85 47.15 59.08
C ARG B 508 14.22 48.54 59.13
N GLU B 509 14.91 49.53 58.53
CA GLU B 509 14.50 50.93 58.48
C GLU B 509 14.48 51.41 57.03
N PRO B 510 13.53 52.32 56.67
CA PRO B 510 13.47 52.81 55.27
C PRO B 510 14.73 53.51 54.74
N GLY B 511 15.49 54.16 55.63
CA GLY B 511 16.73 54.82 55.25
C GLY B 511 17.78 53.81 54.85
N SER B 512 17.90 52.74 55.64
CA SER B 512 18.80 51.60 55.46
C SER B 512 18.39 50.64 54.31
N ALA B 513 17.19 50.82 53.74
CA ALA B 513 16.64 49.97 52.67
C ALA B 513 16.87 50.49 51.24
N ILE B 514 16.82 49.60 50.23
CA ILE B 514 16.99 49.91 48.79
C ILE B 514 15.94 49.21 47.94
N PHE B 515 15.57 49.82 46.80
CA PHE B 515 14.60 49.24 45.86
C PHE B 515 15.29 48.39 44.79
N VAL B 516 15.13 47.07 44.88
CA VAL B 516 15.70 46.13 43.92
C VAL B 516 14.59 45.55 43.00
N GLY B 517 14.98 45.05 41.84
CA GLY B 517 14.04 44.45 40.90
C GLY B 517 13.56 43.11 41.42
N ASN B 518 12.34 42.71 41.02
CA ASN B 518 11.81 41.42 41.46
C ASN B 518 12.30 40.34 40.51
N ILE B 519 13.22 39.46 40.98
CA ILE B 519 13.77 38.38 40.16
C ILE B 519 12.70 37.40 39.69
N ASN B 520 11.65 37.20 40.51
CA ASN B 520 10.54 36.34 40.15
C ASN B 520 9.81 36.88 38.92
N SER B 521 9.69 38.23 38.81
CA SER B 521 9.06 38.90 37.66
C SER B 521 9.86 38.67 36.39
N MET B 522 11.21 38.59 36.51
CA MET B 522 12.08 38.32 35.35
C MET B 522 11.73 36.95 34.80
N LEU B 523 11.63 35.95 35.69
CA LEU B 523 11.28 34.57 35.36
C LEU B 523 9.88 34.49 34.74
N ASN B 524 8.90 35.20 35.34
CA ASN B 524 7.53 35.27 34.85
C ASN B 524 7.53 35.79 33.41
N ASN B 525 8.19 36.92 33.18
CA ASN B 525 8.24 37.53 31.86
C ASN B 525 9.00 36.68 30.84
N GLN B 526 10.13 36.07 31.27
CA GLN B 526 11.00 35.27 30.43
C GLN B 526 10.55 33.85 30.09
N PHE B 527 9.75 33.20 30.97
CA PHE B 527 9.28 31.82 30.74
C PHE B 527 7.76 31.62 30.78
N SER B 528 7.00 32.61 31.27
CA SER B 528 5.55 32.52 31.33
C SER B 528 4.89 33.81 30.75
N PRO B 529 5.13 34.17 29.48
CA PRO B 529 4.46 35.37 28.94
C PRO B 529 2.95 35.15 28.87
N GLU B 530 2.17 36.25 28.91
CA GLU B 530 0.71 36.17 28.85
C GLU B 530 0.24 35.76 27.45
N TYR B 531 0.95 36.23 26.42
CA TYR B 531 0.57 35.94 25.06
C TYR B 531 1.68 35.21 24.31
N GLY B 532 1.32 34.57 23.20
CA GLY B 532 2.28 33.92 22.32
C GLY B 532 3.01 34.99 21.50
N VAL B 533 3.97 34.58 20.66
CA VAL B 533 4.77 35.50 19.85
C VAL B 533 4.02 36.12 18.65
N GLN B 534 2.84 35.54 18.30
CA GLN B 534 1.94 35.94 17.19
C GLN B 534 2.71 36.07 15.87
N SER B 535 3.51 35.03 15.52
CA SER B 535 4.35 35.07 14.31
C SER B 535 3.57 35.28 12.98
N GLY B 536 2.26 35.02 13.00
CA GLY B 536 1.34 35.20 11.89
C GLY B 536 0.86 36.63 11.71
N VAL B 537 1.02 37.50 12.74
CA VAL B 537 0.63 38.90 12.66
C VAL B 537 1.80 39.65 12.06
N ARG B 538 1.67 40.04 10.77
CA ARG B 538 2.71 40.72 9.98
C ARG B 538 3.18 42.03 10.60
N ASP B 539 2.23 42.88 11.01
CA ASP B 539 2.56 44.15 11.63
C ASP B 539 2.88 43.93 13.12
N ARG B 540 4.17 43.95 13.44
CA ARG B 540 4.67 43.73 14.80
C ARG B 540 4.16 44.71 15.82
N SER B 541 3.93 45.98 15.41
CA SER B 541 3.40 47.01 16.30
C SER B 541 1.97 46.68 16.79
N LYS B 542 1.22 45.83 16.05
CA LYS B 542 -0.14 45.42 16.41
C LYS B 542 -0.15 44.21 17.38
N ARG B 543 1.00 43.51 17.49
CA ARG B 543 1.19 42.35 18.38
C ARG B 543 1.21 42.75 19.85
N LYS B 544 0.84 41.79 20.71
CA LYS B 544 0.85 41.93 22.16
C LYS B 544 2.28 41.95 22.67
N ARG B 545 3.21 41.27 21.95
CA ARG B 545 4.64 41.23 22.25
C ARG B 545 5.38 41.59 20.95
N PRO B 546 5.47 42.91 20.60
CA PRO B 546 6.09 43.30 19.34
C PRO B 546 7.53 42.82 19.08
N PHE B 547 8.42 43.02 20.06
CA PHE B 547 9.84 42.67 19.92
C PHE B 547 10.34 41.96 21.19
N PRO B 548 9.97 40.67 21.39
CA PRO B 548 10.36 39.94 22.62
C PRO B 548 11.85 39.85 22.92
N GLY B 549 12.66 39.77 21.85
CA GLY B 549 14.11 39.69 21.91
C GLY B 549 14.77 40.83 22.64
N LEU B 550 14.19 42.05 22.56
CA LEU B 550 14.67 43.30 23.18
C LEU B 550 14.77 43.32 24.70
N ALA B 551 13.93 42.55 25.39
CA ALA B 551 13.91 42.45 26.86
C ALA B 551 15.26 41.99 27.46
N TRP B 552 16.08 41.28 26.65
CA TRP B 552 17.41 40.82 27.06
C TRP B 552 18.35 42.01 27.28
N ALA B 553 18.22 43.04 26.44
CA ALA B 553 19.05 44.25 26.51
C ALA B 553 18.76 45.13 27.72
N SER B 554 17.54 45.05 28.28
CA SER B 554 17.14 45.85 29.45
C SER B 554 17.17 45.07 30.75
N MET B 555 17.37 43.73 30.66
CA MET B 555 17.42 42.82 31.79
C MET B 555 18.33 43.29 32.93
N LYS B 556 19.64 43.49 32.64
CA LYS B 556 20.66 43.92 33.60
C LYS B 556 20.25 45.22 34.30
N ASP B 557 19.71 46.19 33.55
CA ASP B 557 19.24 47.43 34.16
C ASP B 557 18.05 47.17 35.11
N THR B 558 17.06 46.39 34.66
CA THR B 558 15.84 46.07 35.40
C THR B 558 16.10 45.19 36.64
N TYR B 559 16.86 44.09 36.46
CA TYR B 559 17.07 43.06 37.50
C TYR B 559 18.45 42.91 38.13
N GLY B 560 19.46 43.57 37.57
CA GLY B 560 20.84 43.51 38.04
C GLY B 560 21.09 43.75 39.52
N ALA B 561 20.26 44.59 40.14
CA ALA B 561 20.33 44.95 41.57
C ALA B 561 19.84 43.85 42.52
N CYS B 562 19.13 42.82 41.99
CA CYS B 562 18.64 41.74 42.85
C CYS B 562 19.82 40.96 43.41
N PRO B 563 19.87 40.72 44.75
CA PRO B 563 21.00 39.97 45.33
C PRO B 563 21.39 38.65 44.66
N ILE B 564 20.39 37.93 44.12
CA ILE B 564 20.60 36.64 43.48
C ILE B 564 20.55 36.64 41.95
N TYR B 565 20.70 37.83 41.31
CA TYR B 565 20.67 37.99 39.86
C TYR B 565 21.57 36.98 39.11
N SER B 566 22.88 36.99 39.42
CA SER B 566 23.89 36.12 38.81
C SER B 566 23.58 34.65 39.01
N ASP B 567 23.18 34.28 40.25
CA ASP B 567 22.82 32.92 40.65
C ASP B 567 21.70 32.36 39.77
N VAL B 568 20.66 33.18 39.52
CA VAL B 568 19.48 32.84 38.72
C VAL B 568 19.89 32.63 37.24
N LEU B 569 20.70 33.56 36.68
CA LEU B 569 21.16 33.44 35.31
C LEU B 569 21.98 32.19 35.07
N GLU B 570 22.84 31.82 36.05
CA GLU B 570 23.66 30.59 35.98
C GLU B 570 22.76 29.36 36.08
N ALA B 571 21.73 29.40 36.98
CA ALA B 571 20.78 28.30 37.16
C ALA B 571 19.97 28.10 35.88
N ILE B 572 19.57 29.21 35.20
CA ILE B 572 18.85 29.16 33.93
C ILE B 572 19.73 28.46 32.89
N GLU B 573 20.98 28.92 32.75
CA GLU B 573 21.96 28.40 31.80
C GLU B 573 22.16 26.90 31.96
N ARG B 574 22.37 26.45 33.21
CA ARG B 574 22.57 25.05 33.59
C ARG B 574 21.33 24.22 33.23
N CYS B 575 20.13 24.67 33.65
CA CYS B 575 18.87 23.96 33.39
C CYS B 575 18.49 23.92 31.91
N TRP B 576 18.77 25.00 31.15
CA TRP B 576 18.48 25.07 29.72
C TRP B 576 19.41 24.13 28.97
N TRP B 577 20.68 24.03 29.40
CA TRP B 577 21.66 23.09 28.81
C TRP B 577 21.16 21.66 29.00
N ASN B 578 20.68 21.34 30.21
CA ASN B 578 20.15 20.02 30.55
C ASN B 578 18.93 19.65 29.70
N ALA B 579 18.02 20.62 29.50
CA ALA B 579 16.76 20.47 28.78
C ALA B 579 16.81 20.57 27.25
N PHE B 580 17.68 21.43 26.68
CA PHE B 580 17.76 21.65 25.24
C PHE B 580 19.10 21.34 24.60
N GLY B 581 20.15 21.27 25.39
CA GLY B 581 21.51 21.07 24.90
C GLY B 581 21.95 22.30 24.12
N GLU B 582 21.56 23.48 24.64
CA GLU B 582 21.75 24.80 24.03
C GLU B 582 22.11 25.80 25.12
N SER B 583 22.87 26.85 24.75
CA SER B 583 23.17 27.95 25.66
C SER B 583 21.98 28.91 25.63
N TYR B 584 21.32 29.14 26.77
CA TYR B 584 20.20 30.07 26.83
C TYR B 584 20.66 31.49 26.52
N ARG B 585 21.81 31.91 27.09
CA ARG B 585 22.41 33.22 26.85
C ARG B 585 22.62 33.46 25.35
N ALA B 586 23.21 32.49 24.62
CA ALA B 586 23.45 32.59 23.18
C ALA B 586 22.13 32.66 22.40
N TYR B 587 21.12 31.89 22.85
CA TYR B 587 19.78 31.85 22.27
C TYR B 587 19.13 33.23 22.36
N ARG B 588 19.26 33.89 23.52
CA ARG B 588 18.69 35.22 23.75
C ARG B 588 19.46 36.30 23.04
N GLU B 589 20.80 36.14 22.88
CA GLU B 589 21.64 37.09 22.16
C GLU B 589 21.26 37.08 20.68
N ASP B 590 20.96 35.89 20.11
CA ASP B 590 20.52 35.75 18.72
C ASP B 590 19.17 36.43 18.53
N MET B 591 18.21 36.20 19.47
CA MET B 591 16.87 36.80 19.44
C MET B 591 16.97 38.32 19.53
N LEU B 592 17.87 38.82 20.40
CA LEU B 592 18.12 40.25 20.59
C LEU B 592 18.62 40.88 19.29
N LYS B 593 19.56 40.22 18.60
CA LYS B 593 20.10 40.68 17.32
C LYS B 593 19.00 40.77 16.27
N ARG B 594 18.20 39.70 16.11
CA ARG B 594 17.09 39.62 15.15
C ARG B 594 16.05 40.71 15.37
N ASP B 595 15.59 40.86 16.62
CA ASP B 595 14.61 41.88 16.98
C ASP B 595 15.13 43.31 16.85
N THR B 596 16.45 43.55 17.12
CA THR B 596 17.06 44.88 16.96
C THR B 596 16.99 45.29 15.49
N LEU B 597 17.32 44.35 14.57
CA LEU B 597 17.29 44.56 13.12
C LEU B 597 15.87 44.82 12.61
N GLU B 598 14.91 44.06 13.14
CA GLU B 598 13.50 44.14 12.78
C GLU B 598 12.86 45.45 13.26
N LEU B 599 13.36 46.01 14.38
CA LEU B 599 12.89 47.27 14.95
C LEU B 599 13.11 48.45 13.99
N SER B 600 14.17 48.41 13.15
CA SER B 600 14.46 49.48 12.16
C SER B 600 13.43 49.57 11.01
N ARG B 601 12.55 48.55 10.90
CA ARG B 601 11.47 48.56 9.91
C ARG B 601 10.21 49.20 10.52
N TYR B 602 10.36 49.82 11.73
CA TYR B 602 9.29 50.49 12.49
C TYR B 602 9.73 51.86 13.06
N VAL B 603 11.04 52.05 13.27
CA VAL B 603 11.61 53.31 13.77
C VAL B 603 12.44 53.90 12.63
N ALA B 604 12.03 55.09 12.14
CA ALA B 604 12.69 55.79 11.04
C ALA B 604 13.99 56.47 11.44
N SER B 605 14.02 57.12 12.64
CA SER B 605 15.15 57.86 13.22
C SER B 605 16.31 56.94 13.55
N MET B 606 15.98 55.73 14.02
CA MET B 606 16.97 54.69 14.30
C MET B 606 17.43 54.31 12.91
N ALA B 607 18.56 54.92 12.47
CA ALA B 607 19.15 54.73 11.13
C ALA B 607 19.04 53.27 10.71
N ARG B 608 18.66 53.04 9.45
CA ARG B 608 18.42 51.74 8.84
C ARG B 608 19.22 50.54 9.42
N GLN B 609 20.43 50.81 9.98
CA GLN B 609 21.31 49.86 10.68
C GLN B 609 22.08 50.56 11.84
N ALA B 610 21.33 51.16 12.78
CA ALA B 610 21.93 51.88 13.90
C ALA B 610 22.15 51.07 15.19
N GLY B 611 21.13 50.33 15.61
CA GLY B 611 21.18 49.59 16.87
C GLY B 611 20.33 50.26 17.95
N LEU B 612 20.46 49.81 19.20
CA LEU B 612 19.64 50.29 20.32
C LEU B 612 20.20 51.48 21.13
N ALA B 613 21.30 52.10 20.62
CA ALA B 613 22.03 53.19 21.26
C ALA B 613 21.21 54.27 21.97
N GLU B 614 20.21 54.85 21.29
CA GLU B 614 19.43 55.93 21.91
C GLU B 614 18.22 55.50 22.74
N LEU B 615 17.96 54.18 22.82
CA LEU B 615 16.81 53.66 23.58
C LEU B 615 17.10 53.37 25.03
N THR B 616 16.14 53.71 25.90
CA THR B 616 16.24 53.54 27.34
C THR B 616 15.80 52.12 27.76
N PRO B 617 16.10 51.67 29.01
CA PRO B 617 15.59 50.36 29.45
C PRO B 617 14.07 50.29 29.41
N ILE B 618 13.37 51.42 29.75
CA ILE B 618 11.90 51.54 29.71
C ILE B 618 11.42 51.26 28.29
N ASP B 619 12.06 51.92 27.29
CA ASP B 619 11.75 51.74 25.86
C ASP B 619 11.81 50.28 25.45
N LEU B 620 12.87 49.55 25.86
CA LEU B 620 13.03 48.12 25.55
C LEU B 620 11.97 47.22 26.21
N GLU B 621 11.70 47.42 27.53
CA GLU B 621 10.72 46.64 28.30
C GLU B 621 9.31 46.79 27.70
N VAL B 622 8.99 48.03 27.24
CA VAL B 622 7.72 48.40 26.62
C VAL B 622 7.61 47.79 25.20
N LEU B 623 8.70 47.80 24.43
CA LEU B 623 8.68 47.21 23.07
C LEU B 623 8.49 45.68 23.13
N ALA B 624 8.96 45.04 24.21
CA ALA B 624 8.82 43.60 24.41
C ALA B 624 7.46 43.31 25.04
N ASP B 625 6.93 44.27 25.83
CA ASP B 625 5.65 44.11 26.54
C ASP B 625 4.90 45.45 26.69
N PRO B 626 4.11 45.89 25.68
CA PRO B 626 3.37 47.17 25.80
C PRO B 626 2.32 47.22 26.90
N ASN B 627 2.02 46.07 27.52
CA ASN B 627 1.08 45.99 28.63
C ASN B 627 1.61 46.76 29.82
N LYS B 628 2.95 46.92 29.90
CA LYS B 628 3.65 47.67 30.94
C LYS B 628 3.31 49.17 30.85
N LEU B 629 2.86 49.61 29.67
CA LEU B 629 2.44 50.98 29.40
C LEU B 629 1.01 51.22 29.92
N GLN B 630 0.32 50.12 30.28
CA GLN B 630 -1.06 50.14 30.76
C GLN B 630 -1.22 49.92 32.29
N TYR B 631 -0.10 49.64 33.02
CA TYR B 631 -0.15 49.39 34.47
C TYR B 631 1.09 49.87 35.23
N LYS B 632 2.24 49.96 34.56
CA LYS B 632 3.51 50.31 35.19
C LYS B 632 3.98 51.73 34.87
N TRP B 633 4.04 52.06 33.58
CA TRP B 633 4.50 53.37 33.11
C TRP B 633 3.43 54.15 32.35
N THR B 634 3.78 55.37 31.94
CA THR B 634 2.91 56.26 31.17
C THR B 634 3.68 56.77 29.94
N GLN B 635 2.95 57.39 29.01
CA GLN B 635 3.41 57.98 27.75
C GLN B 635 4.71 58.79 27.89
N ALA B 636 4.79 59.68 28.89
CA ALA B 636 5.94 60.54 29.12
C ALA B 636 7.24 59.79 29.47
N ASP B 637 7.11 58.53 29.98
CA ASP B 637 8.24 57.70 30.38
C ASP B 637 8.93 57.03 29.19
N VAL B 638 8.27 57.05 28.02
CA VAL B 638 8.72 56.43 26.76
C VAL B 638 9.21 57.49 25.76
N SER B 639 10.34 57.20 25.09
CA SER B 639 10.88 58.08 24.04
C SER B 639 9.80 58.30 22.99
N ALA B 640 9.69 59.55 22.48
CA ALA B 640 8.69 59.97 21.49
C ALA B 640 8.66 59.08 20.25
N ASN B 641 9.84 58.74 19.70
CA ASN B 641 9.94 57.88 18.51
C ASN B 641 9.46 56.44 18.76
N ILE B 642 9.48 55.98 20.02
CA ILE B 642 9.04 54.64 20.41
C ILE B 642 7.53 54.64 20.67
N HIS B 643 6.99 55.71 21.30
CA HIS B 643 5.56 55.85 21.56
C HIS B 643 4.78 55.80 20.24
N GLU B 644 5.33 56.42 19.16
CA GLU B 644 4.76 56.44 17.81
C GLU B 644 4.63 55.05 17.20
N VAL B 645 5.51 54.10 17.60
CA VAL B 645 5.52 52.71 17.10
C VAL B 645 4.24 52.00 17.60
N LEU B 646 3.87 52.26 18.86
CA LEU B 646 2.75 51.60 19.52
C LEU B 646 1.41 52.33 19.48
N MET B 647 1.42 53.67 19.34
CA MET B 647 0.22 54.49 19.38
C MET B 647 0.11 55.42 18.18
N HIS B 648 -1.10 55.94 17.97
CA HIS B 648 -1.46 56.94 16.99
C HIS B 648 -2.60 57.78 17.57
N GLY B 649 -2.59 59.08 17.30
CA GLY B 649 -3.60 59.97 17.87
C GLY B 649 -4.43 60.84 16.96
N VAL B 650 -5.48 61.42 17.57
CA VAL B 650 -6.46 62.37 17.00
C VAL B 650 -5.83 63.74 17.28
N SER B 651 -5.90 64.71 16.34
CA SER B 651 -5.29 66.04 16.51
C SER B 651 -5.70 66.80 17.78
N VAL B 652 -4.75 67.56 18.35
CA VAL B 652 -4.98 68.38 19.55
C VAL B 652 -6.00 69.50 19.24
N GLU B 653 -6.18 69.85 17.95
CA GLU B 653 -7.13 70.88 17.50
C GLU B 653 -8.57 70.42 17.76
N LYS B 654 -8.88 69.15 17.45
CA LYS B 654 -10.19 68.53 17.66
C LYS B 654 -10.46 68.29 19.16
N THR B 655 -9.42 67.86 19.91
CA THR B 655 -9.56 67.60 21.35
C THR B 655 -9.66 68.90 22.14
N GLU B 656 -8.91 69.95 21.71
CA GLU B 656 -8.90 71.27 22.32
C GLU B 656 -10.31 71.87 22.31
N ARG B 657 -10.99 71.77 21.14
CA ARG B 657 -12.35 72.26 20.93
C ARG B 657 -13.34 71.47 21.81
N PHE B 658 -13.12 70.15 21.91
CA PHE B 658 -13.94 69.26 22.73
C PHE B 658 -13.82 69.62 24.22
N LEU B 659 -12.58 69.68 24.77
CA LEU B 659 -12.28 70.00 26.18
C LEU B 659 -12.89 71.34 26.62
N ARG B 660 -12.83 72.36 25.73
CA ARG B 660 -13.36 73.71 25.98
C ARG B 660 -14.85 73.63 26.34
N SER B 661 -15.61 72.76 25.63
CA SER B 661 -17.04 72.55 25.82
C SER B 661 -17.40 71.74 27.09
N VAL B 662 -16.45 70.94 27.62
CA VAL B 662 -16.62 70.06 28.79
C VAL B 662 -16.36 70.80 30.09
N MET B 663 -15.21 71.45 30.11
CA MET B 663 -14.66 72.12 31.27
C MET B 663 -15.36 73.38 31.74
N PRO B 664 -15.28 73.67 33.06
CA PRO B 664 -15.92 74.89 33.59
C PRO B 664 -15.31 76.19 33.09
N ARG B 665 -16.14 77.27 33.12
CA ARG B 665 -15.90 78.68 32.77
C ARG B 665 -14.64 79.00 31.94
N PRO C 2 23.98 -38.81 -49.36
CA PRO C 2 22.62 -38.40 -49.79
C PRO C 2 21.83 -37.65 -48.70
N ARG C 3 22.49 -36.61 -48.13
CA ARG C 3 22.03 -35.69 -47.06
C ARG C 3 21.81 -36.33 -45.71
N ARG C 4 22.66 -36.03 -44.70
CA ARG C 4 22.30 -36.51 -43.38
C ARG C 4 21.40 -35.43 -42.81
N ALA C 5 20.36 -35.83 -42.07
CA ALA C 5 19.45 -34.84 -41.53
C ALA C 5 20.12 -34.11 -40.40
N PRO C 6 19.91 -32.78 -40.27
CA PRO C 6 20.48 -32.09 -39.09
C PRO C 6 19.74 -32.59 -37.84
N ALA C 7 20.46 -32.70 -36.74
CA ALA C 7 19.87 -33.13 -35.47
C ALA C 7 20.29 -32.16 -34.41
N PHE C 8 19.34 -31.79 -33.54
CA PHE C 8 19.57 -30.82 -32.48
C PHE C 8 19.18 -31.39 -31.13
N PRO C 9 20.06 -31.34 -30.12
CA PRO C 9 19.68 -31.83 -28.79
C PRO C 9 18.65 -30.87 -28.17
N LEU C 10 17.90 -31.35 -27.16
CA LEU C 10 16.89 -30.53 -26.48
C LEU C 10 17.44 -29.17 -25.98
N SER C 11 18.72 -29.16 -25.54
CA SER C 11 19.38 -27.95 -25.08
C SER C 11 19.48 -26.85 -26.16
N ASP C 12 19.51 -27.24 -27.45
CA ASP C 12 19.61 -26.31 -28.59
C ASP C 12 18.39 -25.43 -28.67
N ILE C 13 18.60 -24.14 -29.01
CA ILE C 13 17.53 -23.16 -29.19
C ILE C 13 16.44 -23.65 -30.18
N LYS C 14 16.81 -24.35 -31.27
CA LYS C 14 15.87 -24.88 -32.25
C LYS C 14 14.89 -25.86 -31.64
N ALA C 15 15.34 -26.61 -30.61
CA ALA C 15 14.52 -27.58 -29.88
C ALA C 15 13.72 -26.86 -28.81
N GLN C 16 14.36 -25.93 -28.09
CA GLN C 16 13.72 -25.14 -27.03
C GLN C 16 12.50 -24.34 -27.52
N MET C 17 12.60 -23.80 -28.74
CA MET C 17 11.55 -23.01 -29.39
C MET C 17 10.27 -23.83 -29.65
N LEU C 18 10.36 -25.18 -29.61
CA LEU C 18 9.21 -26.06 -29.85
C LEU C 18 8.31 -26.21 -28.63
N PHE C 19 8.79 -25.77 -27.45
CA PHE C 19 8.06 -25.95 -26.22
C PHE C 19 7.78 -24.63 -25.53
N ALA C 20 6.49 -24.31 -25.36
CA ALA C 20 6.04 -23.10 -24.71
C ALA C 20 6.38 -23.04 -23.22
N ASN C 21 6.34 -21.83 -22.63
CA ASN C 21 6.69 -21.60 -21.24
C ASN C 21 5.60 -22.02 -20.23
N ASN C 22 5.21 -23.30 -20.28
CA ASN C 22 4.24 -23.89 -19.37
C ASN C 22 4.72 -25.29 -18.97
N ILE C 23 4.29 -25.75 -17.77
CA ILE C 23 4.66 -27.04 -17.18
C ILE C 23 4.44 -28.22 -18.13
N LYS C 24 3.26 -28.33 -18.76
CA LYS C 24 2.92 -29.42 -19.67
C LYS C 24 3.86 -29.55 -20.86
N ALA C 25 4.17 -28.40 -21.55
CA ALA C 25 5.06 -28.37 -22.71
C ALA C 25 6.48 -28.73 -22.29
N GLN C 26 6.95 -28.18 -21.15
CA GLN C 26 8.28 -28.44 -20.63
C GLN C 26 8.43 -29.91 -20.20
N GLN C 27 7.39 -30.50 -19.57
CA GLN C 27 7.41 -31.91 -19.19
C GLN C 27 7.48 -32.80 -20.43
N ALA C 28 6.73 -32.42 -21.51
CA ALA C 28 6.70 -33.15 -22.79
C ALA C 28 8.06 -33.20 -23.46
N SER C 29 8.82 -32.07 -23.37
CA SER C 29 10.16 -31.96 -23.94
C SER C 29 11.15 -32.90 -23.25
N LYS C 30 11.12 -32.94 -21.90
CA LYS C 30 12.01 -33.68 -21.02
C LYS C 30 11.62 -35.12 -20.67
N ARG C 31 10.34 -35.52 -20.88
CA ARG C 31 9.83 -36.84 -20.51
C ARG C 31 10.78 -37.97 -20.83
N SER C 32 11.28 -38.66 -19.78
CA SER C 32 12.21 -39.78 -19.94
C SER C 32 11.46 -41.07 -20.23
N PHE C 33 12.19 -42.13 -20.62
CA PHE C 33 11.59 -43.44 -20.89
C PHE C 33 10.89 -43.93 -19.62
N LYS C 34 9.62 -44.32 -19.78
CA LYS C 34 8.77 -44.82 -18.69
C LYS C 34 8.14 -46.14 -19.06
N GLU C 35 7.98 -47.04 -18.06
CA GLU C 35 7.36 -48.36 -18.21
C GLU C 35 6.74 -48.84 -16.90
N GLY C 36 5.76 -49.72 -17.00
CA GLY C 36 5.07 -50.28 -15.85
C GLY C 36 3.84 -51.06 -16.24
N ALA C 37 3.43 -52.01 -15.40
CA ALA C 37 2.25 -52.86 -15.66
C ALA C 37 1.02 -52.00 -15.77
N ILE C 38 0.16 -52.30 -16.75
CA ILE C 38 -1.09 -51.59 -16.91
C ILE C 38 -2.15 -52.22 -15.97
N GLU C 39 -3.11 -51.42 -15.48
CA GLU C 39 -4.17 -51.98 -14.65
C GLU C 39 -5.22 -52.39 -15.66
N THR C 40 -5.08 -53.64 -16.15
CA THR C 40 -5.94 -54.25 -17.18
C THR C 40 -7.43 -54.02 -16.91
N TYR C 41 -7.88 -54.36 -15.68
CA TYR C 41 -9.20 -54.16 -15.11
C TYR C 41 -9.00 -53.75 -13.63
N GLU C 42 -9.89 -52.88 -13.08
CA GLU C 42 -9.87 -52.36 -11.70
C GLU C 42 -9.26 -53.38 -10.71
N GLY C 43 -8.13 -53.00 -10.13
CA GLY C 43 -7.40 -53.83 -9.16
C GLY C 43 -6.71 -55.07 -9.69
N LEU C 44 -6.48 -55.15 -11.01
CA LEU C 44 -5.79 -56.26 -11.66
C LEU C 44 -4.74 -55.77 -12.65
N LEU C 45 -3.47 -56.06 -12.33
CA LEU C 45 -2.31 -55.71 -13.13
C LEU C 45 -2.05 -56.73 -14.21
N SER C 46 -1.63 -56.27 -15.39
CA SER C 46 -1.31 -57.14 -16.53
C SER C 46 -0.28 -58.23 -16.17
N VAL C 47 0.49 -58.02 -15.08
CA VAL C 47 1.54 -58.95 -14.66
C VAL C 47 1.17 -59.83 -13.46
N ASP C 48 -0.08 -59.73 -12.97
CA ASP C 48 -0.57 -60.54 -11.84
C ASP C 48 -0.32 -62.02 -12.17
N PRO C 49 0.32 -62.80 -11.25
CA PRO C 49 0.59 -64.22 -11.57
C PRO C 49 -0.61 -65.05 -11.99
N ARG C 50 -1.81 -64.80 -11.40
CA ARG C 50 -3.04 -65.54 -11.78
C ARG C 50 -3.44 -65.20 -13.19
N PHE C 51 -3.32 -63.91 -13.58
CA PHE C 51 -3.64 -63.42 -14.91
C PHE C 51 -2.71 -64.02 -15.98
N LEU C 52 -1.40 -64.07 -15.69
CA LEU C 52 -0.42 -64.66 -16.61
C LEU C 52 -0.60 -66.18 -16.72
N SER C 53 -0.99 -66.85 -15.60
CA SER C 53 -1.27 -68.30 -15.58
C SER C 53 -2.47 -68.57 -16.50
N PHE C 54 -3.52 -67.71 -16.39
CA PHE C 54 -4.75 -67.75 -17.19
C PHE C 54 -4.40 -67.62 -18.67
N LYS C 55 -3.57 -66.60 -19.03
CA LYS C 55 -3.13 -66.35 -20.40
C LYS C 55 -2.34 -67.52 -20.94
N ASN C 56 -1.47 -68.12 -20.10
CA ASN C 56 -0.67 -69.28 -20.51
C ASN C 56 -1.57 -70.47 -20.84
N GLU C 57 -2.53 -70.80 -19.95
CA GLU C 57 -3.45 -71.90 -20.18
C GLU C 57 -4.38 -71.67 -21.39
N LEU C 58 -5.01 -70.48 -21.46
CA LEU C 58 -5.93 -70.14 -22.55
C LEU C 58 -5.28 -70.09 -23.93
N SER C 59 -4.11 -69.41 -24.07
CA SER C 59 -3.41 -69.32 -25.36
C SER C 59 -3.00 -70.69 -25.88
N ARG C 60 -2.53 -71.58 -24.97
CA ARG C 60 -2.11 -72.94 -25.31
C ARG C 60 -3.30 -73.80 -25.75
N TYR C 61 -4.40 -73.77 -24.96
CA TYR C 61 -5.63 -74.53 -25.22
C TYR C 61 -6.28 -74.15 -26.54
N LEU C 62 -6.49 -72.84 -26.77
CA LEU C 62 -7.13 -72.35 -27.99
C LEU C 62 -6.30 -72.66 -29.23
N THR C 63 -4.95 -72.53 -29.16
CA THR C 63 -4.04 -72.86 -30.27
C THR C 63 -4.15 -74.35 -30.63
N ASP C 64 -4.21 -75.18 -29.59
CA ASP C 64 -4.30 -76.63 -29.72
C ASP C 64 -5.60 -77.09 -30.36
N HIS C 65 -6.75 -76.63 -29.82
CA HIS C 65 -8.07 -77.01 -30.28
C HIS C 65 -8.56 -76.27 -31.50
N PHE C 66 -8.06 -75.06 -31.74
CA PHE C 66 -8.50 -74.27 -32.89
C PHE C 66 -7.33 -73.80 -33.74
N PRO C 67 -6.69 -74.74 -34.50
CA PRO C 67 -5.57 -74.32 -35.37
C PRO C 67 -6.09 -73.44 -36.50
N ALA C 68 -5.23 -72.60 -37.06
CA ALA C 68 -5.62 -71.71 -38.15
C ALA C 68 -6.18 -72.47 -39.35
N ASN C 69 -7.26 -71.93 -39.94
CA ASN C 69 -7.92 -72.48 -41.12
C ASN C 69 -7.78 -71.46 -42.24
N VAL C 70 -6.58 -71.40 -42.83
CA VAL C 70 -6.24 -70.48 -43.92
C VAL C 70 -5.67 -71.31 -45.06
N ASP C 71 -6.29 -71.24 -46.24
CA ASP C 71 -5.80 -72.01 -47.38
C ASP C 71 -4.53 -71.44 -48.05
N GLU C 72 -4.03 -72.13 -49.10
CA GLU C 72 -2.83 -71.81 -49.89
C GLU C 72 -2.92 -70.41 -50.51
N TYR C 73 -4.16 -69.92 -50.75
CA TYR C 73 -4.47 -68.62 -51.32
C TYR C 73 -4.73 -67.54 -50.23
N GLY C 74 -4.48 -67.89 -48.97
CA GLY C 74 -4.69 -66.97 -47.86
C GLY C 74 -6.14 -66.68 -47.52
N ARG C 75 -7.05 -67.56 -47.96
CA ARG C 75 -8.48 -67.42 -47.69
C ARG C 75 -8.81 -68.12 -46.38
N VAL C 76 -9.56 -67.44 -45.50
CA VAL C 76 -9.98 -68.04 -44.23
C VAL C 76 -11.25 -68.88 -44.48
N TYR C 77 -11.30 -70.07 -43.88
CA TYR C 77 -12.43 -71.00 -43.95
C TYR C 77 -12.67 -71.59 -42.54
N GLY C 78 -13.55 -72.59 -42.45
CA GLY C 78 -13.86 -73.33 -41.24
C GLY C 78 -14.15 -72.51 -40.00
N ASN C 79 -13.29 -72.65 -38.97
CA ASN C 79 -13.39 -72.01 -37.65
C ASN C 79 -13.33 -70.47 -37.58
N GLY C 80 -12.76 -69.84 -38.60
CA GLY C 80 -12.57 -68.41 -38.66
C GLY C 80 -11.36 -67.98 -37.85
N VAL C 81 -10.30 -68.82 -37.87
CA VAL C 81 -9.05 -68.60 -37.14
C VAL C 81 -7.91 -68.46 -38.16
N ARG C 82 -7.11 -67.37 -38.04
CA ARG C 82 -5.98 -67.13 -38.96
C ARG C 82 -4.57 -67.38 -38.42
N THR C 83 -4.41 -67.39 -37.08
CA THR C 83 -3.12 -67.68 -36.44
C THR C 83 -3.34 -68.33 -35.10
N ASN C 84 -2.24 -68.59 -34.40
CA ASN C 84 -2.24 -69.11 -33.05
C ASN C 84 -2.82 -68.04 -32.13
N PHE C 85 -3.01 -68.38 -30.85
CA PHE C 85 -3.55 -67.45 -29.86
C PHE C 85 -2.46 -66.95 -28.91
N PHE C 86 -1.18 -67.15 -29.27
CA PHE C 86 -0.03 -66.75 -28.47
C PHE C 86 0.24 -65.24 -28.41
N GLY C 87 -0.43 -64.46 -29.26
CA GLY C 87 -0.30 -63.01 -29.28
C GLY C 87 -0.60 -62.31 -27.98
N MET C 88 -1.43 -62.95 -27.09
CA MET C 88 -1.77 -62.42 -25.77
C MET C 88 -0.62 -62.51 -24.76
N ARG C 89 0.41 -63.32 -25.05
CA ARG C 89 1.54 -63.57 -24.14
C ARG C 89 2.54 -62.43 -23.98
N HIS C 90 2.03 -61.24 -23.64
CA HIS C 90 2.87 -60.05 -23.42
C HIS C 90 2.73 -59.49 -22.00
N MET C 91 3.79 -58.81 -21.55
CA MET C 91 3.81 -58.16 -20.25
C MET C 91 3.39 -56.72 -20.59
N ASN C 92 2.06 -56.52 -20.79
CA ASN C 92 1.45 -55.24 -21.17
C ASN C 92 1.85 -54.07 -20.28
N GLY C 93 2.43 -53.06 -20.91
CA GLY C 93 2.94 -51.86 -20.24
C GLY C 93 4.46 -51.78 -20.24
N PHE C 94 5.12 -52.90 -20.64
CA PHE C 94 6.57 -53.01 -20.73
C PHE C 94 6.97 -53.14 -22.20
N PRO C 95 7.59 -52.09 -22.79
CA PRO C 95 7.91 -52.14 -24.22
C PRO C 95 9.19 -52.87 -24.59
N MET C 96 9.30 -53.22 -25.87
CA MET C 96 10.52 -53.79 -26.43
C MET C 96 11.55 -52.65 -26.37
N ILE C 97 12.84 -52.98 -26.24
CA ILE C 97 13.88 -51.95 -26.15
C ILE C 97 14.96 -52.19 -27.23
N PRO C 98 15.30 -51.18 -28.04
CA PRO C 98 14.74 -49.82 -28.07
C PRO C 98 13.57 -49.72 -29.04
N ALA C 99 12.90 -48.56 -29.05
CA ALA C 99 11.86 -48.31 -30.04
C ALA C 99 12.64 -47.71 -31.24
N THR C 100 12.04 -47.68 -32.43
CA THR C 100 12.79 -47.17 -33.58
C THR C 100 12.96 -45.66 -33.55
N TRP C 101 14.03 -45.19 -34.19
CA TRP C 101 14.25 -43.79 -34.42
C TRP C 101 13.58 -43.58 -35.78
N PRO C 102 12.66 -42.62 -35.93
CA PRO C 102 12.02 -42.44 -37.24
C PRO C 102 13.00 -41.95 -38.32
N LEU C 103 12.96 -42.63 -39.49
CA LEU C 103 13.77 -42.32 -40.66
C LEU C 103 13.45 -40.91 -41.13
N ALA C 104 14.48 -40.06 -41.23
CA ALA C 104 14.33 -38.67 -41.67
C ALA C 104 14.05 -38.58 -43.16
N SER C 105 14.50 -39.60 -43.94
CA SER C 105 14.31 -39.67 -45.39
C SER C 105 14.07 -41.11 -45.81
N ASN C 106 13.00 -41.32 -46.57
CA ASN C 106 12.62 -42.65 -47.05
C ASN C 106 13.02 -42.85 -48.52
N LEU C 107 13.79 -41.91 -49.08
CA LEU C 107 14.15 -41.96 -50.49
C LEU C 107 14.97 -43.20 -50.86
N LYS C 108 16.06 -43.49 -50.09
CA LYS C 108 16.93 -44.65 -50.29
C LYS C 108 16.15 -45.94 -50.02
N LYS C 109 15.31 -45.93 -48.95
CA LYS C 109 14.47 -47.08 -48.57
C LYS C 109 13.61 -47.51 -49.78
N ARG C 110 12.93 -46.53 -50.44
CA ARG C 110 12.08 -46.74 -51.62
C ARG C 110 12.89 -47.25 -52.81
N ALA C 111 14.03 -46.59 -53.11
CA ALA C 111 14.93 -46.93 -54.21
C ALA C 111 15.46 -48.36 -54.08
N ASP C 112 15.93 -48.72 -52.87
CA ASP C 112 16.46 -50.06 -52.57
C ASP C 112 15.39 -51.15 -52.63
N ALA C 113 14.11 -50.77 -52.42
CA ALA C 113 12.98 -51.71 -52.53
C ALA C 113 12.47 -51.80 -53.98
N ASP C 114 13.17 -51.11 -54.90
CA ASP C 114 12.85 -51.01 -56.33
C ASP C 114 11.48 -50.38 -56.59
N LEU C 115 11.15 -49.35 -55.79
CA LEU C 115 9.91 -48.59 -55.92
C LEU C 115 10.20 -47.27 -56.66
N ALA C 116 9.23 -46.83 -57.49
CA ALA C 116 9.33 -45.64 -58.34
C ALA C 116 9.46 -44.32 -57.61
N ASP C 117 10.22 -43.38 -58.21
CA ASP C 117 10.45 -42.03 -57.69
C ASP C 117 9.47 -40.99 -58.27
N GLY C 118 8.44 -41.47 -58.92
CA GLY C 118 7.38 -40.68 -59.52
C GLY C 118 6.48 -41.57 -60.35
N PRO C 119 5.36 -41.01 -60.91
CA PRO C 119 4.49 -41.84 -61.76
C PRO C 119 5.28 -42.45 -62.91
N VAL C 120 5.08 -43.74 -63.18
CA VAL C 120 5.84 -44.48 -64.19
C VAL C 120 5.49 -44.05 -65.62
N SER C 121 4.19 -43.93 -65.90
CA SER C 121 3.63 -43.56 -67.20
C SER C 121 2.71 -42.34 -67.10
N GLU C 122 2.32 -41.77 -68.27
CA GLU C 122 1.42 -40.63 -68.30
C GLU C 122 0.03 -41.01 -67.78
N ARG C 123 -0.42 -42.25 -68.06
CA ARG C 123 -1.69 -42.80 -67.58
C ARG C 123 -1.75 -42.72 -66.08
N ASP C 124 -0.71 -43.23 -65.38
CA ASP C 124 -0.60 -43.22 -63.92
C ASP C 124 -0.60 -41.80 -63.37
N ASN C 125 0.12 -40.88 -64.04
CA ASN C 125 0.15 -39.47 -63.67
C ASN C 125 -1.26 -38.87 -63.77
N LEU C 126 -2.02 -39.22 -64.83
CA LEU C 126 -3.39 -38.74 -65.01
C LEU C 126 -4.32 -39.28 -63.91
N LEU C 127 -4.13 -40.56 -63.52
CA LEU C 127 -4.96 -41.21 -62.51
C LEU C 127 -4.76 -40.63 -61.12
N PHE C 128 -3.50 -40.41 -60.71
CA PHE C 128 -3.19 -39.79 -59.42
C PHE C 128 -3.77 -38.38 -59.37
N ARG C 129 -3.63 -37.62 -60.48
CA ARG C 129 -4.17 -36.27 -60.61
C ARG C 129 -5.71 -36.27 -60.66
N ALA C 130 -6.33 -37.29 -61.29
CA ALA C 130 -7.78 -37.42 -61.33
C ALA C 130 -8.30 -37.61 -59.90
N ALA C 131 -7.61 -38.45 -59.09
CA ALA C 131 -7.98 -38.71 -57.71
C ALA C 131 -8.07 -37.41 -56.92
N VAL C 132 -7.10 -36.49 -57.13
CA VAL C 132 -7.07 -35.17 -56.48
C VAL C 132 -8.30 -34.36 -56.92
N ARG C 133 -8.57 -34.33 -58.23
CA ARG C 133 -9.70 -33.60 -58.81
C ARG C 133 -11.04 -34.10 -58.28
N LEU C 134 -11.22 -35.42 -58.20
CA LEU C 134 -12.47 -36.00 -57.69
C LEU C 134 -12.64 -35.83 -56.19
N MET C 135 -11.55 -35.95 -55.41
CA MET C 135 -11.59 -35.85 -53.96
C MET C 135 -11.75 -34.43 -53.44
N PHE C 136 -11.04 -33.48 -54.06
CA PHE C 136 -10.99 -32.09 -53.63
C PHE C 136 -11.86 -31.13 -54.43
N SER C 137 -12.88 -31.62 -55.12
CA SER C 137 -13.71 -30.71 -55.90
C SER C 137 -14.81 -29.97 -55.11
N ASP C 138 -16.08 -30.27 -55.41
CA ASP C 138 -17.26 -29.60 -54.90
C ASP C 138 -17.57 -29.94 -53.46
N LEU C 139 -16.73 -29.44 -52.55
CA LEU C 139 -16.82 -29.68 -51.11
C LEU C 139 -17.78 -28.74 -50.41
N GLU C 140 -18.43 -29.22 -49.34
CA GLU C 140 -19.35 -28.41 -48.54
C GLU C 140 -18.76 -28.18 -47.16
N PRO C 141 -18.80 -26.92 -46.64
CA PRO C 141 -18.23 -26.64 -45.31
C PRO C 141 -19.00 -27.29 -44.17
N VAL C 142 -18.26 -27.74 -43.14
CA VAL C 142 -18.80 -28.38 -41.95
C VAL C 142 -18.06 -27.83 -40.70
N PRO C 143 -18.58 -27.98 -39.47
CA PRO C 143 -17.81 -27.52 -38.30
C PRO C 143 -16.53 -28.34 -38.15
N LEU C 144 -15.47 -27.70 -37.63
CA LEU C 144 -14.17 -28.32 -37.37
C LEU C 144 -14.25 -29.13 -36.06
N LYS C 145 -14.46 -30.45 -36.17
CA LYS C 145 -14.56 -31.31 -35.00
C LYS C 145 -13.21 -31.58 -34.34
N ILE C 146 -13.13 -31.41 -33.00
CA ILE C 146 -11.91 -31.60 -32.21
C ILE C 146 -12.09 -32.70 -31.17
N ARG C 147 -11.18 -33.70 -31.16
CA ARG C 147 -11.22 -34.81 -30.20
C ARG C 147 -11.00 -34.26 -28.78
N LYS C 148 -11.95 -34.57 -27.87
CA LYS C 148 -11.94 -34.16 -26.46
C LYS C 148 -10.75 -34.82 -25.76
N GLY C 149 -9.97 -34.00 -25.05
CA GLY C 149 -8.81 -34.47 -24.31
C GLY C 149 -7.54 -34.62 -25.12
N SER C 150 -7.61 -34.46 -26.46
CA SER C 150 -6.45 -34.57 -27.33
C SER C 150 -5.55 -33.34 -27.14
N SER C 151 -4.24 -33.52 -27.29
CA SER C 151 -3.27 -32.45 -27.12
C SER C 151 -3.15 -31.57 -28.36
N THR C 152 -2.74 -30.29 -28.14
CA THR C 152 -2.47 -29.34 -29.22
C THR C 152 -1.02 -29.52 -29.66
N CYS C 153 -0.26 -30.35 -28.91
CA CYS C 153 1.16 -30.64 -29.10
C CYS C 153 2.00 -29.35 -29.26
N ILE C 154 2.97 -29.32 -30.17
CA ILE C 154 3.86 -28.17 -30.36
C ILE C 154 3.13 -26.87 -30.73
N PRO C 155 3.30 -25.77 -29.95
CA PRO C 155 4.18 -25.63 -28.78
C PRO C 155 3.54 -25.69 -27.39
N TYR C 156 2.21 -25.53 -27.30
CA TYR C 156 1.46 -25.42 -26.03
C TYR C 156 1.16 -26.67 -25.22
N PHE C 157 0.95 -27.81 -25.89
CA PHE C 157 0.64 -29.08 -25.23
C PHE C 157 -0.58 -28.94 -24.31
N SER C 158 -1.62 -28.24 -24.81
CA SER C 158 -2.87 -28.00 -24.10
C SER C 158 -3.85 -29.13 -24.36
N ASN C 159 -4.65 -29.51 -23.34
CA ASN C 159 -5.68 -30.54 -23.40
C ASN C 159 -7.07 -29.93 -23.20
N ASP C 160 -7.11 -28.61 -22.95
CA ASP C 160 -8.32 -27.82 -22.68
C ASP C 160 -9.08 -27.46 -23.96
N MET C 161 -10.36 -27.88 -24.04
CA MET C 161 -11.25 -27.64 -25.17
C MET C 161 -11.39 -26.17 -25.53
N GLY C 162 -11.55 -25.31 -24.53
CA GLY C 162 -11.67 -23.87 -24.73
C GLY C 162 -10.45 -23.29 -25.41
N THR C 163 -9.25 -23.66 -24.91
CA THR C 163 -7.94 -23.24 -25.45
C THR C 163 -7.78 -23.78 -26.87
N LYS C 164 -8.16 -25.09 -27.08
CA LYS C 164 -8.14 -25.76 -28.38
C LYS C 164 -8.99 -24.98 -29.39
N ILE C 165 -10.25 -24.65 -29.05
CA ILE C 165 -11.15 -23.88 -29.91
C ILE C 165 -10.54 -22.51 -30.27
N GLU C 166 -9.98 -21.78 -29.28
CA GLU C 166 -9.33 -20.48 -29.50
C GLU C 166 -8.18 -20.60 -30.49
N ILE C 167 -7.30 -21.61 -30.29
CA ILE C 167 -6.13 -21.89 -31.15
C ILE C 167 -6.59 -22.17 -32.58
N ALA C 168 -7.62 -23.03 -32.73
CA ALA C 168 -8.22 -23.40 -34.02
C ALA C 168 -8.84 -22.22 -34.74
N GLU C 169 -9.60 -21.37 -34.03
CA GLU C 169 -10.26 -20.20 -34.63
C GLU C 169 -9.23 -19.18 -35.09
N ARG C 170 -8.19 -18.96 -34.27
CA ARG C 170 -7.09 -18.04 -34.59
C ARG C 170 -6.34 -18.57 -35.81
N ALA C 171 -6.12 -19.91 -35.86
CA ALA C 171 -5.43 -20.58 -36.96
C ALA C 171 -6.19 -20.37 -38.26
N LEU C 172 -7.52 -20.51 -38.26
CA LEU C 172 -8.33 -20.29 -39.46
C LEU C 172 -8.29 -18.83 -39.92
N GLU C 173 -8.15 -17.89 -38.97
CA GLU C 173 -8.05 -16.47 -39.26
C GLU C 173 -6.70 -16.09 -39.85
N LYS C 174 -5.62 -16.72 -39.35
CA LYS C 174 -4.24 -16.39 -39.71
C LYS C 174 -3.51 -17.34 -40.66
N ALA C 175 -4.18 -18.44 -41.12
CA ALA C 175 -3.62 -19.43 -42.04
C ALA C 175 -3.11 -18.80 -43.33
N GLU C 176 -3.86 -17.82 -43.89
CA GLU C 176 -3.50 -17.11 -45.11
C GLU C 176 -2.18 -16.35 -44.95
N GLU C 177 -2.05 -15.60 -43.84
CA GLU C 177 -0.85 -14.82 -43.53
C GLU C 177 0.34 -15.75 -43.30
N ALA C 178 0.12 -16.91 -42.62
CA ALA C 178 1.16 -17.90 -42.34
C ALA C 178 1.63 -18.62 -43.61
N GLY C 179 0.70 -19.11 -44.42
CA GLY C 179 0.97 -19.77 -45.70
C GLY C 179 1.74 -18.88 -46.66
N ASN C 180 1.42 -17.56 -46.68
CA ASN C 180 2.11 -16.58 -47.52
C ASN C 180 3.52 -16.36 -47.02
N LEU C 181 3.74 -16.40 -45.68
CA LEU C 181 5.09 -16.26 -45.11
C LEU C 181 5.94 -17.44 -45.55
N MET C 182 5.38 -18.66 -45.49
CA MET C 182 6.05 -19.89 -45.92
C MET C 182 6.38 -19.83 -47.43
N LEU C 183 5.50 -19.23 -48.25
CA LEU C 183 5.75 -19.07 -49.69
C LEU C 183 6.98 -18.18 -49.95
N GLN C 184 7.28 -17.26 -49.00
CA GLN C 184 8.42 -16.35 -49.03
C GLN C 184 9.65 -16.98 -48.35
N GLY C 185 9.51 -18.23 -47.90
CA GLY C 185 10.57 -18.97 -47.22
C GLY C 185 10.76 -18.57 -45.78
N LYS C 186 9.81 -17.77 -45.23
CA LYS C 186 9.82 -17.27 -43.85
C LYS C 186 9.10 -18.24 -42.91
N PHE C 187 9.65 -19.47 -42.79
CA PHE C 187 9.10 -20.52 -41.93
C PHE C 187 9.20 -20.16 -40.47
N ASP C 188 10.34 -19.55 -40.05
CA ASP C 188 10.55 -19.14 -38.66
C ASP C 188 9.53 -18.09 -38.23
N ASP C 189 9.24 -17.11 -39.11
CA ASP C 189 8.24 -16.08 -38.86
C ASP C 189 6.86 -16.68 -38.72
N ALA C 190 6.50 -17.64 -39.60
CA ALA C 190 5.19 -18.30 -39.55
C ALA C 190 5.01 -19.10 -38.27
N TYR C 191 6.09 -19.76 -37.80
CA TYR C 191 6.06 -20.54 -36.57
C TYR C 191 5.98 -19.63 -35.37
N GLN C 192 6.81 -18.59 -35.32
CA GLN C 192 6.85 -17.64 -34.22
C GLN C 192 5.57 -16.85 -34.06
N LEU C 193 4.99 -16.40 -35.19
CA LEU C 193 3.77 -15.61 -35.17
C LEU C 193 2.50 -16.41 -34.99
N HIS C 194 2.38 -17.53 -35.70
CA HIS C 194 1.13 -18.26 -35.74
C HIS C 194 1.18 -19.71 -35.29
N GLN C 195 2.35 -20.18 -34.79
CA GLN C 195 2.59 -21.55 -34.29
C GLN C 195 2.35 -22.61 -35.37
N MET C 196 2.53 -22.21 -36.65
CA MET C 196 2.37 -23.07 -37.82
C MET C 196 3.76 -23.43 -38.32
N GLY C 197 4.16 -24.64 -37.96
CA GLY C 197 5.46 -25.19 -38.27
C GLY C 197 6.03 -25.90 -37.06
N GLY C 198 7.34 -25.81 -36.90
CA GLY C 198 8.02 -26.44 -35.78
C GLY C 198 8.34 -27.89 -36.08
N ALA C 199 7.59 -28.83 -35.48
CA ALA C 199 7.82 -30.27 -35.66
C ALA C 199 6.67 -31.11 -35.18
N TYR C 200 6.73 -32.41 -35.52
CA TYR C 200 5.81 -33.43 -35.03
C TYR C 200 6.44 -33.91 -33.73
N TYR C 201 5.59 -34.28 -32.77
CA TYR C 201 6.05 -34.76 -31.47
C TYR C 201 5.93 -36.27 -31.50
N VAL C 202 7.05 -36.99 -31.35
CA VAL C 202 7.05 -38.46 -31.40
C VAL C 202 6.60 -39.11 -30.10
N VAL C 203 5.49 -39.83 -30.18
CA VAL C 203 4.92 -40.61 -29.08
C VAL C 203 4.98 -42.09 -29.48
N TYR C 204 5.45 -42.96 -28.59
CA TYR C 204 5.51 -44.38 -28.92
C TYR C 204 4.32 -45.09 -28.32
N ARG C 205 3.48 -45.68 -29.17
CA ARG C 205 2.30 -46.41 -28.72
C ARG C 205 2.57 -47.91 -28.64
N ALA C 206 1.82 -48.62 -27.79
CA ALA C 206 1.95 -50.07 -27.65
C ALA C 206 1.02 -50.81 -28.60
N GLN C 207 1.56 -51.84 -29.27
CA GLN C 207 0.77 -52.76 -30.07
C GLN C 207 0.84 -53.98 -29.16
N SER C 208 -0.14 -54.03 -28.23
CA SER C 208 -0.27 -55.03 -27.16
C SER C 208 -0.09 -56.46 -27.57
N THR C 209 -0.51 -56.80 -28.81
CA THR C 209 -0.43 -58.14 -29.36
C THR C 209 0.38 -58.17 -30.64
N ASP C 210 1.34 -59.07 -30.71
CA ASP C 210 2.19 -59.27 -31.86
C ASP C 210 2.45 -60.76 -31.96
N ALA C 211 2.89 -61.24 -33.13
CA ALA C 211 3.16 -62.65 -33.40
C ALA C 211 4.17 -63.30 -32.45
N ILE C 212 3.79 -64.48 -31.96
CA ILE C 212 4.59 -65.36 -31.11
C ILE C 212 4.30 -66.76 -31.66
N THR C 213 5.36 -67.57 -31.81
CA THR C 213 5.21 -68.94 -32.29
C THR C 213 5.81 -69.89 -31.25
N LEU C 214 5.34 -71.14 -31.21
CA LEU C 214 5.89 -72.14 -30.31
C LEU C 214 6.70 -73.09 -31.18
N ASP C 215 8.03 -73.13 -30.97
CA ASP C 215 8.93 -73.99 -31.73
C ASP C 215 8.75 -75.44 -31.25
N PRO C 216 8.24 -76.35 -32.11
CA PRO C 216 8.02 -77.74 -31.66
C PRO C 216 9.29 -78.50 -31.32
N LYS C 217 10.41 -78.16 -32.01
CA LYS C 217 11.74 -78.77 -31.82
C LYS C 217 12.24 -78.54 -30.40
N THR C 218 12.17 -77.28 -29.93
CA THR C 218 12.65 -76.88 -28.60
C THR C 218 11.59 -76.81 -27.48
N GLY C 219 10.33 -76.58 -27.85
CA GLY C 219 9.24 -76.42 -26.89
C GLY C 219 9.23 -75.02 -26.30
N LYS C 220 10.07 -74.11 -26.86
CA LYS C 220 10.21 -72.73 -26.42
C LYS C 220 9.51 -71.77 -27.37
N PHE C 221 8.98 -70.66 -26.82
CA PHE C 221 8.27 -69.64 -27.59
C PHE C 221 9.25 -68.67 -28.26
N VAL C 222 8.90 -68.19 -29.46
CA VAL C 222 9.72 -67.27 -30.24
C VAL C 222 8.88 -66.04 -30.61
N SER C 223 9.29 -64.86 -30.14
CA SER C 223 8.58 -63.62 -30.47
C SER C 223 9.03 -63.11 -31.84
N LYS C 224 8.10 -62.51 -32.62
CA LYS C 224 8.41 -61.94 -33.93
C LYS C 224 9.42 -60.80 -33.77
N ASP C 225 10.54 -60.89 -34.49
CA ASP C 225 11.57 -59.86 -34.46
C ASP C 225 11.05 -58.59 -35.09
N ARG C 226 11.27 -57.45 -34.39
CA ARG C 226 10.87 -56.14 -34.85
C ARG C 226 12.11 -55.33 -35.18
N MET C 227 12.28 -54.99 -36.45
CA MET C 227 13.45 -54.22 -36.86
C MET C 227 13.31 -52.78 -36.45
N VAL C 228 14.38 -52.25 -35.83
CA VAL C 228 14.42 -50.87 -35.38
C VAL C 228 15.68 -50.20 -35.91
N ALA C 229 15.57 -48.90 -36.22
CA ALA C 229 16.71 -48.12 -36.70
C ALA C 229 17.31 -47.37 -35.55
N ASP C 230 18.64 -47.33 -35.49
CA ASP C 230 19.30 -46.53 -34.46
C ASP C 230 19.35 -45.08 -34.97
N PHE C 231 19.80 -44.13 -34.13
CA PHE C 231 19.88 -42.72 -34.53
C PHE C 231 20.62 -42.50 -35.86
N GLU C 232 21.81 -43.12 -36.01
CA GLU C 232 22.65 -42.99 -37.20
C GLU C 232 21.93 -43.43 -38.45
N TYR C 233 21.23 -44.58 -38.39
CA TYR C 233 20.48 -45.10 -39.52
C TYR C 233 19.35 -44.14 -39.92
N ALA C 234 18.60 -43.60 -38.93
CA ALA C 234 17.49 -42.67 -39.13
C ALA C 234 17.89 -41.36 -39.80
N VAL C 235 18.99 -40.71 -39.35
CA VAL C 235 19.48 -39.46 -39.94
C VAL C 235 20.08 -39.63 -41.34
N THR C 236 20.67 -40.81 -41.63
CA THR C 236 21.31 -41.09 -42.92
C THR C 236 20.38 -41.81 -43.93
N GLY C 237 19.11 -42.04 -43.59
CA GLY C 237 18.16 -42.70 -44.48
C GLY C 237 18.48 -44.15 -44.80
N GLY C 238 19.40 -44.71 -44.01
CA GLY C 238 19.88 -46.08 -44.10
C GLY C 238 21.32 -46.21 -44.52
N GLU C 239 21.94 -45.10 -45.02
CA GLU C 239 23.31 -45.04 -45.55
C GLU C 239 24.34 -45.53 -44.54
N GLN C 240 24.18 -45.12 -43.28
CA GLN C 240 25.05 -45.49 -42.16
C GLN C 240 24.20 -46.05 -41.02
N GLY C 241 24.83 -46.35 -39.88
CA GLY C 241 24.15 -46.91 -38.72
C GLY C 241 23.60 -48.30 -38.95
N SER C 242 22.72 -48.76 -38.05
CA SER C 242 22.17 -50.12 -38.16
C SER C 242 20.66 -50.28 -37.96
N LEU C 243 20.12 -51.30 -38.63
CA LEU C 243 18.74 -51.75 -38.55
C LEU C 243 18.87 -53.13 -37.89
N PHE C 244 18.29 -53.27 -36.70
CA PHE C 244 18.43 -54.48 -35.89
C PHE C 244 17.13 -54.84 -35.18
N ALA C 245 17.03 -56.09 -34.71
CA ALA C 245 15.87 -56.58 -33.98
C ALA C 245 15.84 -55.99 -32.57
N ALA C 246 14.72 -55.36 -32.18
CA ALA C 246 14.58 -54.80 -30.83
C ALA C 246 14.50 -55.97 -29.84
N SER C 247 14.84 -55.75 -28.56
CA SER C 247 14.76 -56.82 -27.58
C SER C 247 13.41 -56.88 -26.89
N LYS C 248 12.67 -57.98 -27.12
CA LYS C 248 11.36 -58.25 -26.53
C LYS C 248 11.52 -59.13 -25.28
N ASP C 249 12.77 -59.47 -24.90
CA ASP C 249 13.08 -60.31 -23.74
C ASP C 249 12.59 -59.63 -22.47
N ALA C 250 11.70 -60.31 -21.75
CA ALA C 250 11.10 -59.80 -20.52
C ALA C 250 11.81 -60.24 -19.23
N SER C 251 12.91 -61.02 -19.34
CA SER C 251 13.70 -61.51 -18.19
C SER C 251 14.12 -60.37 -17.26
N ARG C 252 14.47 -59.23 -17.86
CA ARG C 252 14.87 -57.98 -17.21
C ARG C 252 13.90 -57.49 -16.13
N LEU C 253 12.59 -57.81 -16.28
CA LEU C 253 11.52 -57.41 -15.35
C LEU C 253 11.66 -58.04 -13.95
N LYS C 254 12.36 -59.19 -13.86
CA LYS C 254 12.62 -59.84 -12.58
C LYS C 254 13.72 -59.07 -11.85
N GLU C 255 14.85 -58.80 -12.52
CA GLU C 255 15.99 -58.07 -11.97
C GLU C 255 15.59 -56.61 -11.61
N GLN C 256 14.98 -55.88 -12.58
CA GLN C 256 14.63 -54.47 -12.41
C GLN C 256 13.47 -54.19 -11.48
N TYR C 257 12.40 -55.00 -11.55
CA TYR C 257 11.17 -54.71 -10.82
C TYR C 257 10.68 -55.78 -9.84
N GLY C 258 11.35 -56.93 -9.81
CA GLY C 258 10.96 -58.05 -8.96
C GLY C 258 9.70 -58.75 -9.44
N ILE C 259 9.40 -58.64 -10.75
CA ILE C 259 8.22 -59.25 -11.38
C ILE C 259 8.56 -60.65 -11.86
N ASP C 260 7.75 -61.65 -11.46
CA ASP C 260 7.95 -63.02 -11.95
C ASP C 260 7.51 -63.07 -13.41
N VAL C 261 8.41 -63.52 -14.28
CA VAL C 261 8.18 -63.62 -15.71
C VAL C 261 8.01 -65.10 -16.07
N PRO C 262 6.78 -65.57 -16.38
CA PRO C 262 6.61 -66.97 -16.79
C PRO C 262 7.25 -67.22 -18.15
N ASP C 263 7.52 -68.49 -18.47
CA ASP C 263 8.12 -68.87 -19.73
C ASP C 263 7.21 -68.47 -20.89
N GLY C 264 7.82 -67.92 -21.95
CA GLY C 264 7.12 -67.52 -23.16
C GLY C 264 6.27 -66.28 -23.07
N PHE C 265 6.68 -65.31 -22.22
CA PHE C 265 6.05 -64.01 -22.07
C PHE C 265 7.05 -62.94 -22.48
N PHE C 266 6.62 -61.97 -23.30
CA PHE C 266 7.52 -60.98 -23.87
C PHE C 266 7.09 -59.54 -23.67
N CYS C 267 8.02 -58.61 -23.93
CA CYS C 267 7.78 -57.17 -23.89
C CYS C 267 7.02 -56.82 -25.15
N GLU C 268 6.18 -55.78 -25.07
CA GLU C 268 5.32 -55.36 -26.17
C GLU C 268 6.02 -54.66 -27.31
N ARG C 269 5.46 -54.85 -28.52
CA ARG C 269 5.88 -54.13 -29.71
C ARG C 269 5.50 -52.66 -29.48
N ARG C 270 6.39 -51.76 -29.88
CA ARG C 270 6.15 -50.34 -29.79
C ARG C 270 6.19 -49.70 -31.16
N ARG C 271 5.14 -48.95 -31.47
CA ARG C 271 4.95 -48.29 -32.75
C ARG C 271 5.17 -46.79 -32.64
N THR C 272 5.84 -46.19 -33.64
CA THR C 272 6.01 -44.75 -33.64
C THR C 272 4.69 -44.12 -34.06
N ALA C 273 4.31 -43.06 -33.36
CA ALA C 273 3.11 -42.28 -33.64
C ALA C 273 3.54 -40.80 -33.52
N MET C 274 2.96 -39.90 -34.35
CA MET C 274 3.33 -38.47 -34.41
C MET C 274 2.20 -37.45 -34.16
N GLY C 275 2.38 -36.57 -33.16
CA GLY C 275 1.41 -35.54 -32.82
C GLY C 275 1.74 -34.24 -33.53
N GLY C 276 0.83 -33.76 -34.36
CA GLY C 276 1.04 -32.55 -35.13
C GLY C 276 0.90 -31.24 -34.40
N PRO C 277 1.56 -30.16 -34.89
CA PRO C 277 1.35 -28.84 -34.26
C PRO C 277 -0.05 -28.34 -34.63
N PHE C 278 -0.95 -28.30 -33.63
CA PHE C 278 -2.36 -27.97 -33.84
C PHE C 278 -2.72 -26.76 -34.69
N ALA C 279 -1.98 -25.65 -34.58
CA ALA C 279 -2.26 -24.46 -35.38
C ALA C 279 -2.08 -24.75 -36.86
N LEU C 280 -1.15 -25.66 -37.22
CA LEU C 280 -0.93 -26.06 -38.61
C LEU C 280 -2.02 -27.07 -39.02
N ASN C 281 -2.39 -27.99 -38.13
CA ASN C 281 -3.41 -29.00 -38.41
C ASN C 281 -4.83 -28.49 -38.59
N ALA C 282 -5.25 -27.46 -37.80
CA ALA C 282 -6.59 -26.89 -37.88
C ALA C 282 -6.99 -26.47 -39.32
N PRO C 283 -6.20 -25.62 -40.06
CA PRO C 283 -6.59 -25.31 -41.45
C PRO C 283 -6.62 -26.51 -42.40
N ILE C 284 -5.85 -27.58 -42.10
CA ILE C 284 -5.82 -28.80 -42.91
C ILE C 284 -7.08 -29.63 -42.65
N MET C 285 -7.45 -29.79 -41.37
CA MET C 285 -8.64 -30.52 -40.94
C MET C 285 -9.92 -29.89 -41.51
N ALA C 286 -9.97 -28.54 -41.60
CA ALA C 286 -11.10 -27.77 -42.14
C ALA C 286 -11.41 -28.10 -43.61
N VAL C 287 -10.44 -28.68 -44.33
CA VAL C 287 -10.56 -29.12 -45.72
C VAL C 287 -10.71 -30.64 -45.76
N ALA C 288 -9.94 -31.36 -44.92
CA ALA C 288 -9.96 -32.83 -44.85
C ALA C 288 -11.33 -33.39 -44.52
N GLN C 289 -12.06 -32.81 -43.52
CA GLN C 289 -13.40 -33.29 -43.18
C GLN C 289 -14.38 -33.18 -44.34
N PRO C 290 -14.53 -32.00 -45.02
CA PRO C 290 -15.38 -31.97 -46.22
C PRO C 290 -15.00 -33.02 -47.29
N VAL C 291 -13.68 -33.32 -47.48
CA VAL C 291 -13.19 -34.34 -48.44
C VAL C 291 -13.73 -35.70 -48.05
N ARG C 292 -13.62 -36.02 -46.75
CA ARG C 292 -14.13 -37.26 -46.17
C ARG C 292 -15.62 -37.42 -46.48
N ASN C 293 -16.43 -36.35 -46.26
CA ASN C 293 -17.88 -36.31 -46.49
C ASN C 293 -18.22 -36.55 -47.94
N LYS C 294 -17.41 -36.01 -48.88
CA LYS C 294 -17.61 -36.21 -50.31
C LYS C 294 -17.34 -37.66 -50.70
N ILE C 295 -16.13 -38.17 -50.37
CA ILE C 295 -15.75 -39.55 -50.70
C ILE C 295 -16.63 -40.61 -50.04
N TYR C 296 -17.12 -40.36 -48.80
CA TYR C 296 -17.98 -41.32 -48.11
C TYR C 296 -19.44 -41.25 -48.58
N SER C 297 -19.78 -40.20 -49.36
CA SER C 297 -21.12 -40.01 -49.92
C SER C 297 -21.16 -40.40 -51.41
N LYS C 298 -20.53 -39.58 -52.29
CA LYS C 298 -20.47 -39.82 -53.74
C LYS C 298 -19.75 -41.13 -54.09
N TYR C 299 -18.64 -41.42 -53.39
CA TYR C 299 -17.85 -42.61 -53.67
C TYR C 299 -17.93 -43.66 -52.57
N ALA C 300 -19.12 -43.72 -51.90
CA ALA C 300 -19.45 -44.62 -50.79
C ALA C 300 -19.11 -46.08 -51.05
N TYR C 301 -19.26 -46.52 -52.32
CA TYR C 301 -18.99 -47.89 -52.72
C TYR C 301 -17.57 -48.29 -52.34
N THR C 302 -16.59 -47.50 -52.80
CA THR C 302 -15.18 -47.79 -52.57
C THR C 302 -14.72 -47.41 -51.18
N PHE C 303 -15.22 -46.27 -50.66
CA PHE C 303 -14.72 -45.66 -49.42
C PHE C 303 -15.51 -45.70 -48.12
N HIS C 304 -16.86 -45.75 -48.17
CA HIS C 304 -17.69 -45.75 -46.96
C HIS C 304 -18.02 -47.17 -46.46
N HIS C 305 -17.32 -47.59 -45.39
CA HIS C 305 -17.49 -48.92 -44.82
C HIS C 305 -18.07 -48.87 -43.43
N THR C 306 -19.20 -49.57 -43.24
CA THR C 306 -19.90 -49.58 -41.96
C THR C 306 -19.92 -50.96 -41.30
N THR C 307 -20.94 -51.76 -41.60
CA THR C 307 -21.16 -53.06 -40.99
C THR C 307 -20.50 -54.19 -41.76
N ARG C 308 -20.37 -55.36 -41.10
CA ARG C 308 -19.85 -56.59 -41.69
C ARG C 308 -20.74 -56.97 -42.90
N LEU C 309 -22.07 -56.79 -42.76
CA LEU C 309 -23.04 -57.12 -43.82
C LEU C 309 -23.02 -56.13 -44.96
N ASN C 310 -22.82 -54.81 -44.68
CA ASN C 310 -22.76 -53.77 -45.72
C ASN C 310 -21.62 -54.03 -46.72
N LYS C 311 -20.46 -54.46 -46.20
CA LYS C 311 -19.27 -54.83 -46.97
C LYS C 311 -19.60 -56.12 -47.76
N GLU C 312 -20.25 -57.08 -47.10
CA GLU C 312 -20.69 -58.37 -47.65
C GLU C 312 -21.61 -58.24 -48.86
N GLU C 313 -22.45 -57.19 -48.88
CA GLU C 313 -23.38 -56.88 -49.96
C GLU C 313 -22.63 -56.60 -51.26
N LYS C 314 -21.56 -55.76 -51.17
CA LYS C 314 -20.72 -55.36 -52.29
C LYS C 314 -19.83 -56.49 -52.81
N VAL C 315 -19.21 -57.25 -51.89
CA VAL C 315 -18.28 -58.37 -52.18
C VAL C 315 -18.96 -59.56 -52.87
N LYS C 316 -20.13 -59.99 -52.36
CA LYS C 316 -20.88 -61.15 -52.89
C LYS C 316 -21.12 -61.08 -54.41
N GLU C 317 -21.31 -59.85 -54.93
CA GLU C 317 -21.56 -59.58 -56.34
C GLU C 317 -20.35 -59.86 -57.25
N TRP C 318 -19.17 -60.05 -56.66
CA TRP C 318 -17.94 -60.29 -57.42
C TRP C 318 -17.74 -61.77 -57.70
N SER C 319 -16.99 -62.05 -58.77
CA SER C 319 -16.61 -63.40 -59.18
C SER C 319 -15.29 -63.76 -58.50
N LEU C 320 -14.47 -62.75 -58.15
CA LEU C 320 -13.17 -62.90 -57.48
C LEU C 320 -12.93 -61.76 -56.52
N CYS C 321 -12.42 -62.08 -55.32
CA CYS C 321 -12.07 -61.12 -54.28
C CYS C 321 -10.63 -61.36 -53.85
N VAL C 322 -9.77 -60.35 -54.03
CA VAL C 322 -8.35 -60.45 -53.66
C VAL C 322 -8.05 -59.51 -52.47
N ALA C 323 -7.73 -60.11 -51.31
CA ALA C 323 -7.39 -59.36 -50.10
C ALA C 323 -5.89 -59.05 -50.11
N THR C 324 -5.57 -57.78 -50.31
CA THR C 324 -4.20 -57.28 -50.42
C THR C 324 -3.58 -56.88 -49.08
N ASP C 325 -2.24 -56.86 -49.07
CA ASP C 325 -1.43 -56.45 -47.93
C ASP C 325 -0.30 -55.56 -48.42
N VAL C 326 -0.08 -54.44 -47.71
CA VAL C 326 0.97 -53.47 -48.02
C VAL C 326 2.01 -53.51 -46.92
N SER C 327 3.28 -53.64 -47.32
CA SER C 327 4.38 -53.64 -46.38
C SER C 327 4.72 -52.20 -45.97
N ASP C 328 4.79 -51.93 -44.65
CA ASP C 328 5.22 -50.65 -44.06
C ASP C 328 4.67 -49.42 -44.82
N HIS C 329 3.33 -49.30 -44.93
CA HIS C 329 2.69 -48.20 -45.67
C HIS C 329 3.21 -46.82 -45.33
N ASP C 330 3.12 -46.44 -44.06
CA ASP C 330 3.48 -45.10 -43.59
C ASP C 330 4.92 -44.65 -43.80
N THR C 331 5.87 -45.57 -43.69
CA THR C 331 7.29 -45.25 -43.88
C THR C 331 7.67 -45.25 -45.38
N PHE C 332 6.94 -46.04 -46.21
CA PHE C 332 7.16 -46.12 -47.65
C PHE C 332 6.38 -45.07 -48.46
N TRP C 333 5.38 -44.39 -47.84
CA TRP C 333 4.55 -43.38 -48.51
C TRP C 333 5.44 -42.34 -49.21
N PRO C 334 5.26 -42.14 -50.55
CA PRO C 334 6.18 -41.26 -51.29
C PRO C 334 5.96 -39.76 -51.26
N GLY C 335 7.05 -39.03 -51.00
CA GLY C 335 7.05 -37.58 -51.00
C GLY C 335 6.69 -37.02 -52.36
N TRP C 336 6.98 -37.76 -53.45
CA TRP C 336 6.60 -37.30 -54.77
C TRP C 336 5.08 -37.21 -54.91
N LEU C 337 4.32 -38.03 -54.13
CA LEU C 337 2.86 -37.94 -54.16
C LEU C 337 2.38 -36.65 -53.50
N ARG C 338 3.00 -36.26 -52.37
CA ARG C 338 2.72 -34.99 -51.70
C ARG C 338 2.87 -33.86 -52.73
N ASP C 339 3.99 -33.88 -53.50
CA ASP C 339 4.29 -32.86 -54.49
C ASP C 339 3.35 -32.86 -55.67
N LEU C 340 2.91 -34.05 -56.12
CA LEU C 340 1.95 -34.20 -57.22
C LEU C 340 0.58 -33.67 -56.76
N ILE C 341 0.15 -34.02 -55.51
CA ILE C 341 -1.12 -33.57 -54.95
C ILE C 341 -1.16 -32.03 -54.88
N CYS C 342 -0.09 -31.44 -54.35
CA CYS C 342 0.05 -30.00 -54.22
C CYS C 342 -0.01 -29.31 -55.57
N ASP C 343 0.69 -29.86 -56.57
CA ASP C 343 0.71 -29.33 -57.92
C ASP C 343 -0.67 -29.35 -58.54
N GLU C 344 -1.41 -30.46 -58.35
CA GLU C 344 -2.76 -30.58 -58.89
C GLU C 344 -3.76 -29.66 -58.22
N LEU C 345 -3.64 -29.48 -56.88
CA LEU C 345 -4.50 -28.56 -56.14
C LEU C 345 -4.33 -27.15 -56.67
N LEU C 346 -3.07 -26.76 -56.96
CA LEU C 346 -2.76 -25.45 -57.52
C LEU C 346 -3.43 -25.27 -58.88
N ASN C 347 -3.38 -26.32 -59.75
CA ASN C 347 -4.02 -26.38 -61.08
C ASN C 347 -5.54 -26.23 -60.99
N MET C 348 -6.16 -26.82 -59.94
CA MET C 348 -7.60 -26.77 -59.67
C MET C 348 -8.07 -25.37 -59.22
N GLY C 349 -7.13 -24.54 -58.76
CA GLY C 349 -7.41 -23.19 -58.31
C GLY C 349 -7.43 -22.98 -56.80
N TYR C 350 -6.89 -23.94 -56.03
CA TYR C 350 -6.79 -23.86 -54.57
C TYR C 350 -5.78 -22.78 -54.17
N ALA C 351 -6.13 -22.00 -53.14
CA ALA C 351 -5.30 -20.91 -52.61
C ALA C 351 -3.86 -21.39 -52.43
N PRO C 352 -2.87 -20.73 -53.10
CA PRO C 352 -1.46 -21.17 -52.97
C PRO C 352 -0.94 -21.21 -51.54
N TRP C 353 -1.42 -20.27 -50.68
CA TRP C 353 -1.05 -20.23 -49.27
C TRP C 353 -1.51 -21.48 -48.53
N TRP C 354 -2.72 -21.99 -48.84
CA TRP C 354 -3.23 -23.19 -48.19
C TRP C 354 -2.46 -24.41 -48.63
N VAL C 355 -2.16 -24.50 -49.95
CA VAL C 355 -1.40 -25.62 -50.53
C VAL C 355 0.00 -25.67 -49.88
N LYS C 356 0.65 -24.49 -49.69
CA LYS C 356 1.96 -24.42 -49.02
C LYS C 356 1.89 -24.91 -47.55
N LEU C 357 0.77 -24.65 -46.83
CA LEU C 357 0.60 -25.14 -45.45
C LEU C 357 0.53 -26.68 -45.49
N PHE C 358 -0.25 -27.21 -46.44
CA PHE C 358 -0.45 -28.64 -46.65
C PHE C 358 0.87 -29.33 -47.01
N GLU C 359 1.61 -28.77 -47.99
CA GLU C 359 2.92 -29.26 -48.40
C GLU C 359 3.87 -29.33 -47.18
N THR C 360 3.96 -28.21 -46.40
CA THR C 360 4.82 -28.09 -45.23
C THR C 360 4.52 -29.14 -44.16
N SER C 361 3.23 -29.46 -43.96
CA SER C 361 2.80 -30.46 -42.98
C SER C 361 3.34 -31.86 -43.30
N LEU C 362 3.74 -32.09 -44.56
CA LEU C 362 4.26 -33.38 -45.00
C LEU C 362 5.78 -33.37 -45.25
N LYS C 363 6.49 -32.34 -44.73
CA LYS C 363 7.96 -32.18 -44.83
C LYS C 363 8.55 -31.77 -43.49
N LEU C 364 7.70 -31.69 -42.48
CA LEU C 364 8.04 -31.20 -41.16
C LEU C 364 9.07 -32.01 -40.36
N PRO C 365 9.99 -31.33 -39.63
CA PRO C 365 10.89 -32.04 -38.72
C PRO C 365 10.13 -32.87 -37.66
N VAL C 366 10.86 -33.75 -36.93
CA VAL C 366 10.27 -34.60 -35.89
C VAL C 366 11.08 -34.52 -34.60
N TYR C 367 10.40 -34.32 -33.47
CA TYR C 367 11.05 -34.28 -32.15
C TYR C 367 10.90 -35.66 -31.51
N VAL C 368 12.04 -36.34 -31.31
CA VAL C 368 12.08 -37.68 -30.73
C VAL C 368 12.14 -37.61 -29.21
N GLY C 369 11.10 -38.15 -28.57
CA GLY C 369 10.98 -38.18 -27.12
C GLY C 369 11.90 -39.15 -26.44
N ALA C 370 11.38 -40.36 -26.11
CA ALA C 370 12.17 -41.37 -25.40
C ALA C 370 12.00 -42.77 -25.95
N PRO C 371 12.83 -43.16 -26.94
CA PRO C 371 12.67 -44.52 -27.52
C PRO C 371 13.27 -45.64 -26.67
N ALA C 372 14.10 -45.30 -25.67
CA ALA C 372 14.74 -46.23 -24.74
C ALA C 372 15.35 -45.45 -23.56
N PRO C 373 15.73 -46.08 -22.42
CA PRO C 373 16.38 -45.31 -21.34
C PRO C 373 17.67 -44.65 -21.81
N GLU C 374 17.93 -43.39 -21.37
CA GLU C 374 19.11 -42.61 -21.75
C GLU C 374 19.27 -42.35 -23.28
N GLN C 375 18.14 -42.30 -24.01
CA GLN C 375 18.07 -42.05 -25.45
C GLN C 375 16.90 -41.11 -25.78
N GLY C 376 17.06 -40.35 -26.85
CA GLY C 376 16.04 -39.45 -27.34
C GLY C 376 16.32 -38.00 -27.07
N HIS C 377 15.24 -37.21 -26.88
CA HIS C 377 15.28 -35.77 -26.64
C HIS C 377 16.11 -35.07 -27.70
N THR C 378 15.78 -35.36 -28.97
CA THR C 378 16.49 -34.85 -30.13
C THR C 378 15.51 -34.45 -31.22
N LEU C 379 15.73 -33.27 -31.81
CA LEU C 379 14.94 -32.77 -32.93
C LEU C 379 15.66 -33.20 -34.21
N LEU C 380 14.94 -33.87 -35.14
CA LEU C 380 15.49 -34.30 -36.41
C LEU C 380 14.92 -33.35 -37.45
N GLY C 381 15.79 -32.73 -38.24
CA GLY C 381 15.38 -31.78 -39.26
C GLY C 381 15.39 -30.35 -38.74
N ASP C 382 15.50 -29.38 -39.65
CA ASP C 382 15.55 -27.96 -39.27
C ASP C 382 14.20 -27.30 -39.54
N PRO C 383 13.51 -26.78 -38.49
CA PRO C 383 12.21 -26.12 -38.71
C PRO C 383 12.27 -24.85 -39.58
N SER C 384 13.46 -24.22 -39.74
CA SER C 384 13.64 -23.04 -40.58
C SER C 384 13.43 -23.37 -42.06
N ASN C 385 13.66 -24.63 -42.46
CA ASN C 385 13.49 -25.08 -43.82
C ASN C 385 13.03 -26.54 -43.85
N PRO C 386 11.69 -26.78 -43.63
CA PRO C 386 11.19 -28.17 -43.61
C PRO C 386 11.51 -28.93 -44.89
N ASP C 387 12.28 -30.03 -44.77
CA ASP C 387 12.71 -30.84 -45.90
C ASP C 387 12.78 -32.35 -45.61
N LEU C 388 12.01 -32.83 -44.61
CA LEU C 388 12.01 -34.25 -44.27
C LEU C 388 11.15 -35.04 -45.22
N GLU C 389 11.53 -36.32 -45.40
CA GLU C 389 10.86 -37.31 -46.22
C GLU C 389 10.58 -38.53 -45.33
N VAL C 390 9.84 -38.33 -44.22
CA VAL C 390 9.52 -39.38 -43.24
C VAL C 390 8.48 -40.40 -43.78
N GLY C 391 7.82 -40.04 -44.85
CA GLY C 391 6.72 -40.79 -45.42
C GLY C 391 5.44 -40.09 -45.02
N LEU C 392 4.52 -40.80 -44.38
CA LEU C 392 3.26 -40.21 -43.93
C LEU C 392 3.28 -40.11 -42.40
N SER C 393 3.21 -38.87 -41.86
CA SER C 393 3.21 -38.58 -40.41
C SER C 393 1.83 -38.89 -39.87
N SER C 394 1.72 -39.80 -38.88
CA SER C 394 0.42 -40.20 -38.34
C SER C 394 -0.53 -39.09 -37.85
N GLY C 395 0.03 -38.01 -37.33
CA GLY C 395 -0.75 -36.91 -36.78
C GLY C 395 -1.04 -35.76 -37.70
N GLN C 396 -0.86 -35.93 -39.02
CA GLN C 396 -1.19 -34.88 -40.00
C GLN C 396 -2.71 -34.88 -40.20
N GLY C 397 -3.28 -33.69 -40.41
CA GLY C 397 -4.72 -33.48 -40.62
C GLY C 397 -5.43 -34.50 -41.50
N ALA C 398 -4.89 -34.77 -42.68
CA ALA C 398 -5.49 -35.69 -43.66
C ALA C 398 -4.65 -36.95 -43.92
N THR C 399 -4.09 -37.59 -42.88
CA THR C 399 -3.29 -38.80 -43.09
C THR C 399 -4.00 -39.98 -43.70
N ASP C 400 -5.27 -40.15 -43.32
CA ASP C 400 -6.15 -41.20 -43.84
C ASP C 400 -6.35 -40.98 -45.34
N LEU C 401 -6.65 -39.74 -45.75
CA LEU C 401 -6.86 -39.37 -47.15
C LEU C 401 -5.61 -39.56 -47.99
N MET C 402 -4.42 -39.28 -47.43
CA MET C 402 -3.15 -39.45 -48.13
C MET C 402 -2.84 -40.90 -48.46
N GLY C 403 -3.11 -41.79 -47.51
CA GLY C 403 -2.94 -43.22 -47.71
C GLY C 403 -4.00 -43.78 -48.65
N THR C 404 -5.25 -43.28 -48.53
CA THR C 404 -6.38 -43.71 -49.37
C THR C 404 -6.14 -43.32 -50.84
N LEU C 405 -5.69 -42.07 -51.09
CA LEU C 405 -5.37 -41.54 -52.43
C LEU C 405 -4.28 -42.43 -53.07
N LEU C 406 -3.13 -42.61 -52.39
CA LEU C 406 -2.02 -43.44 -52.90
C LEU C 406 -2.47 -44.84 -53.23
N MET C 407 -3.06 -45.52 -52.23
CA MET C 407 -3.47 -46.90 -52.36
C MET C 407 -4.58 -47.18 -53.35
N SER C 408 -5.64 -46.35 -53.36
CA SER C 408 -6.75 -46.55 -54.31
C SER C 408 -6.25 -46.59 -55.75
N ILE C 409 -5.34 -45.64 -56.12
CA ILE C 409 -4.74 -45.57 -57.45
C ILE C 409 -3.76 -46.72 -57.68
N THR C 410 -2.92 -47.03 -56.67
CA THR C 410 -1.97 -48.15 -56.74
C THR C 410 -2.70 -49.45 -57.12
N TYR C 411 -3.83 -49.77 -56.43
CA TYR C 411 -4.62 -50.97 -56.69
C TYR C 411 -5.28 -50.92 -58.06
N LEU C 412 -5.79 -49.74 -58.48
CA LEU C 412 -6.40 -49.58 -59.79
C LEU C 412 -5.37 -49.85 -60.91
N VAL C 413 -4.13 -49.30 -60.79
CA VAL C 413 -3.03 -49.49 -61.76
C VAL C 413 -2.66 -50.98 -61.85
N MET C 414 -2.55 -51.65 -60.68
CA MET C 414 -2.30 -53.07 -60.51
C MET C 414 -3.35 -53.89 -61.29
N GLN C 415 -4.66 -53.48 -61.21
CA GLN C 415 -5.77 -54.12 -61.94
C GLN C 415 -5.64 -53.83 -63.46
N LEU C 416 -5.26 -52.59 -63.83
CA LEU C 416 -5.10 -52.18 -65.22
C LEU C 416 -3.94 -52.91 -65.88
N ASP C 417 -2.74 -52.89 -65.24
CA ASP C 417 -1.53 -53.52 -65.74
C ASP C 417 -1.66 -55.03 -65.94
N HIS C 418 -2.19 -55.72 -64.92
CA HIS C 418 -2.25 -57.18 -64.91
C HIS C 418 -3.52 -57.84 -65.39
N THR C 419 -4.65 -57.10 -65.44
CA THR C 419 -5.94 -57.69 -65.77
C THR C 419 -6.78 -56.96 -66.83
N ALA C 420 -6.77 -55.61 -66.87
CA ALA C 420 -7.63 -54.87 -67.78
C ALA C 420 -7.00 -53.86 -68.75
N PRO C 421 -6.10 -54.29 -69.68
CA PRO C 421 -5.51 -53.33 -70.64
C PRO C 421 -6.54 -52.74 -71.63
N HIS C 422 -7.76 -53.33 -71.65
CA HIS C 422 -8.88 -52.90 -72.49
C HIS C 422 -9.54 -51.60 -72.01
N LEU C 423 -9.08 -51.10 -70.86
CA LEU C 423 -9.61 -49.87 -70.27
C LEU C 423 -8.61 -48.70 -70.35
N ASN C 424 -7.34 -48.99 -70.70
CA ASN C 424 -6.30 -47.97 -70.86
C ASN C 424 -6.71 -46.96 -71.93
N SER C 425 -7.50 -47.40 -72.92
CA SER C 425 -8.05 -46.55 -74.00
C SER C 425 -9.04 -45.50 -73.47
N ARG C 426 -9.67 -45.76 -72.29
CA ARG C 426 -10.62 -44.84 -71.64
C ARG C 426 -9.87 -43.74 -70.86
N ILE C 427 -8.53 -43.85 -70.72
CA ILE C 427 -7.70 -42.90 -69.95
C ILE C 427 -6.70 -42.26 -70.91
N LYS C 428 -7.17 -41.26 -71.67
CA LYS C 428 -6.42 -40.53 -72.72
C LYS C 428 -5.93 -39.15 -72.29
N ASP C 429 -6.71 -38.47 -71.44
CA ASP C 429 -6.45 -37.11 -70.96
C ASP C 429 -7.08 -36.90 -69.58
N MET C 430 -7.01 -35.69 -69.03
CA MET C 430 -7.62 -35.41 -67.72
C MET C 430 -9.14 -35.64 -67.67
N PRO C 431 -9.97 -35.11 -68.62
CA PRO C 431 -11.41 -35.35 -68.53
C PRO C 431 -11.80 -36.84 -68.56
N SER C 432 -11.22 -37.62 -69.50
CA SER C 432 -11.48 -39.07 -69.62
C SER C 432 -10.96 -39.88 -68.42
N ALA C 433 -9.91 -39.37 -67.73
CA ALA C 433 -9.32 -40.02 -66.54
C ALA C 433 -10.28 -39.85 -65.38
N CYS C 434 -10.85 -38.64 -65.21
CA CYS C 434 -11.79 -38.32 -64.14
C CYS C 434 -13.11 -39.05 -64.34
N ARG C 435 -13.56 -39.17 -65.60
CA ARG C 435 -14.79 -39.89 -65.94
C ARG C 435 -14.67 -41.37 -65.62
N PHE C 436 -13.52 -42.00 -65.97
CA PHE C 436 -13.24 -43.41 -65.71
C PHE C 436 -13.15 -43.69 -64.21
N LEU C 437 -12.35 -42.87 -63.48
CA LEU C 437 -12.15 -43.01 -62.05
C LEU C 437 -13.46 -42.80 -61.29
N ASP C 438 -14.29 -41.82 -61.72
CA ASP C 438 -15.60 -41.52 -61.11
C ASP C 438 -16.48 -42.76 -61.22
N SER C 439 -16.48 -43.41 -62.40
CA SER C 439 -17.25 -44.63 -62.65
C SER C 439 -16.72 -45.80 -61.81
N TYR C 440 -15.37 -45.96 -61.77
CA TYR C 440 -14.67 -47.01 -61.03
C TYR C 440 -14.98 -46.94 -59.55
N TRP C 441 -14.81 -45.74 -58.96
CA TRP C 441 -15.03 -45.48 -57.55
C TRP C 441 -16.49 -45.69 -57.08
N GLN C 442 -17.45 -45.61 -58.02
CA GLN C 442 -18.86 -45.84 -57.73
C GLN C 442 -19.24 -47.34 -57.86
N GLY C 443 -18.26 -48.17 -58.22
CA GLY C 443 -18.44 -49.60 -58.43
C GLY C 443 -19.17 -49.94 -59.71
N HIS C 444 -19.04 -49.09 -60.75
CA HIS C 444 -19.72 -49.28 -62.02
C HIS C 444 -18.90 -50.01 -63.09
N GLU C 445 -17.63 -50.37 -62.79
CA GLU C 445 -16.77 -51.08 -63.76
C GLU C 445 -16.66 -52.57 -63.42
N GLU C 446 -16.11 -53.38 -64.35
CA GLU C 446 -15.92 -54.82 -64.16
C GLU C 446 -14.80 -55.10 -63.16
N ILE C 447 -13.94 -54.11 -62.93
CA ILE C 447 -12.89 -54.12 -61.93
C ILE C 447 -13.37 -53.21 -60.80
N ARG C 448 -13.28 -53.70 -59.56
CA ARG C 448 -13.78 -52.95 -58.40
C ARG C 448 -12.82 -53.03 -57.21
N GLN C 449 -13.09 -52.23 -56.17
CA GLN C 449 -12.33 -52.24 -54.94
C GLN C 449 -13.08 -51.61 -53.79
N ILE C 450 -12.75 -52.04 -52.58
CA ILE C 450 -13.22 -51.48 -51.31
C ILE C 450 -11.93 -51.23 -50.56
N SER C 451 -11.68 -50.00 -50.16
CA SER C 451 -10.42 -49.70 -49.50
C SER C 451 -10.50 -48.61 -48.44
N LYS C 452 -9.50 -48.62 -47.56
CA LYS C 452 -9.23 -47.62 -46.54
C LYS C 452 -7.75 -47.73 -46.23
N SER C 453 -6.96 -46.70 -46.65
CA SER C 453 -5.51 -46.63 -46.50
C SER C 453 -4.86 -47.90 -47.08
N ASP C 454 -4.12 -48.65 -46.25
CA ASP C 454 -3.42 -49.89 -46.63
C ASP C 454 -4.26 -51.18 -46.51
N ASP C 455 -5.57 -51.07 -46.24
CA ASP C 455 -6.44 -52.24 -46.18
C ASP C 455 -7.38 -52.18 -47.36
N ALA C 456 -7.46 -53.27 -48.12
CA ALA C 456 -8.33 -53.32 -49.30
C ALA C 456 -8.68 -54.73 -49.70
N MET C 457 -9.72 -54.80 -50.53
CA MET C 457 -10.19 -56.01 -51.19
C MET C 457 -10.52 -55.61 -52.61
N LEU C 458 -9.86 -56.28 -53.56
CA LEU C 458 -9.97 -56.01 -55.00
C LEU C 458 -10.92 -56.99 -55.65
N GLY C 459 -11.88 -56.46 -56.43
CA GLY C 459 -12.90 -57.26 -57.08
C GLY C 459 -12.89 -57.33 -58.59
N TRP C 460 -13.41 -58.45 -59.12
CA TRP C 460 -13.55 -58.75 -60.54
C TRP C 460 -14.91 -59.39 -60.81
N THR C 461 -15.74 -58.75 -61.64
CA THR C 461 -17.04 -59.32 -62.03
C THR C 461 -16.77 -60.18 -63.27
N LYS C 462 -17.83 -60.71 -63.93
CA LYS C 462 -17.65 -61.47 -65.16
C LYS C 462 -17.22 -60.48 -66.24
N GLY C 463 -16.34 -60.93 -67.11
CA GLY C 463 -15.82 -60.10 -68.19
C GLY C 463 -14.40 -60.45 -68.58
N ARG C 464 -13.83 -59.61 -69.44
CA ARG C 464 -12.49 -59.77 -69.99
C ARG C 464 -11.36 -59.71 -68.96
N ALA C 465 -11.54 -58.91 -67.89
CA ALA C 465 -10.54 -58.76 -66.84
C ALA C 465 -10.48 -59.91 -65.85
N LEU C 466 -11.55 -60.73 -65.74
CA LEU C 466 -11.64 -61.84 -64.79
C LEU C 466 -10.49 -62.86 -64.88
N VAL C 467 -10.13 -63.29 -66.10
CA VAL C 467 -9.03 -64.23 -66.32
C VAL C 467 -7.70 -63.67 -65.79
N GLY C 468 -7.50 -62.35 -65.97
CA GLY C 468 -6.33 -61.61 -65.52
C GLY C 468 -6.25 -61.52 -64.00
N GLY C 469 -7.41 -61.34 -63.37
CA GLY C 469 -7.56 -61.26 -61.92
C GLY C 469 -7.06 -62.53 -61.28
N HIS C 470 -7.38 -63.69 -61.91
CA HIS C 470 -6.91 -64.99 -61.43
C HIS C 470 -5.39 -65.13 -61.65
N ARG C 471 -4.87 -64.57 -62.77
CA ARG C 471 -3.44 -64.58 -63.12
C ARG C 471 -2.64 -63.71 -62.14
N LEU C 472 -3.23 -62.58 -61.67
CA LEU C 472 -2.63 -61.66 -60.70
C LEU C 472 -2.54 -62.33 -59.31
N PHE C 473 -3.60 -63.07 -58.93
CA PHE C 473 -3.70 -63.84 -57.69
C PHE C 473 -2.60 -64.92 -57.74
N GLU C 474 -2.41 -65.50 -58.94
CA GLU C 474 -1.40 -66.51 -59.26
C GLU C 474 -0.10 -65.77 -59.69
N MET C 475 0.34 -64.85 -58.81
CA MET C 475 1.54 -64.04 -58.89
C MET C 475 1.75 -63.55 -57.48
N LEU C 476 0.64 -63.14 -56.81
CA LEU C 476 0.66 -62.75 -55.40
C LEU C 476 0.96 -64.00 -54.54
N LYS C 477 0.30 -65.14 -54.85
CA LYS C 477 0.53 -66.42 -54.17
C LYS C 477 2.00 -66.85 -54.32
N GLU C 478 2.60 -66.67 -55.52
CA GLU C 478 4.00 -67.02 -55.78
C GLU C 478 4.99 -66.14 -55.04
N GLY C 479 4.56 -64.92 -54.73
CA GLY C 479 5.33 -63.92 -53.99
C GLY C 479 6.76 -63.70 -54.45
N LYS C 480 7.01 -63.90 -55.76
CA LYS C 480 8.35 -63.76 -56.35
C LYS C 480 8.57 -62.41 -57.05
N VAL C 481 7.49 -61.80 -57.54
CA VAL C 481 7.51 -60.52 -58.26
C VAL C 481 6.47 -59.56 -57.68
N ASN C 482 6.89 -58.32 -57.38
CA ASN C 482 5.97 -57.31 -56.85
C ASN C 482 5.08 -56.82 -58.00
N PRO C 483 3.73 -56.88 -57.84
CA PRO C 483 2.84 -56.47 -58.94
C PRO C 483 2.71 -54.94 -59.14
N SER C 484 3.32 -54.15 -58.26
CA SER C 484 3.23 -52.70 -58.34
C SER C 484 4.60 -52.01 -58.37
N PRO C 485 4.76 -50.93 -59.17
CA PRO C 485 6.02 -50.16 -59.08
C PRO C 485 6.02 -49.17 -57.91
N TYR C 486 4.87 -48.94 -57.26
CA TYR C 486 4.67 -47.94 -56.21
C TYR C 486 4.88 -48.32 -54.77
N MET C 487 4.36 -49.49 -54.36
CA MET C 487 4.46 -49.99 -53.00
C MET C 487 4.72 -51.51 -53.02
N LYS C 488 5.12 -52.10 -51.87
CA LYS C 488 5.36 -53.54 -51.78
C LYS C 488 4.02 -54.21 -51.46
N ILE C 489 3.44 -54.86 -52.49
CA ILE C 489 2.13 -55.53 -52.39
C ILE C 489 2.30 -57.04 -52.39
N SER C 490 1.48 -57.70 -51.56
CA SER C 490 1.36 -59.15 -51.40
C SER C 490 -0.08 -59.44 -50.97
N TYR C 491 -0.44 -60.70 -50.85
CA TYR C 491 -1.78 -61.06 -50.44
C TYR C 491 -1.78 -61.19 -48.91
N GLU C 492 -2.90 -60.84 -48.25
CA GLU C 492 -3.06 -60.95 -46.79
C GLU C 492 -3.24 -62.43 -46.47
N HIS C 493 -2.35 -63.01 -45.61
CA HIS C 493 -2.45 -64.42 -45.23
C HIS C 493 -3.54 -64.58 -44.13
N GLY C 494 -4.78 -64.65 -44.61
CA GLY C 494 -5.98 -64.70 -43.81
C GLY C 494 -6.78 -63.44 -44.06
N GLY C 495 -7.43 -63.42 -45.22
CA GLY C 495 -8.24 -62.30 -45.70
C GLY C 495 -9.20 -61.65 -44.72
N ALA C 496 -9.05 -60.33 -44.56
CA ALA C 496 -9.92 -59.51 -43.72
C ALA C 496 -9.97 -58.07 -44.22
N PHE C 497 -11.09 -57.38 -43.94
CA PHE C 497 -11.25 -55.99 -44.32
C PHE C 497 -11.84 -55.20 -43.18
N LEU C 498 -11.04 -54.24 -42.66
CA LEU C 498 -11.38 -53.35 -41.57
C LEU C 498 -11.93 -54.12 -40.34
N GLY C 499 -11.15 -55.12 -39.90
CA GLY C 499 -11.45 -55.95 -38.73
C GLY C 499 -12.29 -57.20 -38.93
N ASP C 500 -13.07 -57.23 -40.04
CA ASP C 500 -13.95 -58.35 -40.36
C ASP C 500 -13.32 -59.34 -41.33
N ILE C 501 -13.27 -60.62 -40.98
CA ILE C 501 -12.68 -61.64 -41.84
C ILE C 501 -13.70 -62.12 -42.87
N LEU C 502 -13.28 -62.17 -44.15
CA LEU C 502 -14.14 -62.69 -45.20
C LEU C 502 -14.00 -64.22 -45.23
N LEU C 503 -15.02 -64.92 -44.67
CA LEU C 503 -15.10 -66.38 -44.55
C LEU C 503 -15.73 -67.08 -45.77
N TYR C 504 -14.91 -67.80 -46.55
CA TYR C 504 -15.35 -68.55 -47.70
C TYR C 504 -15.66 -69.99 -47.24
N ASP C 505 -16.54 -70.69 -47.97
CA ASP C 505 -16.88 -72.08 -47.68
C ASP C 505 -16.08 -73.02 -48.60
N SER C 506 -16.55 -74.26 -48.85
CA SER C 506 -15.89 -75.25 -49.72
C SER C 506 -15.66 -74.76 -51.16
N ARG C 507 -16.57 -73.91 -51.66
CA ARG C 507 -16.52 -73.35 -53.02
C ARG C 507 -15.40 -72.34 -53.23
N ARG C 508 -14.96 -71.65 -52.15
CA ARG C 508 -13.91 -70.61 -52.17
C ARG C 508 -14.22 -69.50 -53.20
N GLU C 509 -15.49 -69.03 -53.18
CA GLU C 509 -15.99 -67.99 -54.07
C GLU C 509 -16.63 -66.85 -53.25
N PRO C 510 -16.50 -65.58 -53.70
CA PRO C 510 -17.07 -64.45 -52.93
C PRO C 510 -18.57 -64.49 -52.65
N GLY C 511 -19.35 -65.01 -53.59
CA GLY C 511 -20.81 -65.11 -53.46
C GLY C 511 -21.28 -66.07 -52.39
N SER C 512 -20.45 -67.10 -52.08
CA SER C 512 -20.67 -68.14 -51.09
C SER C 512 -20.10 -67.77 -49.71
N ALA C 513 -19.28 -66.69 -49.68
CA ALA C 513 -18.57 -66.16 -48.52
C ALA C 513 -19.41 -65.23 -47.63
N ILE C 514 -18.93 -64.98 -46.39
CA ILE C 514 -19.59 -64.15 -45.37
C ILE C 514 -18.60 -63.33 -44.55
N PHE C 515 -19.02 -62.13 -44.09
CA PHE C 515 -18.20 -61.26 -43.26
C PHE C 515 -18.50 -61.48 -41.78
N VAL C 516 -17.51 -62.05 -41.08
CA VAL C 516 -17.55 -62.38 -39.65
C VAL C 516 -16.49 -61.60 -38.88
N GLY C 517 -16.78 -61.31 -37.61
CA GLY C 517 -15.84 -60.62 -36.73
C GLY C 517 -14.63 -61.48 -36.43
N ASN C 518 -13.52 -60.86 -36.01
CA ASN C 518 -12.30 -61.60 -35.67
C ASN C 518 -12.28 -61.97 -34.19
N ILE C 519 -12.38 -63.29 -33.85
CA ILE C 519 -12.37 -63.75 -32.44
C ILE C 519 -11.06 -63.42 -31.73
N ASN C 520 -9.94 -63.39 -32.48
CA ASN C 520 -8.64 -63.04 -31.93
C ASN C 520 -8.66 -61.60 -31.45
N SER C 521 -9.37 -60.70 -32.16
CA SER C 521 -9.52 -59.29 -31.77
C SER C 521 -10.30 -59.16 -30.47
N MET C 522 -11.29 -60.06 -30.23
CA MET C 522 -12.05 -60.06 -28.98
C MET C 522 -11.10 -60.33 -27.81
N LEU C 523 -10.25 -61.36 -27.94
CA LEU C 523 -9.24 -61.72 -26.95
C LEU C 523 -8.23 -60.59 -26.71
N ASN C 524 -7.75 -59.98 -27.82
CA ASN C 524 -6.83 -58.84 -27.77
C ASN C 524 -7.45 -57.73 -26.93
N ASN C 525 -8.69 -57.35 -27.25
CA ASN C 525 -9.39 -56.27 -26.57
C ASN C 525 -9.71 -56.60 -25.12
N GLN C 526 -10.13 -57.84 -24.84
CA GLN C 526 -10.47 -58.24 -23.48
C GLN C 526 -9.28 -58.43 -22.56
N PHE C 527 -8.22 -59.12 -23.01
CA PHE C 527 -7.08 -59.46 -22.14
C PHE C 527 -5.78 -58.72 -22.38
N SER C 528 -5.67 -58.00 -23.50
CA SER C 528 -4.47 -57.21 -23.80
C SER C 528 -4.86 -55.79 -24.25
N PRO C 529 -5.56 -54.98 -23.41
CA PRO C 529 -5.88 -53.61 -23.85
C PRO C 529 -4.61 -52.77 -24.01
N GLU C 530 -4.63 -51.76 -24.89
CA GLU C 530 -3.45 -50.91 -25.12
C GLU C 530 -3.15 -50.06 -23.90
N TYR C 531 -4.20 -49.60 -23.22
CA TYR C 531 -4.06 -48.74 -22.05
C TYR C 531 -4.68 -49.38 -20.81
N GLY C 532 -4.25 -48.92 -19.63
CA GLY C 532 -4.79 -49.40 -18.36
C GLY C 532 -6.14 -48.76 -18.11
N VAL C 533 -6.82 -49.12 -17.01
CA VAL C 533 -8.13 -48.54 -16.72
C VAL C 533 -8.14 -47.05 -16.35
N GLN C 534 -6.97 -46.48 -15.96
CA GLN C 534 -6.76 -45.07 -15.53
C GLN C 534 -7.76 -44.72 -14.41
N SER C 535 -7.83 -45.56 -13.36
CA SER C 535 -8.76 -45.39 -12.25
C SER C 535 -8.70 -44.02 -11.54
N GLY C 536 -7.54 -43.36 -11.64
CA GLY C 536 -7.30 -42.04 -11.05
C GLY C 536 -7.86 -40.87 -11.85
N VAL C 537 -8.16 -41.10 -13.14
CA VAL C 537 -8.71 -40.07 -14.03
C VAL C 537 -10.23 -40.07 -13.82
N ARG C 538 -10.73 -39.04 -13.09
CA ARG C 538 -12.14 -38.86 -12.74
C ARG C 538 -13.05 -38.79 -13.97
N ASP C 539 -12.70 -37.95 -14.96
CA ASP C 539 -13.46 -37.82 -16.21
C ASP C 539 -13.19 -39.03 -17.10
N ARG C 540 -14.20 -39.48 -17.87
CA ARG C 540 -14.06 -40.64 -18.75
C ARG C 540 -14.03 -40.33 -20.25
N SER C 541 -14.75 -39.28 -20.71
CA SER C 541 -14.83 -38.85 -22.13
C SER C 541 -13.46 -38.61 -22.78
N LYS C 542 -12.51 -38.05 -22.00
CA LYS C 542 -11.12 -37.70 -22.32
C LYS C 542 -10.15 -38.89 -22.15
N ARG C 543 -10.51 -39.86 -21.24
CA ARG C 543 -9.78 -41.08 -20.84
C ARG C 543 -9.60 -42.04 -22.03
N LYS C 544 -8.58 -42.94 -21.99
CA LYS C 544 -8.33 -43.84 -23.13
C LYS C 544 -9.34 -44.96 -23.23
N ARG C 545 -9.82 -45.44 -22.08
CA ARG C 545 -10.84 -46.49 -21.98
C ARG C 545 -11.97 -45.94 -21.12
N PRO C 546 -12.81 -45.08 -21.76
CA PRO C 546 -13.89 -44.42 -21.03
C PRO C 546 -14.77 -45.40 -20.28
N PHE C 547 -15.33 -46.38 -20.99
CA PHE C 547 -16.22 -47.37 -20.38
C PHE C 547 -15.78 -48.85 -20.65
N PRO C 548 -14.85 -49.43 -19.84
CA PRO C 548 -14.42 -50.82 -20.08
C PRO C 548 -15.49 -51.92 -19.92
N GLY C 549 -16.37 -51.78 -18.92
CA GLY C 549 -17.46 -52.73 -18.67
C GLY C 549 -18.46 -52.87 -19.82
N LEU C 550 -18.68 -51.77 -20.58
CA LEU C 550 -19.57 -51.69 -21.74
C LEU C 550 -19.27 -52.67 -22.87
N ALA C 551 -17.99 -53.02 -23.09
CA ALA C 551 -17.55 -53.94 -24.15
C ALA C 551 -18.36 -55.23 -24.18
N TRP C 552 -18.88 -55.61 -22.99
CA TRP C 552 -19.70 -56.78 -22.78
C TRP C 552 -21.04 -56.64 -23.51
N ALA C 553 -21.82 -55.58 -23.21
CA ALA C 553 -23.15 -55.27 -23.77
C ALA C 553 -23.35 -55.81 -25.19
N SER C 554 -22.57 -55.30 -26.16
CA SER C 554 -22.65 -55.79 -27.53
C SER C 554 -21.36 -56.49 -27.97
N MET C 555 -21.11 -57.63 -27.31
CA MET C 555 -20.02 -58.57 -27.55
C MET C 555 -20.60 -59.57 -28.56
N LYS C 556 -21.87 -60.01 -28.32
CA LYS C 556 -22.64 -60.92 -29.17
C LYS C 556 -22.84 -60.28 -30.54
N ASP C 557 -23.29 -59.01 -30.57
CA ASP C 557 -23.55 -58.20 -31.76
C ASP C 557 -22.32 -58.09 -32.66
N THR C 558 -21.13 -58.07 -32.04
CA THR C 558 -19.83 -57.94 -32.69
C THR C 558 -19.23 -59.30 -33.12
N TYR C 559 -18.93 -60.17 -32.13
CA TYR C 559 -18.24 -61.45 -32.33
C TYR C 559 -19.08 -62.71 -32.51
N GLY C 560 -20.37 -62.65 -32.15
CA GLY C 560 -21.32 -63.76 -32.22
C GLY C 560 -21.32 -64.62 -33.47
N ALA C 561 -21.01 -64.01 -34.62
CA ALA C 561 -20.95 -64.67 -35.93
C ALA C 561 -19.70 -65.54 -36.14
N CYS C 562 -18.69 -65.43 -35.25
CA CYS C 562 -17.50 -66.27 -35.39
C CYS C 562 -17.86 -67.73 -35.10
N PRO C 563 -17.48 -68.68 -36.00
CA PRO C 563 -17.82 -70.09 -35.76
C PRO C 563 -17.50 -70.65 -34.37
N ILE C 564 -16.40 -70.18 -33.75
CA ILE C 564 -15.95 -70.66 -32.46
C ILE C 564 -16.25 -69.73 -31.26
N TYR C 565 -17.21 -68.78 -31.43
CA TYR C 565 -17.62 -67.81 -30.39
C TYR C 565 -17.95 -68.43 -29.01
N SER C 566 -18.82 -69.45 -28.97
CA SER C 566 -19.22 -70.17 -27.75
C SER C 566 -18.06 -70.95 -27.13
N ASP C 567 -17.28 -71.64 -27.98
CA ASP C 567 -16.11 -72.43 -27.59
C ASP C 567 -15.09 -71.60 -26.82
N VAL C 568 -14.82 -70.37 -27.31
CA VAL C 568 -13.88 -69.41 -26.73
C VAL C 568 -14.39 -68.93 -25.37
N LEU C 569 -15.69 -68.55 -25.28
CA LEU C 569 -16.27 -68.09 -24.03
C LEU C 569 -16.23 -69.16 -22.94
N GLU C 570 -16.45 -70.44 -23.32
CA GLU C 570 -16.39 -71.57 -22.39
C GLU C 570 -14.95 -71.82 -21.95
N ALA C 571 -13.98 -71.71 -22.90
CA ALA C 571 -12.55 -71.88 -22.61
C ALA C 571 -12.08 -70.79 -21.65
N ILE C 572 -12.56 -69.53 -21.86
CA ILE C 572 -12.24 -68.41 -20.97
C ILE C 572 -12.75 -68.73 -19.56
N GLU C 573 -14.04 -69.12 -19.44
CA GLU C 573 -14.69 -69.45 -18.18
C GLU C 573 -13.92 -70.51 -17.40
N ARG C 574 -13.55 -71.60 -18.10
CA ARG C 574 -12.81 -72.73 -17.53
C ARG C 574 -11.42 -72.28 -17.02
N CYS C 575 -10.66 -71.55 -17.87
CA CYS C 575 -9.32 -71.06 -17.53
C CYS C 575 -9.32 -70.01 -16.41
N TRP C 576 -10.34 -69.14 -16.38
CA TRP C 576 -10.48 -68.10 -15.35
C TRP C 576 -10.82 -68.75 -14.02
N TRP C 577 -11.67 -69.82 -14.03
CA TRP C 577 -12.00 -70.59 -12.82
C TRP C 577 -10.72 -71.20 -12.26
N ASN C 578 -9.88 -71.80 -13.12
CA ASN C 578 -8.62 -72.43 -12.74
C ASN C 578 -7.64 -71.44 -12.10
N ALA C 579 -7.54 -70.23 -12.70
CA ALA C 579 -6.63 -69.18 -12.27
C ALA C 579 -7.09 -68.33 -11.07
N PHE C 580 -8.38 -67.93 -11.03
CA PHE C 580 -8.90 -67.04 -9.98
C PHE C 580 -9.91 -67.65 -9.02
N GLY C 581 -10.51 -68.77 -9.40
CA GLY C 581 -11.57 -69.41 -8.61
C GLY C 581 -12.81 -68.52 -8.63
N GLU C 582 -13.08 -67.93 -9.79
CA GLU C 582 -14.14 -66.96 -10.02
C GLU C 582 -14.77 -67.23 -11.40
N SER C 583 -16.06 -66.86 -11.54
CA SER C 583 -16.74 -66.94 -12.83
C SER C 583 -16.38 -65.66 -13.61
N TYR C 584 -15.75 -65.80 -14.78
CA TYR C 584 -15.40 -64.65 -15.59
C TYR C 584 -16.67 -63.94 -16.07
N ARG C 585 -17.67 -64.71 -16.53
CA ARG C 585 -18.95 -64.19 -17.00
C ARG C 585 -19.61 -63.30 -15.92
N ALA C 586 -19.67 -63.80 -14.65
CA ALA C 586 -20.24 -63.05 -13.54
C ALA C 586 -19.44 -61.78 -13.23
N TYR C 587 -18.11 -61.88 -13.33
CA TYR C 587 -17.17 -60.77 -13.12
C TYR C 587 -17.44 -59.65 -14.12
N ARG C 588 -17.64 -60.01 -15.39
CA ARG C 588 -17.93 -59.06 -16.45
C ARG C 588 -19.34 -58.51 -16.38
N GLU C 589 -20.31 -59.31 -15.90
CA GLU C 589 -21.69 -58.86 -15.72
C GLU C 589 -21.73 -57.78 -14.63
N ASP C 590 -20.94 -57.95 -13.55
CA ASP C 590 -20.85 -56.96 -12.46
C ASP C 590 -20.24 -55.65 -13.00
N MET C 591 -19.14 -55.76 -13.78
CA MET C 591 -18.45 -54.62 -14.39
C MET C 591 -19.38 -53.89 -15.36
N LEU C 592 -20.16 -54.66 -16.15
CA LEU C 592 -21.14 -54.11 -17.10
C LEU C 592 -22.20 -53.31 -16.37
N LYS C 593 -22.72 -53.84 -15.24
CA LYS C 593 -23.72 -53.15 -14.42
C LYS C 593 -23.17 -51.83 -13.90
N ARG C 594 -21.96 -51.85 -13.30
CA ARG C 594 -21.30 -50.65 -12.75
C ARG C 594 -21.09 -49.57 -13.83
N ASP C 595 -20.56 -49.97 -15.02
CA ASP C 595 -20.29 -49.12 -16.19
C ASP C 595 -21.55 -48.58 -16.88
N THR C 596 -22.70 -49.29 -16.76
CA THR C 596 -23.98 -48.84 -17.31
C THR C 596 -24.54 -47.73 -16.42
N LEU C 597 -24.42 -47.89 -15.09
CA LEU C 597 -24.87 -46.91 -14.09
C LEU C 597 -24.13 -45.57 -14.22
N GLU C 598 -22.83 -45.59 -14.55
CA GLU C 598 -22.07 -44.35 -14.69
C GLU C 598 -22.33 -43.60 -16.01
N LEU C 599 -22.41 -44.35 -17.14
CA LEU C 599 -22.64 -43.88 -18.52
C LEU C 599 -23.77 -42.84 -18.67
N SER C 600 -24.89 -43.04 -17.94
CA SER C 600 -26.11 -42.21 -17.94
C SER C 600 -25.92 -40.67 -17.92
N ARG C 601 -24.90 -40.17 -17.18
CA ARG C 601 -24.59 -38.74 -17.03
C ARG C 601 -24.09 -38.05 -18.32
N TYR C 602 -23.33 -38.79 -19.17
CA TYR C 602 -22.74 -38.27 -20.42
C TYR C 602 -23.60 -38.43 -21.69
N VAL C 603 -24.66 -39.28 -21.66
CA VAL C 603 -25.57 -39.52 -22.80
C VAL C 603 -26.49 -38.30 -23.01
N ALA C 604 -26.99 -37.72 -21.90
CA ALA C 604 -27.90 -36.56 -21.78
C ALA C 604 -29.29 -36.81 -22.39
N SER C 605 -29.34 -37.36 -23.62
CA SER C 605 -30.57 -37.70 -24.33
C SER C 605 -31.28 -38.91 -23.70
N MET C 606 -30.49 -39.79 -23.04
CA MET C 606 -30.99 -40.99 -22.37
C MET C 606 -30.41 -41.13 -20.95
N ALA C 607 -31.25 -41.56 -19.99
CA ALA C 607 -30.87 -41.76 -18.59
C ALA C 607 -31.26 -43.15 -18.11
N THR C 616 -26.48 -50.27 -30.60
CA THR C 616 -25.68 -50.42 -31.83
C THR C 616 -24.29 -51.06 -31.59
N PRO C 617 -23.71 -51.85 -32.55
CA PRO C 617 -22.41 -52.52 -32.27
C PRO C 617 -21.13 -51.71 -32.48
N ILE C 618 -21.07 -50.90 -33.56
CA ILE C 618 -19.91 -50.08 -33.95
C ILE C 618 -19.53 -49.09 -32.84
N ASP C 619 -20.51 -48.32 -32.34
CA ASP C 619 -20.34 -47.33 -31.27
C ASP C 619 -20.16 -47.97 -29.86
N LEU C 620 -20.47 -49.27 -29.71
CA LEU C 620 -20.29 -49.99 -28.44
C LEU C 620 -18.78 -50.29 -28.25
N GLU C 621 -18.10 -50.69 -29.35
CA GLU C 621 -16.65 -50.95 -29.41
C GLU C 621 -15.88 -49.62 -29.36
N VAL C 622 -16.49 -48.52 -29.87
CA VAL C 622 -15.95 -47.15 -29.88
C VAL C 622 -16.04 -46.55 -28.45
N LEU C 623 -17.14 -46.84 -27.69
CA LEU C 623 -17.31 -46.38 -26.32
C LEU C 623 -16.26 -47.06 -25.44
N ALA C 624 -16.12 -48.39 -25.59
CA ALA C 624 -15.15 -49.21 -24.86
C ALA C 624 -13.71 -48.95 -25.30
N ASP C 625 -13.49 -48.81 -26.63
CA ASP C 625 -12.19 -48.62 -27.27
C ASP C 625 -12.26 -47.50 -28.35
N PRO C 626 -12.02 -46.20 -28.00
CA PRO C 626 -12.10 -45.11 -29.01
C PRO C 626 -11.18 -45.15 -30.25
N ASN C 627 -10.20 -46.08 -30.30
CA ASN C 627 -9.27 -46.24 -31.44
C ASN C 627 -10.00 -46.82 -32.64
N LYS C 628 -11.14 -47.49 -32.40
CA LYS C 628 -12.00 -48.09 -33.44
C LYS C 628 -12.52 -47.03 -34.45
N LEU C 629 -12.21 -45.74 -34.19
CA LEU C 629 -12.51 -44.61 -35.06
C LEU C 629 -11.44 -44.48 -36.19
N GLN C 630 -10.27 -45.14 -36.01
CA GLN C 630 -9.15 -45.24 -36.98
C GLN C 630 -8.92 -46.72 -37.38
N TYR C 631 -8.02 -46.96 -38.36
CA TYR C 631 -7.63 -48.28 -38.90
C TYR C 631 -8.77 -49.31 -39.01
N VAL C 645 -19.90 -37.05 -27.01
CA VAL C 645 -19.16 -37.61 -25.87
C VAL C 645 -17.66 -37.51 -26.14
N LEU C 646 -17.25 -37.84 -27.37
CA LEU C 646 -15.85 -37.87 -27.77
C LEU C 646 -15.31 -36.61 -28.46
N MET C 647 -16.18 -35.77 -29.09
CA MET C 647 -15.76 -34.54 -29.81
C MET C 647 -16.73 -33.34 -29.84
N HIS C 648 -16.17 -32.10 -29.81
CA HIS C 648 -16.87 -30.80 -29.89
C HIS C 648 -16.08 -29.88 -30.87
N GLY C 649 -16.80 -29.11 -31.68
CA GLY C 649 -16.17 -28.27 -32.69
C GLY C 649 -16.26 -26.75 -32.63
N VAL C 650 -15.72 -26.13 -33.70
CA VAL C 650 -15.63 -24.71 -34.03
C VAL C 650 -16.84 -24.44 -34.94
N SER C 651 -17.53 -23.30 -34.80
CA SER C 651 -18.74 -22.99 -35.60
C SER C 651 -18.55 -23.09 -37.10
N VAL C 652 -19.61 -23.55 -37.81
CA VAL C 652 -19.62 -23.66 -39.27
C VAL C 652 -19.51 -22.27 -39.93
N GLU C 653 -19.86 -21.19 -39.21
CA GLU C 653 -19.78 -19.81 -39.68
C GLU C 653 -18.32 -19.40 -39.91
N LYS C 654 -17.42 -19.76 -38.96
CA LYS C 654 -15.98 -19.49 -39.02
C LYS C 654 -15.31 -20.39 -40.07
N THR C 655 -15.73 -21.67 -40.17
CA THR C 655 -15.14 -22.61 -41.14
C THR C 655 -15.61 -22.30 -42.55
N GLU C 656 -16.90 -21.88 -42.71
CA GLU C 656 -17.50 -21.51 -43.99
C GLU C 656 -16.71 -20.36 -44.63
N ARG C 657 -16.38 -19.33 -43.83
CA ARG C 657 -15.61 -18.15 -44.24
C ARG C 657 -14.18 -18.58 -44.63
N PHE C 658 -13.59 -19.52 -43.85
CA PHE C 658 -12.26 -20.04 -44.11
C PHE C 658 -12.21 -20.81 -45.44
N LEU C 659 -13.11 -21.81 -45.63
CA LEU C 659 -13.20 -22.64 -46.83
C LEU C 659 -13.38 -21.83 -48.11
N ARG C 660 -14.21 -20.77 -48.09
CA ARG C 660 -14.46 -19.92 -49.26
C ARG C 660 -13.20 -19.19 -49.74
N SER C 661 -12.24 -18.93 -48.83
CA SER C 661 -10.95 -18.31 -49.13
C SER C 661 -9.92 -19.31 -49.68
N VAL C 662 -10.10 -20.62 -49.40
CA VAL C 662 -9.19 -21.72 -49.79
C VAL C 662 -9.52 -22.25 -51.16
N MET C 663 -10.78 -22.60 -51.33
CA MET C 663 -11.35 -23.26 -52.46
C MET C 663 -11.42 -22.48 -53.76
N PRO C 664 -11.43 -23.23 -54.90
CA PRO C 664 -11.55 -22.57 -56.20
C PRO C 664 -12.84 -21.78 -56.25
N ARG C 665 -12.69 -20.51 -56.66
CA ARG C 665 -13.70 -19.47 -56.78
C ARG C 665 -15.01 -19.90 -57.48
MG MG G . 1.30 0.74 -9.56
PG ATP H . -4.36 -4.48 -1.92
O1G ATP H . -4.60 -2.98 -1.90
O2G ATP H . -3.56 -4.84 -3.16
O3G ATP H . -3.54 -4.86 -0.70
PB ATP H . -6.11 -6.63 -2.57
O1B ATP H . -5.51 -6.73 -4.00
O2B ATP H . -7.64 -6.81 -2.66
O3B ATP H . -5.76 -5.22 -1.97
PA ATP H . -5.08 -9.27 -1.96
O1A ATP H . -4.05 -9.80 -0.95
O2A ATP H . -6.34 -10.18 -1.89
O3A ATP H . -5.46 -7.76 -1.65
O5' ATP H . -4.45 -9.30 -3.45
MG MG I . -3.60 -6.73 -5.41
MG MG J . 2.87 46.47 46.59
PG ATP K . -4.32 38.28 45.00
O1G ATP K . -2.84 37.90 45.19
O2G ATP K . -4.60 39.64 45.64
O3G ATP K . -4.65 38.32 43.52
PB ATP K . -5.50 37.06 47.27
O1B ATP K . -5.30 38.44 47.98
O2B ATP K . -4.53 36.07 47.92
O3B ATP K . -5.21 37.21 45.72
PA ATP K . -8.34 37.23 47.59
O1A ATP K . -8.43 38.39 46.56
O2A ATP K . -9.53 36.28 47.35
O3A ATP K . -6.97 36.46 47.45
O5' ATP K . -8.47 37.75 49.11
PG ATP L . 1.42 -56.65 -41.33
O1G ATP L . 1.12 -55.77 -42.53
O2G ATP L . 1.15 -55.89 -40.03
O3G ATP L . 0.55 -57.90 -41.38
PB ATP L . 4.19 -56.13 -41.18
O1B ATP L . 3.88 -55.27 -39.93
O2B ATP L . 4.39 -55.21 -42.41
O3B ATP L . 2.93 -57.07 -41.40
PA ATP L . 6.37 -57.77 -42.02
O1A ATP L . 7.58 -58.46 -41.35
O2A ATP L . 5.54 -58.87 -42.71
O3A ATP L . 5.48 -57.02 -40.95
O5' ATP L . 6.87 -56.67 -43.09
#